data_6OGV
# 
_entry.id   6OGV 
# 
_audit_conform.dict_name       mmcif_pdbx.dic 
_audit_conform.dict_version    5.380 
_audit_conform.dict_location   http://mmcif.pdb.org/dictionaries/ascii/mmcif_pdbx.dic 
# 
loop_
_database_2.database_id 
_database_2.database_code 
_database_2.pdbx_database_accession 
_database_2.pdbx_DOI 
PDB   6OGV         pdb_00006ogv 10.2210/pdb6ogv/pdb 
WWPDB D_1000240301 ?            ?                   
# 
_pdbx_database_status.status_code                     REL 
_pdbx_database_status.status_code_sf                  REL 
_pdbx_database_status.status_code_mr                  ? 
_pdbx_database_status.entry_id                        6OGV 
_pdbx_database_status.recvd_initial_deposition_date   2019-04-03 
_pdbx_database_status.SG_entry                        N 
_pdbx_database_status.deposit_site                    RCSB 
_pdbx_database_status.process_site                    RCSB 
_pdbx_database_status.status_code_cs                  ? 
_pdbx_database_status.methods_development_category    ? 
_pdbx_database_status.pdb_format_compatible           Y 
_pdbx_database_status.status_code_nmr_data            ? 
# 
loop_
_audit_author.name 
_audit_author.pdbx_ordinal 
_audit_author.identifier_ORCID 
'Bulut, H.'      1 0000-0003-0262-6296 
'Hattori, S.I.'  2 ?                   
'Aoki-Ogata, H.' 3 ?                   
'Hayashi, H.'    4 ?                   
'Aoki, M.'       5 ?                   
'Ghosh, A.K.'    6 ?                   
'Mitsuya, H.'    7 ?                   
# 
_citation.abstract                  ? 
_citation.abstract_id_CAS           ? 
_citation.book_id_ISBN              ? 
_citation.book_publisher            ? 
_citation.book_publisher_city       ? 
_citation.book_title                ? 
_citation.coordinate_linkage        ? 
_citation.country                   ? 
_citation.database_id_Medline       ? 
_citation.details                   ? 
_citation.id                        primary 
_citation.journal_abbrev            'To Be Published' 
_citation.journal_id_ASTM           ? 
_citation.journal_id_CSD            0353 
_citation.journal_id_ISSN           ? 
_citation.journal_full              ? 
_citation.journal_issue             ? 
_citation.journal_volume            ? 
_citation.language                  ? 
_citation.page_first                ? 
_citation.page_last                 ? 
_citation.title                     
;Novel HIV-1 protease inhibitors, GRL-142 and its analogs, markedly adapt to the structural plasticity of HIV-1 protease and exerts extreme potency with high genetic barrier
;
_citation.year                      ? 
_citation.database_id_CSD           ? 
_citation.pdbx_database_id_DOI      ? 
_citation.pdbx_database_id_PubMed   ? 
_citation.unpublished_flag          ? 
# 
loop_
_citation_author.citation_id 
_citation_author.name 
_citation_author.ordinal 
_citation_author.identifier_ORCID 
primary 'Bulut, H.'      1 ? 
primary 'Hattori, S.I.'  2 ? 
primary 'Aoki-Ogata, H.' 3 ? 
primary 'Hayashi, H.'    4 ? 
primary 'Aoki, M.'       5 ? 
primary 'Ghosh, A.K.'    6 ? 
primary 'Mitsuya, H.'    7 ? 
# 
_cell.angle_alpha                  90.00 
_cell.angle_alpha_esd              ? 
_cell.angle_beta                   90.00 
_cell.angle_beta_esd               ? 
_cell.angle_gamma                  90.00 
_cell.angle_gamma_esd              ? 
_cell.entry_id                     6OGV 
_cell.details                      ? 
_cell.formula_units_Z              ? 
_cell.length_a                     46.621 
_cell.length_a_esd                 ? 
_cell.length_b                     46.621 
_cell.length_b_esd                 ? 
_cell.length_c                     100.670 
_cell.length_c_esd                 ? 
_cell.volume                       ? 
_cell.volume_esd                   ? 
_cell.Z_PDB                        8 
_cell.reciprocal_angle_alpha       ? 
_cell.reciprocal_angle_beta        ? 
_cell.reciprocal_angle_gamma       ? 
_cell.reciprocal_angle_alpha_esd   ? 
_cell.reciprocal_angle_beta_esd    ? 
_cell.reciprocal_angle_gamma_esd   ? 
_cell.reciprocal_length_a          ? 
_cell.reciprocal_length_b          ? 
_cell.reciprocal_length_c          ? 
_cell.reciprocal_length_a_esd      ? 
_cell.reciprocal_length_b_esd      ? 
_cell.reciprocal_length_c_esd      ? 
_cell.pdbx_unique_axis             ? 
# 
_symmetry.entry_id                         6OGV 
_symmetry.cell_setting                     ? 
_symmetry.Int_Tables_number                92 
_symmetry.space_group_name_Hall            ? 
_symmetry.space_group_name_H-M             'P 41 21 2' 
_symmetry.pdbx_full_space_group_name_H-M   ? 
# 
loop_
_entity.id 
_entity.type 
_entity.src_method 
_entity.pdbx_description 
_entity.formula_weight 
_entity.pdbx_number_of_molecules 
_entity.pdbx_ec 
_entity.pdbx_mutation 
_entity.pdbx_fragment 
_entity.details 
1 polymer man Protease 10781.583 1  ? ? ? ? 
2 water   nat water    18.015    26 ? ? ? ? 
# 
_entity_poly.entity_id                      1 
_entity_poly.type                           'polypeptide(L)' 
_entity_poly.nstd_linkage                   no 
_entity_poly.nstd_monomer                   no 
_entity_poly.pdbx_seq_one_letter_code       
;PQITLWQRPIVTIKVGGQLREALIDTGADDTILEEINLPGRWKPKLIGGIGGFIKVRQYDQIPIEICGHQAIGTVLVGPT
PANVIGRNMLTQIGCTLNF
;
_entity_poly.pdbx_seq_one_letter_code_can   
;PQITLWQRPIVTIKVGGQLREALIDTGADDTILEEINLPGRWKPKLIGGIGGFIKVRQYDQIPIEICGHQAIGTVLVGPT
PANVIGRNMLTQIGCTLNF
;
_entity_poly.pdbx_strand_id                 A 
_entity_poly.pdbx_target_identifier         ? 
# 
loop_
_entity_poly_seq.entity_id 
_entity_poly_seq.num 
_entity_poly_seq.mon_id 
_entity_poly_seq.hetero 
1 1  PRO n 
1 2  GLN n 
1 3  ILE n 
1 4  THR n 
1 5  LEU n 
1 6  TRP n 
1 7  GLN n 
1 8  ARG n 
1 9  PRO n 
1 10 ILE n 
1 11 VAL n 
1 12 THR n 
1 13 ILE n 
1 14 LYS n 
1 15 VAL n 
1 16 GLY n 
1 17 GLY n 
1 18 GLN n 
1 19 LEU n 
1 20 ARG n 
1 21 GLU n 
1 22 ALA n 
1 23 LEU n 
1 24 ILE n 
1 25 ASP n 
1 26 THR n 
1 27 GLY n 
1 28 ALA n 
1 29 ASP n 
1 30 ASP n 
1 31 THR n 
1 32 ILE n 
1 33 LEU n 
1 34 GLU n 
1 35 GLU n 
1 36 ILE n 
1 37 ASN n 
1 38 LEU n 
1 39 PRO n 
1 40 GLY n 
1 41 ARG n 
1 42 TRP n 
1 43 LYS n 
1 44 PRO n 
1 45 LYS n 
1 46 LEU n 
1 47 ILE n 
1 48 GLY n 
1 49 GLY n 
1 50 ILE n 
1 51 GLY n 
1 52 GLY n 
1 53 PHE n 
1 54 ILE n 
1 55 LYS n 
1 56 VAL n 
1 57 ARG n 
1 58 GLN n 
1 59 TYR n 
1 60 ASP n 
1 61 GLN n 
1 62 ILE n 
1 63 PRO n 
1 64 ILE n 
1 65 GLU n 
1 66 ILE n 
1 67 CYS n 
1 68 GLY n 
1 69 HIS n 
1 70 GLN n 
1 71 ALA n 
1 72 ILE n 
1 73 GLY n 
1 74 THR n 
1 75 VAL n 
1 76 LEU n 
1 77 VAL n 
1 78 GLY n 
1 79 PRO n 
1 80 THR n 
1 81 PRO n 
1 82 ALA n 
1 83 ASN n 
1 84 VAL n 
1 85 ILE n 
1 86 GLY n 
1 87 ARG n 
1 88 ASN n 
1 89 MET n 
1 90 LEU n 
1 91 THR n 
1 92 GLN n 
1 93 ILE n 
1 94 GLY n 
1 95 CYS n 
1 96 THR n 
1 97 LEU n 
1 98 ASN n 
1 99 PHE n 
# 
_entity_src_gen.entity_id                          1 
_entity_src_gen.pdbx_src_id                        1 
_entity_src_gen.pdbx_alt_source_flag               sample 
_entity_src_gen.pdbx_seq_type                      'Biological sequence' 
_entity_src_gen.pdbx_beg_seq_num                   1 
_entity_src_gen.pdbx_end_seq_num                   99 
_entity_src_gen.gene_src_common_name               ? 
_entity_src_gen.gene_src_genus                     ? 
_entity_src_gen.pdbx_gene_src_gene                 pol 
_entity_src_gen.gene_src_species                   ? 
_entity_src_gen.gene_src_strain                    ? 
_entity_src_gen.gene_src_tissue                    ? 
_entity_src_gen.gene_src_tissue_fraction           ? 
_entity_src_gen.gene_src_details                   ? 
_entity_src_gen.pdbx_gene_src_fragment             ? 
_entity_src_gen.pdbx_gene_src_scientific_name      'Human immunodeficiency virus 1' 
_entity_src_gen.pdbx_gene_src_ncbi_taxonomy_id     11676 
_entity_src_gen.pdbx_gene_src_variant              ? 
_entity_src_gen.pdbx_gene_src_cell_line            ? 
_entity_src_gen.pdbx_gene_src_atcc                 ? 
_entity_src_gen.pdbx_gene_src_organ                ? 
_entity_src_gen.pdbx_gene_src_organelle            ? 
_entity_src_gen.pdbx_gene_src_cell                 ? 
_entity_src_gen.pdbx_gene_src_cellular_location    ? 
_entity_src_gen.host_org_common_name               ? 
_entity_src_gen.pdbx_host_org_scientific_name      'Escherichia coli' 
_entity_src_gen.pdbx_host_org_ncbi_taxonomy_id     562 
_entity_src_gen.host_org_genus                     ? 
_entity_src_gen.pdbx_host_org_gene                 ? 
_entity_src_gen.pdbx_host_org_organ                ? 
_entity_src_gen.host_org_species                   ? 
_entity_src_gen.pdbx_host_org_tissue               ? 
_entity_src_gen.pdbx_host_org_tissue_fraction      ? 
_entity_src_gen.pdbx_host_org_strain               ? 
_entity_src_gen.pdbx_host_org_variant              ? 
_entity_src_gen.pdbx_host_org_cell_line            ? 
_entity_src_gen.pdbx_host_org_atcc                 ? 
_entity_src_gen.pdbx_host_org_culture_collection   ? 
_entity_src_gen.pdbx_host_org_cell                 ? 
_entity_src_gen.pdbx_host_org_organelle            ? 
_entity_src_gen.pdbx_host_org_cellular_location    ? 
_entity_src_gen.pdbx_host_org_vector_type          ? 
_entity_src_gen.pdbx_host_org_vector               ? 
_entity_src_gen.host_org_details                   ? 
_entity_src_gen.expression_system_id               ? 
_entity_src_gen.plasmid_name                       ? 
_entity_src_gen.plasmid_details                    ? 
_entity_src_gen.pdbx_description                   ? 
# 
_struct_ref.id                         1 
_struct_ref.db_name                    UNP 
_struct_ref.db_code                    O38885_9HIV1 
_struct_ref.pdbx_db_accession          O38885 
_struct_ref.pdbx_db_isoform            ? 
_struct_ref.entity_id                  1 
_struct_ref.pdbx_seq_one_letter_code   
;PQITLWQRPIVTIKVGGQLREALIDTGADDTVLEEINLPGRWKPKLIGGIGGFVKVRQYDQIPIEICGHQAIGTVLVGPT
PANIIGRNMLTQIGCTLNF
;
_struct_ref.pdbx_align_begin           1 
# 
_struct_ref_seq.align_id                      1 
_struct_ref_seq.ref_id                        1 
_struct_ref_seq.pdbx_PDB_id_code              6OGV 
_struct_ref_seq.pdbx_strand_id                A 
_struct_ref_seq.seq_align_beg                 1 
_struct_ref_seq.pdbx_seq_align_beg_ins_code   ? 
_struct_ref_seq.seq_align_end                 99 
_struct_ref_seq.pdbx_seq_align_end_ins_code   ? 
_struct_ref_seq.pdbx_db_accession             O38885 
_struct_ref_seq.db_align_beg                  1 
_struct_ref_seq.pdbx_db_align_beg_ins_code    ? 
_struct_ref_seq.db_align_end                  99 
_struct_ref_seq.pdbx_db_align_end_ins_code    ? 
_struct_ref_seq.pdbx_auth_seq_align_beg       1 
_struct_ref_seq.pdbx_auth_seq_align_end       99 
# 
loop_
_struct_ref_seq_dif.align_id 
_struct_ref_seq_dif.pdbx_pdb_id_code 
_struct_ref_seq_dif.mon_id 
_struct_ref_seq_dif.pdbx_pdb_strand_id 
_struct_ref_seq_dif.seq_num 
_struct_ref_seq_dif.pdbx_pdb_ins_code 
_struct_ref_seq_dif.pdbx_seq_db_name 
_struct_ref_seq_dif.pdbx_seq_db_accession_code 
_struct_ref_seq_dif.db_mon_id 
_struct_ref_seq_dif.pdbx_seq_db_seq_num 
_struct_ref_seq_dif.details 
_struct_ref_seq_dif.pdbx_auth_seq_num 
_struct_ref_seq_dif.pdbx_ordinal 
1 6OGV ILE A 32 ? UNP O38885 VAL 32 conflict 32 1 
1 6OGV ILE A 54 ? UNP O38885 VAL 54 conflict 54 2 
1 6OGV VAL A 84 ? UNP O38885 ILE 84 conflict 84 3 
# 
loop_
_chem_comp.id 
_chem_comp.type 
_chem_comp.mon_nstd_flag 
_chem_comp.name 
_chem_comp.pdbx_synonyms 
_chem_comp.formula 
_chem_comp.formula_weight 
ALA 'L-peptide linking' y ALANINE         ? 'C3 H7 N O2'     89.093  
ARG 'L-peptide linking' y ARGININE        ? 'C6 H15 N4 O2 1' 175.209 
ASN 'L-peptide linking' y ASPARAGINE      ? 'C4 H8 N2 O3'    132.118 
ASP 'L-peptide linking' y 'ASPARTIC ACID' ? 'C4 H7 N O4'     133.103 
CYS 'L-peptide linking' y CYSTEINE        ? 'C3 H7 N O2 S'   121.158 
GLN 'L-peptide linking' y GLUTAMINE       ? 'C5 H10 N2 O3'   146.144 
GLU 'L-peptide linking' y 'GLUTAMIC ACID' ? 'C5 H9 N O4'     147.129 
GLY 'peptide linking'   y GLYCINE         ? 'C2 H5 N O2'     75.067  
HIS 'L-peptide linking' y HISTIDINE       ? 'C6 H10 N3 O2 1' 156.162 
HOH non-polymer         . WATER           ? 'H2 O'           18.015  
ILE 'L-peptide linking' y ISOLEUCINE      ? 'C6 H13 N O2'    131.173 
LEU 'L-peptide linking' y LEUCINE         ? 'C6 H13 N O2'    131.173 
LYS 'L-peptide linking' y LYSINE          ? 'C6 H15 N2 O2 1' 147.195 
MET 'L-peptide linking' y METHIONINE      ? 'C5 H11 N O2 S'  149.211 
PHE 'L-peptide linking' y PHENYLALANINE   ? 'C9 H11 N O2'    165.189 
PRO 'L-peptide linking' y PROLINE         ? 'C5 H9 N O2'     115.130 
THR 'L-peptide linking' y THREONINE       ? 'C4 H9 N O3'     119.119 
TRP 'L-peptide linking' y TRYPTOPHAN      ? 'C11 H12 N2 O2'  204.225 
TYR 'L-peptide linking' y TYROSINE        ? 'C9 H11 N O3'    181.189 
VAL 'L-peptide linking' y VALINE          ? 'C5 H11 N O2'    117.146 
# 
_exptl.absorpt_coefficient_mu     ? 
_exptl.absorpt_correction_T_max   ? 
_exptl.absorpt_correction_T_min   ? 
_exptl.absorpt_correction_type    ? 
_exptl.absorpt_process_details    ? 
_exptl.entry_id                   6OGV 
_exptl.crystals_number            1 
_exptl.details                    ? 
_exptl.method                     'X-RAY DIFFRACTION' 
_exptl.method_details             ? 
# 
_exptl_crystal.colour                      ? 
_exptl_crystal.density_diffrn              ? 
_exptl_crystal.density_Matthews            2.54 
_exptl_crystal.density_method              ? 
_exptl_crystal.density_percent_sol         51.51 
_exptl_crystal.description                 ? 
_exptl_crystal.F_000                       ? 
_exptl_crystal.id                          1 
_exptl_crystal.preparation                 ? 
_exptl_crystal.size_max                    ? 
_exptl_crystal.size_mid                    ? 
_exptl_crystal.size_min                    ? 
_exptl_crystal.size_rad                    ? 
_exptl_crystal.colour_lustre               ? 
_exptl_crystal.colour_modifier             ? 
_exptl_crystal.colour_primary              ? 
_exptl_crystal.density_meas                ? 
_exptl_crystal.density_meas_esd            ? 
_exptl_crystal.density_meas_gt             ? 
_exptl_crystal.density_meas_lt             ? 
_exptl_crystal.density_meas_temp           ? 
_exptl_crystal.density_meas_temp_esd       ? 
_exptl_crystal.density_meas_temp_gt        ? 
_exptl_crystal.density_meas_temp_lt        ? 
_exptl_crystal.pdbx_crystal_image_url      ? 
_exptl_crystal.pdbx_crystal_image_format   ? 
_exptl_crystal.pdbx_mosaicity              ? 
_exptl_crystal.pdbx_mosaicity_esd          ? 
# 
_exptl_crystal_grow.apparatus       ? 
_exptl_crystal_grow.atmosphere      ? 
_exptl_crystal_grow.crystal_id      1 
_exptl_crystal_grow.details         ? 
_exptl_crystal_grow.method          'VAPOR DIFFUSION, HANGING DROP' 
_exptl_crystal_grow.method_ref      ? 
_exptl_crystal_grow.pH              7.0 
_exptl_crystal_grow.pressure        ? 
_exptl_crystal_grow.pressure_esd    ? 
_exptl_crystal_grow.seeding         ? 
_exptl_crystal_grow.seeding_ref     ? 
_exptl_crystal_grow.temp            298.0 
_exptl_crystal_grow.temp_details    ? 
_exptl_crystal_grow.temp_esd        ? 
_exptl_crystal_grow.time            ? 
_exptl_crystal_grow.pdbx_details    '0.15 M Ammonium sulfate, 0.1 M HEPES (pH 7.0), 20% (w/v) PEG4000' 
_exptl_crystal_grow.pdbx_pH_range   ? 
# 
_diffrn.ambient_environment              ? 
_diffrn.ambient_temp                     100 
_diffrn.ambient_temp_details             ? 
_diffrn.ambient_temp_esd                 ? 
_diffrn.crystal_id                       1 
_diffrn.crystal_support                  ? 
_diffrn.crystal_treatment                ? 
_diffrn.details                          ? 
_diffrn.id                               1 
_diffrn.ambient_pressure                 ? 
_diffrn.ambient_pressure_esd             ? 
_diffrn.ambient_pressure_gt              ? 
_diffrn.ambient_pressure_lt              ? 
_diffrn.ambient_temp_gt                  ? 
_diffrn.ambient_temp_lt                  ? 
_diffrn.pdbx_serial_crystal_experiment   N 
# 
_diffrn_detector.details                      ? 
_diffrn_detector.detector                     PIXEL 
_diffrn_detector.diffrn_id                    1 
_diffrn_detector.type                         'DECTRIS PILATUS 6M' 
_diffrn_detector.area_resol_mean              ? 
_diffrn_detector.dtime                        ? 
_diffrn_detector.pdbx_frames_total            ? 
_diffrn_detector.pdbx_collection_time_total   ? 
_diffrn_detector.pdbx_collection_date         2013-01-31 
_diffrn_detector.pdbx_frequency               ? 
# 
_diffrn_radiation.collimation                      ? 
_diffrn_radiation.diffrn_id                        1 
_diffrn_radiation.filter_edge                      ? 
_diffrn_radiation.inhomogeneity                    ? 
_diffrn_radiation.monochromator                    ? 
_diffrn_radiation.polarisn_norm                    ? 
_diffrn_radiation.polarisn_ratio                   ? 
_diffrn_radiation.probe                            ? 
_diffrn_radiation.type                             ? 
_diffrn_radiation.xray_symbol                      ? 
_diffrn_radiation.wavelength_id                    1 
_diffrn_radiation.pdbx_monochromatic_or_laue_m_l   M 
_diffrn_radiation.pdbx_wavelength_list             ? 
_diffrn_radiation.pdbx_wavelength                  ? 
_diffrn_radiation.pdbx_diffrn_protocol             'SINGLE WAVELENGTH' 
_diffrn_radiation.pdbx_analyzer                    ? 
_diffrn_radiation.pdbx_scattering_type             x-ray 
# 
_diffrn_radiation_wavelength.id           1 
_diffrn_radiation_wavelength.wavelength   1.0 
_diffrn_radiation_wavelength.wt           1.0 
# 
_diffrn_source.current                     ? 
_diffrn_source.details                     ? 
_diffrn_source.diffrn_id                   1 
_diffrn_source.power                       ? 
_diffrn_source.size                        ? 
_diffrn_source.source                      SYNCHROTRON 
_diffrn_source.target                      ? 
_diffrn_source.type                        'SPRING-8 BEAMLINE BL24XU' 
_diffrn_source.voltage                     ? 
_diffrn_source.take-off_angle              ? 
_diffrn_source.pdbx_wavelength_list        1.0 
_diffrn_source.pdbx_wavelength             ? 
_diffrn_source.pdbx_synchrotron_beamline   BL24XU 
_diffrn_source.pdbx_synchrotron_site       SPring-8 
# 
_reflns.B_iso_Wilson_estimate            ? 
_reflns.entry_id                         6OGV 
_reflns.data_reduction_details           ? 
_reflns.data_reduction_method            ? 
_reflns.d_resolution_high                1.57 
_reflns.d_resolution_low                 42.30 
_reflns.details                          ? 
_reflns.limit_h_max                      ? 
_reflns.limit_h_min                      ? 
_reflns.limit_k_max                      ? 
_reflns.limit_k_min                      ? 
_reflns.limit_l_max                      ? 
_reflns.limit_l_min                      ? 
_reflns.number_all                       ? 
_reflns.number_obs                       226449 
_reflns.observed_criterion               ? 
_reflns.observed_criterion_F_max         ? 
_reflns.observed_criterion_F_min         ? 
_reflns.observed_criterion_I_max         ? 
_reflns.observed_criterion_I_min         ? 
_reflns.observed_criterion_sigma_F       ? 
_reflns.observed_criterion_sigma_I       ? 
_reflns.percent_possible_obs             99.57 
_reflns.R_free_details                   ? 
_reflns.Rmerge_F_all                     ? 
_reflns.Rmerge_F_obs                     ? 
_reflns.Friedel_coverage                 ? 
_reflns.number_gt                        ? 
_reflns.threshold_expression             ? 
_reflns.pdbx_redundancy                  14.0 
_reflns.pdbx_Rmerge_I_obs                ? 
_reflns.pdbx_Rmerge_I_all                ? 
_reflns.pdbx_Rsym_value                  ? 
_reflns.pdbx_netI_over_av_sigmaI         ? 
_reflns.pdbx_netI_over_sigmaI            12.62 
_reflns.pdbx_res_netI_over_av_sigmaI_2   ? 
_reflns.pdbx_res_netI_over_sigmaI_2      ? 
_reflns.pdbx_chi_squared                 ? 
_reflns.pdbx_scaling_rejects             ? 
_reflns.pdbx_d_res_high_opt              ? 
_reflns.pdbx_d_res_low_opt               ? 
_reflns.pdbx_d_res_opt_method            ? 
_reflns.phase_calculation_details        ? 
_reflns.pdbx_Rrim_I_all                  ? 
_reflns.pdbx_Rpim_I_all                  ? 
_reflns.pdbx_d_opt                       ? 
_reflns.pdbx_number_measured_all         ? 
_reflns.pdbx_diffrn_id                   1 
_reflns.pdbx_ordinal                     1 
_reflns.pdbx_CC_half                     ? 
_reflns.pdbx_R_split                     ? 
# 
_reflns_shell.d_res_high                  1.57 
_reflns_shell.d_res_low                   1.60 
_reflns_shell.meanI_over_sigI_all         ? 
_reflns_shell.meanI_over_sigI_obs         ? 
_reflns_shell.number_measured_all         ? 
_reflns_shell.number_measured_obs         ? 
_reflns_shell.number_possible             ? 
_reflns_shell.number_unique_all           ? 
_reflns_shell.number_unique_obs           16152 
_reflns_shell.percent_possible_all        ? 
_reflns_shell.percent_possible_obs        ? 
_reflns_shell.Rmerge_F_all                ? 
_reflns_shell.Rmerge_F_obs                ? 
_reflns_shell.Rmerge_I_all                ? 
_reflns_shell.Rmerge_I_obs                ? 
_reflns_shell.meanI_over_sigI_gt          ? 
_reflns_shell.meanI_over_uI_all           ? 
_reflns_shell.meanI_over_uI_gt            ? 
_reflns_shell.number_measured_gt          ? 
_reflns_shell.number_unique_gt            ? 
_reflns_shell.percent_possible_gt         ? 
_reflns_shell.Rmerge_F_gt                 ? 
_reflns_shell.Rmerge_I_gt                 ? 
_reflns_shell.pdbx_redundancy             ? 
_reflns_shell.pdbx_Rsym_value             ? 
_reflns_shell.pdbx_chi_squared            ? 
_reflns_shell.pdbx_netI_over_sigmaI_all   ? 
_reflns_shell.pdbx_netI_over_sigmaI_obs   ? 
_reflns_shell.pdbx_Rrim_I_all             ? 
_reflns_shell.pdbx_Rpim_I_all             ? 
_reflns_shell.pdbx_rejects                ? 
_reflns_shell.pdbx_ordinal                1 
_reflns_shell.pdbx_diffrn_id              1 
_reflns_shell.pdbx_CC_half                ? 
_reflns_shell.pdbx_R_split                ? 
# 
_refine.aniso_B[1][1]                            1.67 
_refine.aniso_B[1][2]                            0.00 
_refine.aniso_B[1][3]                            0.00 
_refine.aniso_B[2][2]                            1.67 
_refine.aniso_B[2][3]                            0.00 
_refine.aniso_B[3][3]                            -3.34 
_refine.B_iso_max                                ? 
_refine.B_iso_mean                               36.117 
_refine.B_iso_min                                ? 
_refine.correlation_coeff_Fo_to_Fc               0.954 
_refine.correlation_coeff_Fo_to_Fc_free          ? 
_refine.details                                  'HYDROGENS HAVE BEEN ADDED IN THE RIDING POSITIONS' 
_refine.diff_density_max                         ? 
_refine.diff_density_max_esd                     ? 
_refine.diff_density_min                         ? 
_refine.diff_density_min_esd                     ? 
_refine.diff_density_rms                         ? 
_refine.diff_density_rms_esd                     ? 
_refine.entry_id                                 6OGV 
_refine.pdbx_refine_id                           'X-RAY DIFFRACTION' 
_refine.ls_abs_structure_details                 ? 
_refine.ls_abs_structure_Flack                   ? 
_refine.ls_abs_structure_Flack_esd               ? 
_refine.ls_abs_structure_Rogers                  ? 
_refine.ls_abs_structure_Rogers_esd              ? 
_refine.ls_d_res_high                            1.57 
_refine.ls_d_res_low                             42.30 
_refine.ls_extinction_coef                       ? 
_refine.ls_extinction_coef_esd                   ? 
_refine.ls_extinction_expression                 ? 
_refine.ls_extinction_method                     ? 
_refine.ls_goodness_of_fit_all                   ? 
_refine.ls_goodness_of_fit_all_esd               ? 
_refine.ls_goodness_of_fit_obs                   ? 
_refine.ls_goodness_of_fit_obs_esd               ? 
_refine.ls_hydrogen_treatment                    ? 
_refine.ls_matrix_type                           ? 
_refine.ls_number_constraints                    ? 
_refine.ls_number_parameters                     ? 
_refine.ls_number_reflns_all                     ? 
_refine.ls_number_reflns_obs                     16222 
_refine.ls_number_reflns_R_free                  ? 
_refine.ls_number_reflns_R_work                  ? 
_refine.ls_number_restraints                     ? 
_refine.ls_percent_reflns_obs                    99.98 
_refine.ls_percent_reflns_R_free                 ? 
_refine.ls_R_factor_all                          ? 
_refine.ls_R_factor_obs                          0.24715 
_refine.ls_R_factor_R_free                       ? 
_refine.ls_R_factor_R_free_error                 ? 
_refine.ls_R_factor_R_free_error_details         ? 
_refine.ls_R_factor_R_work                       0.24715 
_refine.ls_R_Fsqd_factor_obs                     ? 
_refine.ls_R_I_factor_obs                        ? 
_refine.ls_redundancy_reflns_all                 ? 
_refine.ls_redundancy_reflns_obs                 ? 
_refine.ls_restrained_S_all                      ? 
_refine.ls_restrained_S_obs                      ? 
_refine.ls_shift_over_esd_max                    ? 
_refine.ls_shift_over_esd_mean                   ? 
_refine.ls_structure_factor_coef                 ? 
_refine.ls_weighting_details                     ? 
_refine.ls_weighting_scheme                      ? 
_refine.ls_wR_factor_all                         ? 
_refine.ls_wR_factor_obs                         ? 
_refine.ls_wR_factor_R_free                      ? 
_refine.ls_wR_factor_R_work                      ? 
_refine.occupancy_max                            ? 
_refine.occupancy_min                            ? 
_refine.solvent_model_details                    ? 
_refine.solvent_model_param_bsol                 ? 
_refine.solvent_model_param_ksol                 ? 
_refine.ls_R_factor_gt                           ? 
_refine.ls_goodness_of_fit_gt                    ? 
_refine.ls_goodness_of_fit_ref                   ? 
_refine.ls_shift_over_su_max                     ? 
_refine.ls_shift_over_su_max_lt                  ? 
_refine.ls_shift_over_su_mean                    ? 
_refine.ls_shift_over_su_mean_lt                 ? 
_refine.pdbx_ls_sigma_I                          ? 
_refine.pdbx_ls_sigma_F                          ? 
_refine.pdbx_ls_sigma_Fsqd                       ? 
_refine.pdbx_data_cutoff_high_absF               ? 
_refine.pdbx_data_cutoff_high_rms_absF           ? 
_refine.pdbx_data_cutoff_low_absF                ? 
_refine.pdbx_isotropic_thermal_model             ? 
_refine.pdbx_ls_cross_valid_method               THROUGHOUT 
_refine.pdbx_method_to_determine_struct          'MOLECULAR REPLACEMENT' 
_refine.pdbx_starting_model                      5TYR 
_refine.pdbx_stereochemistry_target_values       ? 
_refine.pdbx_R_Free_selection_details            RANDOM 
_refine.pdbx_stereochem_target_val_spec_case     ? 
_refine.pdbx_overall_ESU_R                       0.095 
_refine.pdbx_overall_ESU_R_Free                  ? 
_refine.pdbx_solvent_vdw_probe_radii             1.20 
_refine.pdbx_solvent_ion_probe_radii             0.80 
_refine.pdbx_solvent_shrinkage_radii             0.80 
_refine.pdbx_real_space_R                        ? 
_refine.pdbx_density_correlation                 ? 
_refine.pdbx_pd_number_of_powder_patterns        ? 
_refine.pdbx_pd_number_of_points                 ? 
_refine.pdbx_pd_meas_number_of_points            ? 
_refine.pdbx_pd_proc_ls_prof_R_factor            ? 
_refine.pdbx_pd_proc_ls_prof_wR_factor           ? 
_refine.pdbx_pd_Marquardt_correlation_coeff      ? 
_refine.pdbx_pd_Fsqrd_R_factor                   ? 
_refine.pdbx_pd_ls_matrix_band_width             ? 
_refine.pdbx_overall_phase_error                 ? 
_refine.pdbx_overall_SU_R_free_Cruickshank_DPI   ? 
_refine.pdbx_overall_SU_R_free_Blow_DPI          ? 
_refine.pdbx_overall_SU_R_Blow_DPI               ? 
_refine.pdbx_TLS_residual_ADP_flag               ? 
_refine.pdbx_diffrn_id                           1 
_refine.overall_SU_B                             3.234 
_refine.overall_SU_ML                            0.104 
_refine.overall_SU_R_Cruickshank_DPI             ? 
_refine.overall_SU_R_free                        ? 
_refine.overall_FOM_free_R_set                   ? 
_refine.overall_FOM_work_R_set                   ? 
_refine.pdbx_average_fsc_overall                 ? 
_refine.pdbx_average_fsc_work                    ? 
_refine.pdbx_average_fsc_free                    ? 
# 
_refine_hist.pdbx_refine_id                   'X-RAY DIFFRACTION' 
_refine_hist.cycle_id                         1 
_refine_hist.details                          ? 
_refine_hist.d_res_high                       1.57 
_refine_hist.d_res_low                        42.30 
_refine_hist.number_atoms_solvent             26 
_refine_hist.number_atoms_total               784 
_refine_hist.number_reflns_all                ? 
_refine_hist.number_reflns_obs                ? 
_refine_hist.number_reflns_R_free             ? 
_refine_hist.number_reflns_R_work             ? 
_refine_hist.R_factor_all                     ? 
_refine_hist.R_factor_obs                     ? 
_refine_hist.R_factor_R_free                  ? 
_refine_hist.R_factor_R_work                  ? 
_refine_hist.pdbx_number_residues_total       ? 
_refine_hist.pdbx_B_iso_mean_ligand           ? 
_refine_hist.pdbx_B_iso_mean_solvent          ? 
_refine_hist.pdbx_number_atoms_protein        758 
_refine_hist.pdbx_number_atoms_nucleic_acid   0 
_refine_hist.pdbx_number_atoms_ligand         0 
_refine_hist.pdbx_number_atoms_lipid          ? 
_refine_hist.pdbx_number_atoms_carb           ? 
_refine_hist.pdbx_pseudo_atom_details         ? 
# 
loop_
_refine_ls_restr.pdbx_refine_id 
_refine_ls_restr.criterion 
_refine_ls_restr.dev_ideal 
_refine_ls_restr.dev_ideal_target 
_refine_ls_restr.number 
_refine_ls_restr.rejects 
_refine_ls_restr.type 
_refine_ls_restr.weight 
_refine_ls_restr.pdbx_restraint_function 
'X-RAY DIFFRACTION' ? 0.012  0.013  772  ? r_bond_refined_d             ? ? 
'X-RAY DIFFRACTION' ? 0.001  0.017  761  ? r_bond_other_d               ? ? 
'X-RAY DIFFRACTION' ? 1.968  1.647  1050 ? r_angle_refined_deg          ? ? 
'X-RAY DIFFRACTION' ? 1.338  1.570  1764 ? r_angle_other_deg            ? ? 
'X-RAY DIFFRACTION' ? 8.053  5.000  98   ? r_dihedral_angle_1_deg       ? ? 
'X-RAY DIFFRACTION' ? 39.156 22.571 35   ? r_dihedral_angle_2_deg       ? ? 
'X-RAY DIFFRACTION' ? 13.017 15.000 134  ? r_dihedral_angle_3_deg       ? ? 
'X-RAY DIFFRACTION' ? 9.783  15.000 5    ? r_dihedral_angle_4_deg       ? ? 
'X-RAY DIFFRACTION' ? 0.090  0.200  109  ? r_chiral_restr               ? ? 
'X-RAY DIFFRACTION' ? 0.011  0.020  854  ? r_gen_planes_refined         ? ? 
'X-RAY DIFFRACTION' ? 0.001  0.020  145  ? r_gen_planes_other           ? ? 
'X-RAY DIFFRACTION' ? ?      ?      ?    ? r_nbd_refined                ? ? 
'X-RAY DIFFRACTION' ? ?      ?      ?    ? r_nbd_other                  ? ? 
'X-RAY DIFFRACTION' ? ?      ?      ?    ? r_nbtor_refined              ? ? 
'X-RAY DIFFRACTION' ? ?      ?      ?    ? r_nbtor_other                ? ? 
'X-RAY DIFFRACTION' ? ?      ?      ?    ? r_xyhbond_nbd_refined        ? ? 
'X-RAY DIFFRACTION' ? ?      ?      ?    ? r_xyhbond_nbd_other          ? ? 
'X-RAY DIFFRACTION' ? ?      ?      ?    ? r_metal_ion_refined          ? ? 
'X-RAY DIFFRACTION' ? ?      ?      ?    ? r_metal_ion_other            ? ? 
'X-RAY DIFFRACTION' ? ?      ?      ?    ? r_symmetry_vdw_refined       ? ? 
'X-RAY DIFFRACTION' ? ?      ?      ?    ? r_symmetry_vdw_other         ? ? 
'X-RAY DIFFRACTION' ? ?      ?      ?    ? r_symmetry_hbond_refined     ? ? 
'X-RAY DIFFRACTION' ? ?      ?      ?    ? r_symmetry_hbond_other       ? ? 
'X-RAY DIFFRACTION' ? ?      ?      ?    ? r_symmetry_metal_ion_refined ? ? 
'X-RAY DIFFRACTION' ? ?      ?      ?    ? r_symmetry_metal_ion_other   ? ? 
'X-RAY DIFFRACTION' ? 4.023  3.693  395  ? r_mcbond_it                  ? ? 
'X-RAY DIFFRACTION' ? 4.027  3.689  394  ? r_mcbond_other               ? ? 
'X-RAY DIFFRACTION' ? 5.425  5.539  492  ? r_mcangle_it                 ? ? 
'X-RAY DIFFRACTION' ? 5.422  5.542  493  ? r_mcangle_other              ? ? 
'X-RAY DIFFRACTION' ? 4.387  4.020  377  ? r_scbond_it                  ? ? 
'X-RAY DIFFRACTION' ? 4.387  4.019  377  ? r_scbond_other               ? ? 
'X-RAY DIFFRACTION' ? ?      ?      ?    ? r_scangle_it                 ? ? 
'X-RAY DIFFRACTION' ? 5.991  5.902  558  ? r_scangle_other              ? ? 
'X-RAY DIFFRACTION' ? 7.435  40.844 727  ? r_long_range_B_refined       ? ? 
'X-RAY DIFFRACTION' ? 7.443  40.769 725  ? r_long_range_B_other         ? ? 
'X-RAY DIFFRACTION' ? ?      ?      ?    ? r_rigid_bond_restr           ? ? 
'X-RAY DIFFRACTION' ? ?      ?      ?    ? r_sphericity_free            ? ? 
'X-RAY DIFFRACTION' ? ?      ?      ?    ? r_sphericity_bonded          ? ? 
# 
_refine_ls_shell.pdbx_refine_id                   'X-RAY DIFFRACTION' 
_refine_ls_shell.d_res_high                       1.570 
_refine_ls_shell.d_res_low                        1.611 
_refine_ls_shell.number_reflns_all                ? 
_refine_ls_shell.number_reflns_obs                ? 
_refine_ls_shell.number_reflns_R_free             0 
_refine_ls_shell.number_reflns_R_work             1179 
_refine_ls_shell.percent_reflns_obs               99.92 
_refine_ls_shell.percent_reflns_R_free            ? 
_refine_ls_shell.R_factor_all                     ? 
_refine_ls_shell.R_factor_obs                     ? 
_refine_ls_shell.R_factor_R_free                  0.000 
_refine_ls_shell.R_factor_R_free_error            ? 
_refine_ls_shell.R_factor_R_work                  0.400 
_refine_ls_shell.redundancy_reflns_all            ? 
_refine_ls_shell.redundancy_reflns_obs            ? 
_refine_ls_shell.wR_factor_all                    ? 
_refine_ls_shell.wR_factor_obs                    ? 
_refine_ls_shell.wR_factor_R_free                 ? 
_refine_ls_shell.wR_factor_R_work                 ? 
_refine_ls_shell.pdbx_total_number_of_bins_used   20 
_refine_ls_shell.pdbx_phase_error                 ? 
_refine_ls_shell.pdbx_fsc_work                    ? 
_refine_ls_shell.pdbx_fsc_free                    ? 
# 
_struct.entry_id                     6OGV 
_struct.title                        'X-ray crystal structure of darunavir-resistant HIV-1 protease (P30) in apo state' 
_struct.pdbx_model_details           ? 
_struct.pdbx_formula_weight          ? 
_struct.pdbx_formula_weight_method   ? 
_struct.pdbx_model_type_details      ? 
_struct.pdbx_CASP_flag               N 
# 
_struct_keywords.entry_id        6OGV 
_struct_keywords.text            'Inhibitor, VIRAL PROTEIN, VIRAL PROTEIN-INHIBITOR complex' 
_struct_keywords.pdbx_keywords   'VIRAL PROTEIN/INHIBITOR' 
# 
loop_
_struct_asym.id 
_struct_asym.pdbx_blank_PDB_chainid_flag 
_struct_asym.pdbx_modified 
_struct_asym.entity_id 
_struct_asym.details 
A N N 1 ? 
B N N 2 ? 
# 
_struct_conf.conf_type_id            HELX_P 
_struct_conf.id                      HELX_P1 
_struct_conf.pdbx_PDB_helix_id       AA1 
_struct_conf.beg_label_comp_id       GLY 
_struct_conf.beg_label_asym_id       A 
_struct_conf.beg_label_seq_id        86 
_struct_conf.pdbx_beg_PDB_ins_code   ? 
_struct_conf.end_label_comp_id       THR 
_struct_conf.end_label_asym_id       A 
_struct_conf.end_label_seq_id        91 
_struct_conf.pdbx_end_PDB_ins_code   ? 
_struct_conf.beg_auth_comp_id        GLY 
_struct_conf.beg_auth_asym_id        A 
_struct_conf.beg_auth_seq_id         86 
_struct_conf.end_auth_comp_id        THR 
_struct_conf.end_auth_asym_id        A 
_struct_conf.end_auth_seq_id         91 
_struct_conf.pdbx_PDB_helix_class    1 
_struct_conf.details                 ? 
_struct_conf.pdbx_PDB_helix_length   6 
# 
_struct_conf_type.id          HELX_P 
_struct_conf_type.criteria    ? 
_struct_conf_type.reference   ? 
# 
_struct_sheet.id               AA1 
_struct_sheet.type             ? 
_struct_sheet.number_strands   8 
_struct_sheet.details          ? 
# 
loop_
_struct_sheet_order.sheet_id 
_struct_sheet_order.range_id_1 
_struct_sheet_order.range_id_2 
_struct_sheet_order.offset 
_struct_sheet_order.sense 
AA1 1 2 ? anti-parallel 
AA1 2 3 ? anti-parallel 
AA1 3 4 ? parallel      
AA1 4 5 ? anti-parallel 
AA1 5 6 ? parallel      
AA1 6 7 ? anti-parallel 
AA1 7 8 ? anti-parallel 
# 
loop_
_struct_sheet_range.sheet_id 
_struct_sheet_range.id 
_struct_sheet_range.beg_label_comp_id 
_struct_sheet_range.beg_label_asym_id 
_struct_sheet_range.beg_label_seq_id 
_struct_sheet_range.pdbx_beg_PDB_ins_code 
_struct_sheet_range.end_label_comp_id 
_struct_sheet_range.end_label_asym_id 
_struct_sheet_range.end_label_seq_id 
_struct_sheet_range.pdbx_end_PDB_ins_code 
_struct_sheet_range.beg_auth_comp_id 
_struct_sheet_range.beg_auth_asym_id 
_struct_sheet_range.beg_auth_seq_id 
_struct_sheet_range.end_auth_comp_id 
_struct_sheet_range.end_auth_asym_id 
_struct_sheet_range.end_auth_seq_id 
AA1 1 TRP A 42 ? GLY A 49 ? TRP A 42 GLY A 49 
AA1 2 GLY A 52 ? ILE A 66 ? GLY A 52 ILE A 66 
AA1 3 HIS A 69 ? VAL A 77 ? HIS A 69 VAL A 77 
AA1 4 ILE A 32 ? LEU A 33 ? ILE A 32 LEU A 33 
AA1 5 ASN A 83 ? ILE A 85 ? ASN A 83 ILE A 85 
AA1 6 GLN A 18 ? ILE A 24 ? GLN A 18 ILE A 24 
AA1 7 ILE A 10 ? VAL A 15 ? ILE A 10 VAL A 15 
AA1 8 GLY A 52 ? ILE A 66 ? GLY A 52 ILE A 66 
# 
loop_
_pdbx_struct_sheet_hbond.sheet_id 
_pdbx_struct_sheet_hbond.range_id_1 
_pdbx_struct_sheet_hbond.range_id_2 
_pdbx_struct_sheet_hbond.range_1_label_atom_id 
_pdbx_struct_sheet_hbond.range_1_label_comp_id 
_pdbx_struct_sheet_hbond.range_1_label_asym_id 
_pdbx_struct_sheet_hbond.range_1_label_seq_id 
_pdbx_struct_sheet_hbond.range_1_PDB_ins_code 
_pdbx_struct_sheet_hbond.range_1_auth_atom_id 
_pdbx_struct_sheet_hbond.range_1_auth_comp_id 
_pdbx_struct_sheet_hbond.range_1_auth_asym_id 
_pdbx_struct_sheet_hbond.range_1_auth_seq_id 
_pdbx_struct_sheet_hbond.range_2_label_atom_id 
_pdbx_struct_sheet_hbond.range_2_label_comp_id 
_pdbx_struct_sheet_hbond.range_2_label_asym_id 
_pdbx_struct_sheet_hbond.range_2_label_seq_id 
_pdbx_struct_sheet_hbond.range_2_PDB_ins_code 
_pdbx_struct_sheet_hbond.range_2_auth_atom_id 
_pdbx_struct_sheet_hbond.range_2_auth_comp_id 
_pdbx_struct_sheet_hbond.range_2_auth_asym_id 
_pdbx_struct_sheet_hbond.range_2_auth_seq_id 
AA1 1 2 N LYS A 43 ? N LYS A 43 O GLN A 58 ? O GLN A 58 
AA1 2 3 N ILE A 62 ? N ILE A 62 O GLY A 73 ? O GLY A 73 
AA1 3 4 O LEU A 76 ? O LEU A 76 N LEU A 33 ? N LEU A 33 
AA1 4 5 N ILE A 32 ? N ILE A 32 O VAL A 84 ? O VAL A 84 
AA1 5 6 O ILE A 85 ? O ILE A 85 N LEU A 23 ? N LEU A 23 
AA1 6 7 O ARG A 20 ? O ARG A 20 N ILE A 13 ? N ILE A 13 
AA1 7 8 N LYS A 14 ? N LYS A 14 O GLU A 65 ? O GLU A 65 
# 
_atom_sites.entry_id                    6OGV 
_atom_sites.fract_transf_matrix[1][1]   -0.00988382 
_atom_sites.fract_transf_matrix[1][2]   0.00226860 
_atom_sites.fract_transf_matrix[1][3]   -0.01890148 
_atom_sites.fract_transf_matrix[2][1]   0.01399484 
_atom_sites.fract_transf_matrix[2][2]   -0.01357195 
_atom_sites.fract_transf_matrix[2][3]   -0.00894701 
_atom_sites.fract_transf_matrix[3][1]   -0.00597633 
_atom_sites.fract_transf_matrix[3][2]   -0.00761981 
_atom_sites.fract_transf_matrix[3][3]   0.00221055 
_atom_sites.fract_transf_vector[1]      0.058552 
_atom_sites.fract_transf_vector[2]      0.098514 
_atom_sites.fract_transf_vector[3]      -0.112537 
# 
loop_
_atom_type.symbol 
C 
F 
N 
O 
S 
# 
loop_
_atom_site.group_PDB 
_atom_site.id 
_atom_site.type_symbol 
_atom_site.label_atom_id 
_atom_site.label_alt_id 
_atom_site.label_comp_id 
_atom_site.label_asym_id 
_atom_site.label_entity_id 
_atom_site.label_seq_id 
_atom_site.pdbx_PDB_ins_code 
_atom_site.Cartn_x 
_atom_site.Cartn_y 
_atom_site.Cartn_z 
_atom_site.occupancy 
_atom_site.B_iso_or_equiv 
_atom_site.pdbx_formal_charge 
_atom_site.auth_seq_id 
_atom_site.auth_comp_id 
_atom_site.auth_asym_id 
_atom_site.auth_atom_id 
_atom_site.pdbx_PDB_model_num 
ATOM   1   N N   . PRO A 1 1  ? -8.263  6.508   14.159  1.00 51.29 ? 1   PRO A N   1 
ATOM   2   C CA  . PRO A 1 1  ? -9.670  6.285   13.767  1.00 44.64 ? 1   PRO A CA  1 
ATOM   3   C C   . PRO A 1 1  ? -10.153 4.836   14.001  1.00 48.28 ? 1   PRO A C   1 
ATOM   4   O O   . PRO A 1 1  ? -9.330  3.957   14.158  1.00 50.73 ? 1   PRO A O   1 
ATOM   5   C CB  . PRO A 1 1  ? -9.728  6.592   12.266  1.00 50.56 ? 1   PRO A CB  1 
ATOM   6   C CG  . PRO A 1 1  ? -8.337  6.275   11.813  1.00 54.48 ? 1   PRO A CG  1 
ATOM   7   C CD  . PRO A 1 1  ? -7.476  6.793   12.945  1.00 50.04 ? 1   PRO A CD  1 
ATOM   8   N N   . GLN A 1 2  ? -11.462 4.669   14.090  1.00 53.22 ? 2   GLN A N   1 
ATOM   9   C CA  . GLN A 1 2  ? -12.181 3.375   13.995  1.00 55.17 ? 2   GLN A CA  1 
ATOM   10  C C   . GLN A 1 2  ? -12.924 3.360   12.656  1.00 52.83 ? 2   GLN A C   1 
ATOM   11  O O   . GLN A 1 2  ? -13.745 4.245   12.415  1.00 55.10 ? 2   GLN A O   1 
ATOM   12  C CB  . GLN A 1 2  ? -13.131 3.200   15.179  1.00 56.22 ? 2   GLN A CB  1 
ATOM   13  C CG  . GLN A 1 2  ? -14.159 2.110   14.967  1.00 57.65 ? 2   GLN A CG  1 
ATOM   14  C CD  . GLN A 1 2  ? -14.663 1.533   16.263  1.00 55.96 ? 2   GLN A CD  1 
ATOM   15  O OE1 . GLN A 1 2  ? -15.845 1.618   16.562  1.00 61.18 ? 2   GLN A OE1 1 
ATOM   16  N NE2 . GLN A 1 2  ? -13.767 0.929   17.028  1.00 52.65 ? 2   GLN A NE2 1 
ATOM   17  N N   . ILE A 1 3  ? -12.615 2.377   11.808  1.00 46.90 ? 3   ILE A N   1 
ATOM   18  C CA  . ILE A 1 3  ? -13.235 2.186   10.471  1.00 43.56 ? 3   ILE A CA  1 
ATOM   19  C C   . ILE A 1 3  ? -14.050 0.912   10.503  1.00 39.71 ? 3   ILE A C   1 
ATOM   20  O O   . ILE A 1 3  ? -13.470 -0.127  10.847  1.00 41.13 ? 3   ILE A O   1 
ATOM   21  C CB  . ILE A 1 3  ? -12.155 2.155   9.384   1.00 42.06 ? 3   ILE A CB  1 
ATOM   22  C CG1 . ILE A 1 3  ? -11.373 3.467   9.395   1.00 43.17 ? 3   ILE A CG1 1 
ATOM   23  C CG2 . ILE A 1 3  ? -12.781 1.892   8.034   1.00 39.25 ? 3   ILE A CG2 1 
ATOM   24  C CD1 . ILE A 1 3  ? -10.081 3.407   8.653   1.00 46.33 ? 3   ILE A CD1 1 
ATOM   25  N N   . THR A 1 4  ? -15.320 1.013   10.143  1.00 40.55 ? 4   THR A N   1 
ATOM   26  C CA  . THR A 1 4  ? -16.273 -0.118  10.082  1.00 41.03 ? 4   THR A CA  1 
ATOM   27  C C   . THR A 1 4  ? -16.186 -0.640  8.654   1.00 40.39 ? 4   THR A C   1 
ATOM   28  O O   . THR A 1 4  ? -15.433 -0.017  7.879   1.00 39.36 ? 4   THR A O   1 
ATOM   29  C CB  . THR A 1 4  ? -17.643 0.326   10.590  1.00 39.72 ? 4   THR A CB  1 
ATOM   30  O OG1 . THR A 1 4  ? -18.223 1.220   9.653   1.00 39.73 ? 4   THR A OG1 1 
ATOM   31  C CG2 . THR A 1 4  ? -17.558 1.000   11.940  1.00 41.83 ? 4   THR A CG2 1 
ATOM   32  N N   . LEU A 1 5  ? -16.823 -1.770  8.343   1.00 38.52 ? 5   LEU A N   1 
ATOM   33  C CA  . LEU A 1 5  ? -16.566 -2.497  7.076   1.00 31.20 ? 5   LEU A CA  1 
ATOM   34  C C   . LEU A 1 5  ? -17.863 -2.635  6.280   1.00 31.91 ? 5   LEU A C   1 
ATOM   35  O O   . LEU A 1 5  ? -17.968 -3.481  5.418   1.00 29.10 ? 5   LEU A O   1 
ATOM   36  C CB  . LEU A 1 5  ? -15.891 -3.831  7.436   1.00 30.62 ? 5   LEU A CB  1 
ATOM   37  C CG  . LEU A 1 5  ? -14.496 -3.729  8.055   1.00 33.70 ? 5   LEU A CG  1 
ATOM   38  C CD1 . LEU A 1 5  ? -13.978 -5.066  8.540   1.00 34.53 ? 5   LEU A CD1 1 
ATOM   39  C CD2 . LEU A 1 5  ? -13.489 -3.131  7.060   1.00 31.95 ? 5   LEU A CD2 1 
ATOM   40  N N   . TRP A 1 6  ? -18.876 -1.773  6.517   1.00 35.75 ? 6   TRP A N   1 
ATOM   41  C CA  . TRP A 1 6  ? -20.112 -1.734  5.689   1.00 32.49 ? 6   TRP A CA  1 
ATOM   42  C C   . TRP A 1 6  ? -19.825 -1.325  4.230   1.00 30.32 ? 6   TRP A C   1 
ATOM   43  O O   . TRP A 1 6  ? -20.444 -1.908  3.282   1.00 34.25 ? 6   TRP A O   1 
ATOM   44  C CB  . TRP A 1 6  ? -21.193 -0.840  6.360   1.00 35.87 ? 6   TRP A CB  1 
ATOM   45  C CG  . TRP A 1 6  ? -21.490 -1.196  7.795   1.00 34.67 ? 6   TRP A CG  1 
ATOM   46  C CD1 . TRP A 1 6  ? -20.908 -0.675  8.911   1.00 40.74 ? 6   TRP A CD1 1 
ATOM   47  C CD2 . TRP A 1 6  ? -22.436 -2.174  8.273   1.00 33.74 ? 6   TRP A CD2 1 
ATOM   48  N NE1 . TRP A 1 6  ? -21.413 -1.261  10.042  1.00 47.42 ? 6   TRP A NE1 1 
ATOM   49  C CE2 . TRP A 1 6  ? -22.362 -2.173  9.674   1.00 37.61 ? 6   TRP A CE2 1 
ATOM   50  C CE3 . TRP A 1 6  ? -23.292 -3.065  7.641   1.00 34.82 ? 6   TRP A CE3 1 
ATOM   51  C CZ2 . TRP A 1 6  ? -23.103 -3.065  10.452  1.00 41.45 ? 6   TRP A CZ2 1 
ATOM   52  C CZ3 . TRP A 1 6  ? -24.075 -3.914  8.405   1.00 35.55 ? 6   TRP A CZ3 1 
ATOM   53  C CH2 . TRP A 1 6  ? -23.968 -3.912  9.789   1.00 37.77 ? 6   TRP A CH2 1 
ATOM   54  N N   . GLN A 1 7  ? -18.838 -0.435  4.052   1.00 33.02 ? 7   GLN A N   1 
ATOM   55  C CA  . GLN A 1 7  ? -18.255 -0.047  2.756   1.00 37.26 ? 7   GLN A CA  1 
ATOM   56  C C   . GLN A 1 7  ? -16.803 -0.529  2.672   1.00 30.19 ? 7   GLN A C   1 
ATOM   57  O O   . GLN A 1 7  ? -16.195 -0.802  3.707   1.00 32.35 ? 7   GLN A O   1 
ATOM   58  C CB  . GLN A 1 7  ? -18.342 1.483   2.626   1.00 30.19 ? 7   GLN A CB  1 
ATOM   59  C CG  . GLN A 1 7  ? -19.776 1.963   2.788   1.00 38.04 ? 7   GLN A CG  1 
ATOM   60  C CD  . GLN A 1 7  ? -20.742 1.327   1.806   1.00 50.34 ? 7   GLN A CD  1 
ATOM   61  O OE1 . GLN A 1 7  ? -20.483 1.252   0.596   1.00 64.74 ? 7   GLN A OE1 1 
ATOM   62  N NE2 . GLN A 1 7  ? -21.864 0.826   2.326   1.00 51.84 ? 7   GLN A NE2 1 
ATOM   63  N N   . ARG A 1 8  ? -16.245 -0.479  1.486   1.00 31.53 ? 8   ARG A N   1 
ATOM   64  C CA  . ARG A 1 8  ? -14.786 -0.708  1.335   1.00 33.63 ? 8   ARG A CA  1 
ATOM   65  C C   . ARG A 1 8  ? -13.997 0.317   2.132   1.00 33.75 ? 8   ARG A C   1 
ATOM   66  O O   . ARG A 1 8  ? -14.275 1.524   2.126   1.00 30.97 ? 8   ARG A O   1 
ATOM   67  C CB  . ARG A 1 8  ? -14.373 -0.685  -0.125  1.00 32.63 ? 8   ARG A CB  1 
ATOM   68  C CG  . ARG A 1 8  ? -14.891 -1.847  -0.923  1.00 32.11 ? 8   ARG A CG  1 
ATOM   69  C CD  . ARG A 1 8  ? -14.637 -1.635  -2.389  1.00 38.34 ? 8   ARG A CD  1 
ATOM   70  N NE  . ARG A 1 8  ? -15.157 -2.726  -3.186  1.00 35.70 ? 8   ARG A NE  1 
ATOM   71  C CZ  . ARG A 1 8  ? -15.202 -2.778  -4.525  1.00 40.28 ? 8   ARG A CZ  1 
ATOM   72  N NH1 . ARG A 1 8  ? -14.804 -1.764  -5.276  1.00 41.64 ? 8   ARG A NH1 1 
ATOM   73  N NH2 . ARG A 1 8  ? -15.720 -3.824  -5.128  1.00 39.33 ? 8   ARG A NH2 1 
ATOM   74  N N   . PRO A 1 9  ? -12.982 -0.119  2.895   1.00 27.61 ? 9   PRO A N   1 
ATOM   75  C CA  . PRO A 1 9  ? -12.234 0.802   3.721   1.00 28.46 ? 9   PRO A CA  1 
ATOM   76  C C   . PRO A 1 9  ? -11.192 1.562   2.877   1.00 31.38 ? 9   PRO A C   1 
ATOM   77  O O   . PRO A 1 9  ? -10.034 1.218   2.930   1.00 29.59 ? 9   PRO A O   1 
ATOM   78  C CB  . PRO A 1 9  ? -11.670 -0.065  4.846   1.00 29.30 ? 9   PRO A CB  1 
ATOM   79  C CG  . PRO A 1 9  ? -11.554 -1.463  4.222   1.00 29.59 ? 9   PRO A CG  1 
ATOM   80  C CD  . PRO A 1 9  ? -12.647 -1.537  3.178   1.00 27.17 ? 9   PRO A CD  1 
ATOM   81  N N   . ILE A 1 10 ? -11.653 2.544   2.095   1.00 33.53 ? 10  ILE A N   1 
ATOM   82  C CA  . ILE A 1 10 ? -10.788 3.354   1.197   1.00 36.70 ? 10  ILE A CA  1 
ATOM   83  C C   . ILE A 1 10 ? -10.476 4.670   1.928   1.00 38.75 ? 10  ILE A C   1 
ATOM   84  O O   . ILE A 1 10 ? -11.382 5.321   2.488   1.00 43.16 ? 10  ILE A O   1 
ATOM   85  C CB  . ILE A 1 10 ? -11.401 3.517   -0.203  1.00 35.95 ? 10  ILE A CB  1 
ATOM   86  C CG1 . ILE A 1 10 ? -11.634 2.176   -0.905  1.00 38.39 ? 10  ILE A CG1 1 
ATOM   87  C CG2 . ILE A 1 10 ? -10.520 4.406   -1.080  1.00 35.98 ? 10  ILE A CG2 1 
ATOM   88  C CD1 . ILE A 1 10 ? -12.698 2.234   -1.965  1.00 39.59 ? 10  ILE A CD1 1 
ATOM   89  N N   . VAL A 1 11 ? -9.196  4.950   2.052   1.00 30.76 ? 11  VAL A N   1 
ATOM   90  C CA  . VAL A 1 11 ? -8.638  6.106   2.789   1.00 38.10 ? 11  VAL A CA  1 
ATOM   91  C C   . VAL A 1 11 ? -7.798  6.928   1.818   1.00 41.51 ? 11  VAL A C   1 
ATOM   92  O O   . VAL A 1 11 ? -7.279  6.379   0.824   1.00 31.26 ? 11  VAL A O   1 
ATOM   93  C CB  . VAL A 1 11 ? -7.785  5.710   3.999   1.00 37.69 ? 11  VAL A CB  1 
ATOM   94  C CG1 . VAL A 1 11 ? -8.618  5.138   5.131   1.00 45.00 ? 11  VAL A CG1 1 
ATOM   95  C CG2 . VAL A 1 11 ? -6.615  4.803   3.620   1.00 39.56 ? 11  VAL A CG2 1 
ATOM   96  N N   . THR A 1 12 ? -7.658  8.211   2.147   1.00 43.75 ? 12  THR A N   1 
ATOM   97  C CA  . THR A 1 12 ? -6.725  9.166   1.497   1.00 44.97 ? 12  THR A CA  1 
ATOM   98  C C   . THR A 1 12 ? -5.331  8.960   2.071   1.00 44.14 ? 12  THR A C   1 
ATOM   99  O O   . THR A 1 12 ? -5.193  9.075   3.289   1.00 55.00 ? 12  THR A O   1 
ATOM   100 C CB  . THR A 1 12 ? -7.176  10.613  1.742   1.00 42.68 ? 12  THR A CB  1 
ATOM   101 O OG1 . THR A 1 12 ? -8.457  10.758  1.141   1.00 52.39 ? 12  THR A OG1 1 
ATOM   102 C CG2 . THR A 1 12 ? -6.244  11.638  1.128   1.00 57.54 ? 12  THR A CG2 1 
ATOM   103 N N   . ILE A 1 13 ? -4.341  8.689   1.219   1.00 35.37 ? 13  ILE A N   1 
ATOM   104 C CA  . ILE A 1 13 ? -2.924  8.563   1.636   1.00 38.35 ? 13  ILE A CA  1 
ATOM   105 C C   . ILE A 1 13 ? -2.093  9.659   0.970   1.00 36.12 ? 13  ILE A C   1 
ATOM   106 O O   . ILE A 1 13 ? -2.486  10.100  -0.131  1.00 37.30 ? 13  ILE A O   1 
ATOM   107 C CB  . ILE A 1 13 ? -2.365  7.185   1.279   1.00 39.50 ? 13  ILE A CB  1 
ATOM   108 C CG1 . ILE A 1 13 ? -2.127  7.022   -0.218  1.00 36.35 ? 13  ILE A CG1 1 
ATOM   109 C CG2 . ILE A 1 13 ? -3.289  6.102   1.837   1.00 37.53 ? 13  ILE A CG2 1 
ATOM   110 C CD1 . ILE A 1 13 ? -1.442  5.744   -0.583  1.00 39.63 ? 13  ILE A CD1 1 
ATOM   111 N N   . LYS A 1 14 ? -0.950  9.959   1.572   1.00 34.46 ? 14  LYS A N   1 
ATOM   112 C CA  . LYS A 1 14 ? 0.051   10.918  1.046   1.00 31.76 ? 14  LYS A CA  1 
ATOM   113 C C   . LYS A 1 14 ? 1.311   10.136  0.805   1.00 33.19 ? 14  LYS A C   1 
ATOM   114 O O   . LYS A 1 14 ? 1.786   9.477   1.763   1.00 42.15 ? 14  LYS A O   1 
ATOM   115 C CB  . LYS A 1 14 ? 0.356   12.021  2.046   1.00 32.41 ? 14  LYS A CB  1 
ATOM   116 C CG  . LYS A 1 14 ? -0.712  13.100  2.171   1.00 35.91 ? 14  LYS A CG  1 
ATOM   117 C CD  . LYS A 1 14 ? -0.332  14.137  3.177   1.00 36.29 ? 14  LYS A CD  1 
ATOM   118 C CE  . LYS A 1 14 ? -1.437  15.137  3.400   1.00 37.87 ? 14  LYS A CE  1 
ATOM   119 N NZ  . LYS A 1 14 ? -1.043  16.190  4.361   1.00 37.74 ? 14  LYS A NZ  1 
ATOM   120 N N   . VAL A 1 15 ? 1.771   10.104  -0.441  1.00 27.23 ? 15  VAL A N   1 
ATOM   121 C CA  . VAL A 1 15 ? 2.980   9.345   -0.838  1.00 32.50 ? 15  VAL A CA  1 
ATOM   122 C C   . VAL A 1 15 ? 3.588   10.037  -2.047  1.00 37.60 ? 15  VAL A C   1 
ATOM   123 O O   . VAL A 1 15 ? 2.771   10.448  -2.886  1.00 33.97 ? 15  VAL A O   1 
ATOM   124 C CB  . VAL A 1 15 ? 2.617   7.882   -1.167  1.00 30.24 ? 15  VAL A CB  1 
ATOM   125 C CG1 . VAL A 1 15 ? 1.460   7.798   -2.158  1.00 34.52 ? 15  VAL A CG1 1 
ATOM   126 C CG2 . VAL A 1 15 ? 3.820   7.122   -1.623  1.00 34.60 ? 15  VAL A CG2 1 
ATOM   127 N N   . GLY A 1 16 ? 4.923   10.155  -2.085  1.00 36.46 ? 16  GLY A N   1 
ATOM   128 C CA  . GLY A 1 16 ? 5.704   10.697  -3.221  1.00 37.61 ? 16  GLY A CA  1 
ATOM   129 C C   . GLY A 1 16 ? 5.289   12.112  -3.596  1.00 34.68 ? 16  GLY A C   1 
ATOM   130 O O   . GLY A 1 16 ? 5.380   12.436  -4.779  1.00 35.78 ? 16  GLY A O   1 
ATOM   131 N N   . GLY A 1 17 ? 4.835   12.910  -2.634  1.00 38.64 ? 17  GLY A N   1 
ATOM   132 C CA  . GLY A 1 17 ? 4.291   14.264  -2.846  1.00 41.14 ? 17  GLY A CA  1 
ATOM   133 C C   . GLY A 1 17 ? 2.934   14.279  -3.561  1.00 42.04 ? 17  GLY A C   1 
ATOM   134 O O   . GLY A 1 17 ? 2.555   15.347  -4.073  1.00 34.99 ? 17  GLY A O   1 
ATOM   135 N N   . GLN A 1 18 ? 2.220   13.147  -3.619  1.00 33.71 ? 18  GLN A N   1 
ATOM   136 C CA  . GLN A 1 18 ? 0.884   13.034  -4.265  1.00 38.23 ? 18  GLN A CA  1 
ATOM   137 C C   . GLN A 1 18 ? -0.155  12.664  -3.201  1.00 40.09 ? 18  GLN A C   1 
ATOM   138 O O   . GLN A 1 18 ? 0.234   12.270  -2.074  1.00 34.43 ? 18  GLN A O   1 
ATOM   139 C CB  . GLN A 1 18 ? 0.868   11.956  -5.349  1.00 42.32 ? 18  GLN A CB  1 
ATOM   140 C CG  . GLN A 1 18 ? 1.985   12.091  -6.360  1.00 48.49 ? 18  GLN A CG  1 
ATOM   141 C CD  . GLN A 1 18 ? 1.504   12.924  -7.514  1.00 57.18 ? 18  GLN A CD  1 
ATOM   142 O OE1 . GLN A 1 18 ? 0.626   12.507  -8.266  1.00 62.56 ? 18  GLN A OE1 1 
ATOM   143 N NE2 . GLN A 1 18 ? 2.065   14.116  -7.644  1.00 62.86 ? 18  GLN A NE2 1 
ATOM   144 N N   . LEU A 1 19 ? -1.434  12.833  -3.523  1.00 37.34 ? 19  LEU A N   1 
ATOM   145 C CA  . LEU A 1 19 ? -2.575  12.287  -2.746  1.00 43.40 ? 19  LEU A CA  1 
ATOM   146 C C   . LEU A 1 19 ? -3.119  11.107  -3.530  1.00 43.39 ? 19  LEU A C   1 
ATOM   147 O O   . LEU A 1 19 ? -3.274  11.232  -4.741  1.00 40.82 ? 19  LEU A O   1 
ATOM   148 C CB  . LEU A 1 19 ? -3.698  13.308  -2.571  1.00 47.23 ? 19  LEU A CB  1 
ATOM   149 C CG  . LEU A 1 19 ? -3.523  14.386  -1.516  1.00 50.99 ? 19  LEU A CG  1 
ATOM   150 C CD1 . LEU A 1 19 ? -4.756  15.286  -1.515  1.00 53.49 ? 19  LEU A CD1 1 
ATOM   151 C CD2 . LEU A 1 19 ? -3.300  13.801  -0.130  1.00 47.03 ? 19  LEU A CD2 1 
ATOM   152 N N   . ARG A 1 20 ? -3.414  9.996   -2.856  1.00 40.42 ? 20  ARG A N   1 
ATOM   153 C CA  . ARG A 1 20 ? -3.939  8.777   -3.504  1.00 40.25 ? 20  ARG A CA  1 
ATOM   154 C C   . ARG A 1 20 ? -5.103  8.262   -2.641  1.00 38.14 ? 20  ARG A C   1 
ATOM   155 O O   . ARG A 1 20 ? -5.173  8.613   -1.465  1.00 49.56 ? 20  ARG A O   1 
ATOM   156 C CB  . ARG A 1 20 ? -2.863  7.713   -3.722  1.00 48.58 ? 20  ARG A CB  1 
ATOM   157 C CG  . ARG A 1 20 ? -1.807  8.063   -4.751  1.00 52.00 ? 20  ARG A CG  1 
ATOM   158 C CD  . ARG A 1 20 ? -2.396  7.994   -6.129  1.00 61.49 ? 20  ARG A CD  1 
ATOM   159 N NE  . ARG A 1 20 ? -1.378  8.239   -7.117  1.00 64.11 ? 20  ARG A NE  1 
ATOM   160 C CZ  . ARG A 1 20 ? -0.603  7.312   -7.666  1.00 63.33 ? 20  ARG A CZ  1 
ATOM   161 N NH1 . ARG A 1 20 ? -0.703  6.036   -7.313  1.00 61.71 ? 20  ARG A NH1 1 
ATOM   162 N NH2 . ARG A 1 20 ? 0.274   7.683   -8.583  1.00 60.72 ? 20  ARG A NH2 1 
ATOM   163 N N   . GLU A 1 21 ? -6.062  7.597   -3.279  1.00 37.38 ? 21  GLU A N   1 
ATOM   164 C CA  . GLU A 1 21 ? -7.060  6.725   -2.612  1.00 33.92 ? 21  GLU A CA  1 
ATOM   165 C C   . GLU A 1 21 ? -6.456  5.321   -2.525  1.00 29.84 ? 21  GLU A C   1 
ATOM   166 O O   . GLU A 1 21 ? -5.990  4.781   -3.556  1.00 30.53 ? 21  GLU A O   1 
ATOM   167 C CB  . GLU A 1 21 ? -8.374  6.726   -3.403  1.00 39.82 ? 21  GLU A CB  1 
ATOM   168 C CG  . GLU A 1 21 ? -8.961  8.111   -3.576  1.00 46.04 ? 21  GLU A CG  1 
ATOM   169 C CD  . GLU A 1 21 ? -9.313  8.789   -2.272  1.00 47.73 ? 21  GLU A CD  1 
ATOM   170 O OE1 . GLU A 1 21 ? -10.402 8.480   -1.729  1.00 62.63 ? 21  GLU A OE1 1 
ATOM   171 O OE2 . GLU A 1 21 ? -8.514  9.628   -1.793  1.00 52.34 ? 21  GLU A OE2 1 
ATOM   172 N N   . ALA A 1 22 ? -6.584  4.668   -1.362  1.00 33.18 ? 22  ALA A N   1 
ATOM   173 C CA  . ALA A 1 22 ? -6.102  3.277   -1.269  1.00 28.17 ? 22  ALA A CA  1 
ATOM   174 C C   . ALA A 1 22 ? -7.021  2.465   -0.367  1.00 25.57 ? 22  ALA A C   1 
ATOM   175 O O   . ALA A 1 22 ? -7.555  2.991   0.611   1.00 27.85 ? 22  ALA A O   1 
ATOM   176 C CB  . ALA A 1 22 ? -4.685  3.282   -0.744  1.00 31.57 ? 22  ALA A CB  1 
ATOM   177 N N   . LEU A 1 23 ? -7.121  1.165   -0.661  1.00 27.74 ? 23  LEU A N   1 
ATOM   178 C CA  . LEU A 1 23 ? -7.930  0.203   0.122   1.00 24.33 ? 23  LEU A CA  1 
ATOM   179 C C   . LEU A 1 23 ? -7.074  -0.348  1.246   1.00 27.21 ? 23  LEU A C   1 
ATOM   180 O O   . LEU A 1 23 ? -5.959  -0.816  0.917   1.00 27.83 ? 23  LEU A O   1 
ATOM   181 C CB  . LEU A 1 23 ? -8.354  -0.902  -0.832  1.00 26.44 ? 23  LEU A CB  1 
ATOM   182 C CG  . LEU A 1 23 ? -9.137  -2.045  -0.222  1.00 25.97 ? 23  LEU A CG  1 
ATOM   183 C CD1 . LEU A 1 23 ? -10.442 -1.525  0.355   1.00 27.36 ? 23  LEU A CD1 1 
ATOM   184 C CD2 . LEU A 1 23 ? -9.399  -3.116  -1.267  1.00 26.61 ? 23  LEU A CD2 1 
ATOM   185 N N   . ILE A 1 24 ? -7.616  -0.333  2.473   1.00 28.52 ? 24  ILE A N   1 
ATOM   186 C CA  . ILE A 1 24 ? -7.008  -1.030  3.637   1.00 27.24 ? 24  ILE A CA  1 
ATOM   187 C C   . ILE A 1 24 ? -7.335  -2.499  3.467   1.00 30.50 ? 24  ILE A C   1 
ATOM   188 O O   . ILE A 1 24 ? -8.509  -2.864  3.594   1.00 28.16 ? 24  ILE A O   1 
ATOM   189 C CB  . ILE A 1 24 ? -7.462  -0.442  4.990   1.00 26.33 ? 24  ILE A CB  1 
ATOM   190 C CG1 . ILE A 1 24 ? -7.011  1.019   5.123   1.00 32.45 ? 24  ILE A CG1 1 
ATOM   191 C CG2 . ILE A 1 24 ? -6.880  -1.260  6.162   1.00 30.26 ? 24  ILE A CG2 1 
ATOM   192 C CD1 . ILE A 1 24 ? -7.217  1.641   6.456   1.00 34.88 ? 24  ILE A CD1 1 
ATOM   193 N N   . ASP A 1 25 ? -6.326  -3.339  3.277   1.00 26.79 ? 25  ASP A N   1 
ATOM   194 C CA  . ASP A 1 25 ? -6.501  -4.747  2.845   1.00 25.11 ? 25  ASP A CA  1 
ATOM   195 C C   . ASP A 1 25 ? -5.669  -5.639  3.792   1.00 23.63 ? 25  ASP A C   1 
ATOM   196 O O   . ASP A 1 25 ? -4.503  -5.861  3.498   1.00 25.80 ? 25  ASP A O   1 
ATOM   197 C CB  . ASP A 1 25 ? -6.072  -4.895  1.407   1.00 23.92 ? 25  ASP A CB  1 
ATOM   198 C CG  . ASP A 1 25 ? -6.434  -6.223  0.770   1.00 28.42 ? 25  ASP A CG  1 
ATOM   199 O OD1 . ASP A 1 25 ? -6.838  -7.120  1.502   1.00 34.19 ? 25  ASP A OD1 1 
ATOM   200 O OD2 . ASP A 1 25 ? -6.270  -6.352  -0.442  1.00 33.72 ? 25  ASP A OD2 1 
ATOM   201 N N   . THR A 1 26 ? -6.322  -6.215  4.782   1.00 25.48 ? 26  THR A N   1 
ATOM   202 C CA  . THR A 1 26 ? -5.678  -7.102  5.792   1.00 24.42 ? 26  THR A CA  1 
ATOM   203 C C   . THR A 1 26 ? -5.364  -8.419  5.118   1.00 26.77 ? 26  THR A C   1 
ATOM   204 O O   . THR A 1 26 ? -4.526  -9.164  5.619   1.00 27.40 ? 26  THR A O   1 
ATOM   205 C CB  . THR A 1 26 ? -6.546  -7.302  7.031   1.00 25.17 ? 26  THR A CB  1 
ATOM   206 O OG1 . THR A 1 26 ? -7.743  -7.985  6.616   1.00 29.00 ? 26  THR A OG1 1 
ATOM   207 C CG2 . THR A 1 26 ? -6.766  -5.992  7.752   1.00 25.79 ? 26  THR A CG2 1 
ATOM   208 N N   . GLY A 1 27 ? -5.988  -8.698  3.974   1.00 26.30 ? 27  GLY A N   1 
ATOM   209 C CA  . GLY A 1 27 ? -5.647  -9.875  3.202   1.00 26.12 ? 27  GLY A CA  1 
ATOM   210 C C   . GLY A 1 27 ? -4.413  -9.719  2.318   1.00 29.44 ? 27  GLY A C   1 
ATOM   211 O O   . GLY A 1 27 ? -4.073  -10.727 1.704   1.00 34.20 ? 27  GLY A O   1 
ATOM   212 N N   . ALA A 1 28 ? -3.699  -8.590  2.294   1.00 26.40 ? 28  ALA A N   1 
ATOM   213 C CA  . ALA A 1 28 ? -2.540  -8.306  1.426   1.00 24.82 ? 28  ALA A CA  1 
ATOM   214 C C   . ALA A 1 28 ? -1.301  -8.234  2.304   1.00 25.19 ? 28  ALA A C   1 
ATOM   215 O O   . ALA A 1 28 ? -1.339  -7.491  3.289   1.00 27.46 ? 28  ALA A O   1 
ATOM   216 C CB  . ALA A 1 28 ? -2.686  -7.026  0.647   1.00 23.42 ? 28  ALA A CB  1 
ATOM   217 N N   . ASP A 1 29 ? -0.307  -9.081  2.031   1.00 29.57 ? 29  ASP A N   1 
ATOM   218 C CA  . ASP A 1 29 ? 1.016   -8.992  2.719   1.00 29.67 ? 29  ASP A CA  1 
ATOM   219 C C   . ASP A 1 29 ? 1.646   -7.609  2.497   1.00 27.24 ? 29  ASP A C   1 
ATOM   220 O O   . ASP A 1 29 ? 2.321   -7.078  3.421   1.00 27.67 ? 29  ASP A O   1 
ATOM   221 C CB  . ASP A 1 29 ? 1.935   -10.116 2.224   1.00 28.93 ? 29  ASP A CB  1 
ATOM   222 C CG  . ASP A 1 29 ? 1.440   -11.515 2.514   1.00 27.10 ? 29  ASP A CG  1 
ATOM   223 O OD1 . ASP A 1 29 ? 0.518   -11.705 3.352   1.00 28.87 ? 29  ASP A OD1 1 
ATOM   224 O OD2 . ASP A 1 29 ? 1.953   -12.442 1.812   1.00 35.94 ? 29  ASP A OD2 1 
ATOM   225 N N   . ASP A 1 30 ? 1.542   -7.087  1.285   1.00 28.27 ? 30  ASP A N   1 
ATOM   226 C CA  . ASP A 1 30 ? 2.371   -6.004  0.702   1.00 26.41 ? 30  ASP A CA  1 
ATOM   227 C C   . ASP A 1 30 ? 1.472   -4.837  0.330   1.00 29.12 ? 30  ASP A C   1 
ATOM   228 O O   . ASP A 1 30 ? 0.235   -5.060  0.202   1.00 32.43 ? 30  ASP A O   1 
ATOM   229 C CB  . ASP A 1 30 ? 3.124   -6.462  -0.534  1.00 31.17 ? 30  ASP A CB  1 
ATOM   230 C CG  . ASP A 1 30 ? 4.006   -7.657  -0.249  1.00 32.05 ? 30  ASP A CG  1 
ATOM   231 O OD1 . ASP A 1 30 ? 4.608   -7.714  0.863   1.00 32.38 ? 30  ASP A OD1 1 
ATOM   232 O OD2 . ASP A 1 30 ? 4.034   -8.565  -1.098  1.00 39.32 ? 30  ASP A OD2 1 
ATOM   233 N N   . THR A 1 31 ? 2.075   -3.665  0.200   1.00 25.86 ? 31  THR A N   1 
ATOM   234 C CA  . THR A 1 31 ? 1.465   -2.401  -0.242  1.00 25.86 ? 31  THR A CA  1 
ATOM   235 C C   . THR A 1 31 ? 1.823   -2.192  -1.729  1.00 26.20 ? 31  THR A C   1 
ATOM   236 O O   . THR A 1 31 ? 3.002   -2.155  -2.102  1.00 26.71 ? 31  THR A O   1 
ATOM   237 C CB  . THR A 1 31 ? 1.939   -1.296  0.692   1.00 25.73 ? 31  THR A CB  1 
ATOM   238 O OG1 . THR A 1 31 ? 1.407   -1.649  1.956   1.00 25.16 ? 31  THR A OG1 1 
ATOM   239 C CG2 . THR A 1 31 ? 1.484   0.098   0.318   1.00 27.83 ? 31  THR A CG2 1 
ATOM   240 N N   . ILE A 1 32 ? 0.815   -2.010  -2.560  1.00 23.56 ? 32  ILE A N   1 
ATOM   241 C CA  . ILE A 1 32 ? 1.028   -1.801  -4.013  1.00 25.66 ? 32  ILE A CA  1 
ATOM   242 C C   . ILE A 1 32 ? 0.274   -0.561  -4.472  1.00 28.05 ? 32  ILE A C   1 
ATOM   243 O O   . ILE A 1 32 ? -0.952  -0.422  -4.204  1.00 31.17 ? 32  ILE A O   1 
ATOM   244 C CB  . ILE A 1 32 ? 0.703   -3.056  -4.851  1.00 27.19 ? 32  ILE A CB  1 
ATOM   245 C CG1 . ILE A 1 32 ? 1.112   -2.821  -6.301  1.00 30.75 ? 32  ILE A CG1 1 
ATOM   246 C CG2 . ILE A 1 32 ? -0.758  -3.464  -4.780  1.00 31.45 ? 32  ILE A CG2 1 
ATOM   247 C CD1 . ILE A 1 32 ? 1.266   -4.089  -7.063  1.00 32.09 ? 32  ILE A CD1 1 
ATOM   248 N N   . LEU A 1 33 ? 0.973   0.308   -5.199  1.00 27.30 ? 33  LEU A N   1 
ATOM   249 C CA  . LEU A 1 33 ? 0.339   1.510   -5.769  1.00 29.14 ? 33  LEU A CA  1 
ATOM   250 C C   . LEU A 1 33 ? 0.369   1.417   -7.279  1.00 30.30 ? 33  LEU A C   1 
ATOM   251 O O   . LEU A 1 33 ? 1.303   0.839   -7.850  1.00 28.35 ? 33  LEU A O   1 
ATOM   252 C CB  . LEU A 1 33 ? 1.098   2.756   -5.306  1.00 31.65 ? 33  LEU A CB  1 
ATOM   253 C CG  . LEU A 1 33 ? 1.055   3.029   -3.808  1.00 34.90 ? 33  LEU A CG  1 
ATOM   254 C CD1 . LEU A 1 33 ? 1.696   4.360   -3.498  1.00 41.96 ? 33  LEU A CD1 1 
ATOM   255 C CD2 . LEU A 1 33 ? -0.373  3.022   -3.317  1.00 37.31 ? 33  LEU A CD2 1 
ATOM   256 N N   . GLU A 1 34 ? -0.634  2.009   -7.914  1.00 34.39 ? 34  GLU A N   1 
ATOM   257 C CA  . GLU A 1 34 ? -0.536  2.270   -9.360  1.00 38.40 ? 34  GLU A CA  1 
ATOM   258 C C   . GLU A 1 34 ? 0.661   3.174   -9.637  1.00 39.26 ? 34  GLU A C   1 
ATOM   259 O O   . GLU A 1 34 ? 1.162   3.876   -8.709  1.00 39.98 ? 34  GLU A O   1 
ATOM   260 C CB  . GLU A 1 34 ? -1.823  2.925   -9.861  1.00 43.40 ? 34  GLU A CB  1 
ATOM   261 C CG  . GLU A 1 34 ? -2.914  1.924   -10.056 1.00 48.84 ? 34  GLU A CG  1 
ATOM   262 C CD  . GLU A 1 34 ? -4.299  2.515   -10.270 1.00 55.31 ? 34  GLU A CD  1 
ATOM   263 O OE1 . GLU A 1 34 ? -4.549  3.688   -9.837  1.00 53.79 ? 34  GLU A OE1 1 
ATOM   264 O OE2 . GLU A 1 34 ? -5.142  1.762   -10.817 1.00 52.96 ? 34  GLU A OE2 1 
ATOM   265 N N   . GLU A 1 35 ? 1.061   3.198   -10.901 1.00 38.40 ? 35  GLU A N   1 
ATOM   266 C CA  . GLU A 1 35 ? 2.244   3.944   -11.384 1.00 43.92 ? 35  GLU A CA  1 
ATOM   267 C C   . GLU A 1 35 ? 2.333   5.308   -10.686 1.00 38.20 ? 35  GLU A C   1 
ATOM   268 O O   . GLU A 1 35 ? 1.369   6.086   -10.636 1.00 43.88 ? 35  GLU A O   1 
ATOM   269 C CB  . GLU A 1 35 ? 2.248   3.982   -12.915 1.00 47.35 ? 35  GLU A CB  1 
ATOM   270 C CG  . GLU A 1 35 ? 3.622   4.299   -13.498 1.00 48.69 ? 35  GLU A CG  1 
ATOM   271 C CD  . GLU A 1 35 ? 4.814   3.500   -12.963 1.00 44.37 ? 35  GLU A CD  1 
ATOM   272 O OE1 . GLU A 1 35 ? 4.882   2.252   -13.132 1.00 43.96 ? 35  GLU A OE1 1 
ATOM   273 O OE2 . GLU A 1 35 ? 5.705   4.141   -12.414 1.00 47.13 ? 35  GLU A OE2 1 
ATOM   274 N N   . ILE A 1 36 ? 3.480   5.540   -10.088 1.00 41.19 ? 36  ILE A N   1 
ATOM   275 C CA  . ILE A 1 36 ? 3.832   6.767   -9.349  1.00 41.84 ? 36  ILE A CA  1 
ATOM   276 C C   . ILE A 1 36 ? 5.344   6.784   -9.458  1.00 39.95 ? 36  ILE A C   1 
ATOM   277 O O   . ILE A 1 36 ? 5.909   5.694   -9.579  1.00 43.53 ? 36  ILE A O   1 
ATOM   278 C CB  . ILE A 1 36 ? 3.308   6.737   -7.896  1.00 42.53 ? 36  ILE A CB  1 
ATOM   279 C CG1 . ILE A 1 36 ? 3.635   8.044   -7.169  1.00 39.08 ? 36  ILE A CG1 1 
ATOM   280 C CG2 . ILE A 1 36 ? 3.824   5.504   -7.153  1.00 40.34 ? 36  ILE A CG2 1 
ATOM   281 C CD1 . ILE A 1 36 ? 2.620   8.421   -6.089  1.00 46.42 ? 36  ILE A CD1 1 
ATOM   282 N N   . ASN A 1 37 ? 5.945   7.968   -9.549  1.00 44.55 ? 37  ASN A N   1 
ATOM   283 C CA  . ASN A 1 37 ? 7.414   8.135   -9.510  1.00 48.50 ? 37  ASN A CA  1 
ATOM   284 C C   . ASN A 1 37 ? 7.805   8.237   -8.042  1.00 48.51 ? 37  ASN A C   1 
ATOM   285 O O   . ASN A 1 37 ? 7.387   9.177   -7.348  1.00 54.33 ? 37  ASN A O   1 
ATOM   286 C CB  . ASN A 1 37 ? 7.849   9.293   -10.402 1.00 58.94 ? 37  ASN A CB  1 
ATOM   287 C CG  . ASN A 1 37 ? 7.445   9.021   -11.835 1.00 63.71 ? 37  ASN A CG  1 
ATOM   288 O OD1 . ASN A 1 37 ? 7.020   7.909   -12.158 1.00 71.45 ? 37  ASN A OD1 1 
ATOM   289 N ND2 . ASN A 1 37 ? 7.571   10.021  -12.691 1.00 76.87 ? 37  ASN A ND2 1 
ATOM   290 N N   . LEU A 1 38 ? 8.515   7.241   -7.550  1.00 39.40 ? 38  LEU A N   1 
ATOM   291 C CA  . LEU A 1 38 ? 8.930   7.262   -6.140  1.00 41.56 ? 38  LEU A CA  1 
ATOM   292 C C   . LEU A 1 38 ? 10.419  7.508   -6.201  1.00 44.29 ? 38  LEU A C   1 
ATOM   293 O O   . LEU A 1 38 ? 11.027  7.200   -7.228  1.00 42.54 ? 38  LEU A O   1 
ATOM   294 C CB  . LEU A 1 38 ? 8.582   5.946   -5.457  1.00 37.85 ? 38  LEU A CB  1 
ATOM   295 C CG  . LEU A 1 38 ? 7.100   5.735   -5.184  1.00 36.78 ? 38  LEU A CG  1 
ATOM   296 C CD1 . LEU A 1 38 ? 6.892   4.453   -4.383  1.00 38.09 ? 38  LEU A CD1 1 
ATOM   297 C CD2 . LEU A 1 38 ? 6.499   6.937   -4.466  1.00 39.42 ? 38  LEU A CD2 1 
ATOM   298 N N   . PRO A 1 39 ? 10.966  8.142   -5.145  1.00 49.50 ? 39  PRO A N   1 
ATOM   299 C CA  . PRO A 1 39 ? 12.395  8.400   -5.056  1.00 53.57 ? 39  PRO A CA  1 
ATOM   300 C C   . PRO A 1 39 ? 13.148  7.141   -4.609  1.00 46.44 ? 39  PRO A C   1 
ATOM   301 O O   . PRO A 1 39 ? 12.623  6.325   -3.838  1.00 41.27 ? 39  PRO A O   1 
ATOM   302 C CB  . PRO A 1 39 ? 12.461  9.494   -3.975  1.00 53.25 ? 39  PRO A CB  1 
ATOM   303 C CG  . PRO A 1 39 ? 11.367  9.085   -3.006  1.00 53.34 ? 39  PRO A CG  1 
ATOM   304 C CD  . PRO A 1 39 ? 10.257  8.585   -3.927  1.00 47.88 ? 39  PRO A CD  1 
ATOM   305 N N   . GLY A 1 40 ? 14.404  7.065   -5.020  1.00 46.32 ? 40  GLY A N   1 
ATOM   306 C CA  . GLY A 1 40 ? 15.348  6.087   -4.459  1.00 42.57 ? 40  GLY A CA  1 
ATOM   307 C C   . GLY A 1 40 ? 15.547  4.934   -5.406  1.00 37.90 ? 40  GLY A C   1 
ATOM   308 O O   . GLY A 1 40 ? 15.086  4.983   -6.567  1.00 33.34 ? 40  GLY A O   1 
ATOM   309 N N   . ARG A 1 41 ? 16.207  3.936   -4.883  1.00 35.44 ? 41  ARG A N   1 
ATOM   310 C CA  . ARG A 1 41 ? 16.604  2.716   -5.604  1.00 41.86 ? 41  ARG A CA  1 
ATOM   311 C C   . ARG A 1 41 ? 15.374  1.820   -5.557  1.00 36.36 ? 41  ARG A C   1 
ATOM   312 O O   . ARG A 1 41 ? 14.642  1.839   -4.538  1.00 39.19 ? 41  ARG A O   1 
ATOM   313 C CB  . ARG A 1 41 ? 17.846  2.127   -4.927  1.00 47.67 ? 41  ARG A CB  1 
ATOM   314 C CG  . ARG A 1 41 ? 18.302  0.758   -5.420  1.00 60.45 ? 41  ARG A CG  1 
ATOM   315 C CD  . ARG A 1 41 ? 19.460  0.231   -4.572  1.00 67.08 ? 41  ARG A CD  1 
ATOM   316 N NE  . ARG A 1 41 ? 20.423  1.302   -4.319  1.00 74.55 ? 41  ARG A NE  1 
ATOM   317 C CZ  . ARG A 1 41 ? 21.307  1.772   -5.204  1.00 80.20 ? 41  ARG A CZ  1 
ATOM   318 N NH1 . ARG A 1 41 ? 21.394  1.244   -6.416  1.00 86.84 ? 41  ARG A NH1 1 
ATOM   319 N NH2 . ARG A 1 41 ? 22.116  2.765   -4.867  1.00 73.27 ? 41  ARG A NH2 1 
ATOM   320 N N   . TRP A 1 42 ? 15.156  1.081   -6.617  1.00 34.62 ? 42  TRP A N   1 
ATOM   321 C CA  . TRP A 1 42 ? 14.135  0.022   -6.691  1.00 31.85 ? 42  TRP A CA  1 
ATOM   322 C C   . TRP A 1 42 ? 14.804  -1.232  -7.224  1.00 30.24 ? 42  TRP A C   1 
ATOM   323 O O   . TRP A 1 42 ? 15.861  -1.143  -7.910  1.00 35.44 ? 42  TRP A O   1 
ATOM   324 C CB  . TRP A 1 42 ? 12.902  0.463   -7.522  1.00 31.29 ? 42  TRP A CB  1 
ATOM   325 C CG  . TRP A 1 42 ? 13.221  0.790   -8.953  1.00 31.96 ? 42  TRP A CG  1 
ATOM   326 C CD1 . TRP A 1 42 ? 13.630  1.976   -9.479  1.00 38.11 ? 42  TRP A CD1 1 
ATOM   327 C CD2 . TRP A 1 42 ? 13.243  -0.149  -10.039 1.00 35.56 ? 42  TRP A CD2 1 
ATOM   328 N NE1 . TRP A 1 42 ? 13.867  1.848   -10.829 1.00 38.46 ? 42  TRP A NE1 1 
ATOM   329 C CE2 . TRP A 1 42 ? 13.643  0.554   -11.192 1.00 38.36 ? 42  TRP A CE2 1 
ATOM   330 C CE3 . TRP A 1 42 ? 12.970  -1.515  -10.126 1.00 33.59 ? 42  TRP A CE3 1 
ATOM   331 C CZ2 . TRP A 1 42 ? 13.745  -0.057  -12.444 1.00 41.74 ? 42  TRP A CZ2 1 
ATOM   332 C CZ3 . TRP A 1 42 ? 13.071  -2.115  -11.365 1.00 40.54 ? 42  TRP A CZ3 1 
ATOM   333 C CH2 . TRP A 1 42 ? 13.479  -1.394  -12.491 1.00 39.58 ? 42  TRP A CH2 1 
ATOM   334 N N   . LYS A 1 43 ? 14.242  -2.374  -6.868  1.00 31.97 ? 43  LYS A N   1 
ATOM   335 C CA  . LYS A 1 43 ? 14.594  -3.663  -7.475  1.00 33.18 ? 43  LYS A CA  1 
ATOM   336 C C   . LYS A 1 43 ? 13.317  -4.283  -8.005  1.00 36.05 ? 43  LYS A C   1 
ATOM   337 O O   . LYS A 1 43 ? 12.223  -4.016  -7.493  1.00 33.60 ? 43  LYS A O   1 
ATOM   338 C CB  . LYS A 1 43 ? 15.299  -4.556  -6.450  1.00 39.60 ? 43  LYS A CB  1 
ATOM   339 C CG  . LYS A 1 43 ? 14.556  -4.734  -5.140  1.00 47.68 ? 43  LYS A CG  1 
ATOM   340 C CD  . LYS A 1 43 ? 15.166  -5.794  -4.268  1.00 49.39 ? 43  LYS A CD  1 
ATOM   341 C CE  . LYS A 1 43 ? 15.223  -5.372  -2.818  1.00 52.72 ? 43  LYS A CE  1 
ATOM   342 N NZ  . LYS A 1 43 ? 15.402  -6.543  -1.932  1.00 58.64 ? 43  LYS A NZ  1 
ATOM   343 N N   . PRO A 1 44 ? 13.405  -5.053  -9.108  1.00 40.96 ? 44  PRO A N   1 
ATOM   344 C CA  . PRO A 1 44 ? 12.259  -5.815  -9.618  1.00 36.37 ? 44  PRO A CA  1 
ATOM   345 C C   . PRO A 1 44 ? 11.830  -6.921  -8.654  1.00 34.88 ? 44  PRO A C   1 
ATOM   346 O O   . PRO A 1 44 ? 12.656  -7.395  -7.847  1.00 39.40 ? 44  PRO A O   1 
ATOM   347 C CB  . PRO A 1 44 ? 12.801  -6.379  -10.946 1.00 41.33 ? 44  PRO A CB  1 
ATOM   348 C CG  . PRO A 1 44 ? 14.287  -6.508  -10.688 1.00 46.33 ? 44  PRO A CG  1 
ATOM   349 C CD  . PRO A 1 44 ? 14.623  -5.251  -9.919  1.00 44.04 ? 44  PRO A CD  1 
ATOM   350 N N   . LYS A 1 45 ? 10.528  -7.204  -8.636  1.00 34.95 ? 45  LYS A N   1 
ATOM   351 C CA  . LYS A 1 45 ? 9.904   -8.239  -7.788  1.00 35.29 ? 45  LYS A CA  1 
ATOM   352 C C   . LYS A 1 45 ? 8.770   -8.887  -8.582  1.00 35.48 ? 45  LYS A C   1 
ATOM   353 O O   . LYS A 1 45 ? 8.036   -8.176  -9.248  1.00 31.19 ? 45  LYS A O   1 
ATOM   354 C CB  . LYS A 1 45 ? 9.406   -7.619  -6.484  1.00 36.86 ? 45  LYS A CB  1 
ATOM   355 C CG  . LYS A 1 45 ? 8.543   -8.515  -5.614  1.00 39.82 ? 45  LYS A CG  1 
ATOM   356 C CD  . LYS A 1 45 ? 8.055   -7.841  -4.372  1.00 39.47 ? 45  LYS A CD  1 
ATOM   357 C CE  . LYS A 1 45 ? 7.321   -8.760  -3.415  1.00 43.72 ? 45  LYS A CE  1 
ATOM   358 N NZ  . LYS A 1 45 ? 8.285   -9.584  -2.661  1.00 41.60 ? 45  LYS A NZ  1 
ATOM   359 N N   . LEU A 1 46 ? 8.646   -10.205 -8.480  1.00 39.54 ? 46  LEU A N   1 
ATOM   360 C CA  . LEU A 1 46 ? 7.556   -11.001 -9.092  1.00 43.61 ? 46  LEU A CA  1 
ATOM   361 C C   . LEU A 1 46 ? 6.457   -11.223 -8.061  1.00 41.90 ? 46  LEU A C   1 
ATOM   362 O O   . LEU A 1 46 ? 6.773   -11.693 -6.970  1.00 43.91 ? 46  LEU A O   1 
ATOM   363 C CB  . LEU A 1 46 ? 8.146   -12.332 -9.559  1.00 44.33 ? 46  LEU A CB  1 
ATOM   364 C CG  . LEU A 1 46 ? 8.994   -12.285 -10.818 1.00 46.06 ? 46  LEU A CG  1 
ATOM   365 C CD1 . LEU A 1 46 ? 9.308   -13.697 -11.275 1.00 51.07 ? 46  LEU A CD1 1 
ATOM   366 C CD2 . LEU A 1 46 ? 8.297   -11.520 -11.935 1.00 48.90 ? 46  LEU A CD2 1 
ATOM   367 N N   . ILE A 1 47 ? 5.230   -10.809 -8.348  1.00 39.19 ? 47  ILE A N   1 
ATOM   368 C CA  . ILE A 1 47 ? 4.057   -11.056 -7.458  1.00 44.39 ? 47  ILE A CA  1 
ATOM   369 C C   . ILE A 1 47 ? 3.074   -11.952 -8.239  1.00 41.10 ? 47  ILE A C   1 
ATOM   370 O O   . ILE A 1 47 ? 3.335   -12.156 -9.420  1.00 36.68 ? 47  ILE A O   1 
ATOM   371 C CB  . ILE A 1 47 ? 3.505   -9.722  -6.927  1.00 40.80 ? 47  ILE A CB  1 
ATOM   372 C CG1 . ILE A 1 47 ? 3.027   -8.794  -8.045  1.00 47.16 ? 47  ILE A CG1 1 
ATOM   373 C CG2 . ILE A 1 47 ? 4.549   -9.043  -6.059  1.00 48.11 ? 47  ILE A CG2 1 
ATOM   374 C CD1 . ILE A 1 47 ? 2.449   -7.483  -7.551  1.00 47.93 ? 47  ILE A CD1 1 
ATOM   375 N N   . GLY A 1 48 ? 2.081   -12.600 -7.603  1.00 48.28 ? 48  GLY A N   1 
ATOM   376 C CA  . GLY A 1 48 ? 1.320   -13.724 -8.227  1.00 51.63 ? 48  GLY A CA  1 
ATOM   377 C C   . GLY A 1 48 ? 0.192   -13.224 -9.141  1.00 62.99 ? 48  GLY A C   1 
ATOM   378 O O   . GLY A 1 48 ? -0.324  -12.122 -8.891  1.00 63.46 ? 48  GLY A O   1 
ATOM   379 N N   . GLY A 1 49 ? -0.208  -13.967 -10.183 1.00 64.32 ? 49  GLY A N   1 
ATOM   380 C CA  . GLY A 1 49 ? -1.187  -13.462 -11.168 1.00 55.64 ? 49  GLY A CA  1 
ATOM   381 C C   . GLY A 1 49 ? -2.175  -14.513 -11.687 1.00 56.74 ? 49  GLY A C   1 
ATOM   382 O O   . GLY A 1 49 ? -1.964  -15.725 -11.521 1.00 47.51 ? 49  GLY A O   1 
ATOM   383 N N   . ILE A 1 50 ? -3.236  -14.076 -12.362 0.50 54.94 ? 50  ILE A N   1 
ATOM   384 C CA  . ILE A 1 50 ? -4.180  -15.038 -12.997 0.50 55.21 ? 50  ILE A CA  1 
ATOM   385 C C   . ILE A 1 50 ? -3.381  -15.824 -14.035 0.50 56.30 ? 50  ILE A C   1 
ATOM   386 O O   . ILE A 1 50 ? -3.227  -15.311 -15.172 0.50 57.40 ? 50  ILE A O   1 
ATOM   387 C CB  . ILE A 1 50 ? -5.414  -14.363 -13.619 0.50 50.89 ? 50  ILE A CB  1 
ATOM   388 C CG1 . ILE A 1 50 ? -6.342  -15.442 -14.180 0.50 52.65 ? 50  ILE A CG1 1 
ATOM   389 C CG2 . ILE A 1 50 ? -5.015  -13.334 -14.665 0.50 51.80 ? 50  ILE A CG2 1 
ATOM   390 C CD1 . ILE A 1 50 ? -7.304  -14.965 -15.222 0.50 49.83 ? 50  ILE A CD1 1 
ATOM   391 N N   . GLY A 1 51 ? -2.863  -16.999 -13.644 1.00 58.45 ? 51  GLY A N   1 
ATOM   392 C CA  . GLY A 1 51 ? -2.013  -17.787 -14.534 1.00 54.52 ? 51  GLY A CA  1 
ATOM   393 C C   . GLY A 1 51 ? -0.831  -16.934 -14.894 1.00 45.25 ? 51  GLY A C   1 
ATOM   394 O O   . GLY A 1 51 ? -0.710  -16.567 -16.058 1.00 44.37 ? 51  GLY A O   1 
ATOM   395 N N   . GLY A 1 52 ? -0.030  -16.595 -13.884 1.00 36.33 ? 52  GLY A N   1 
ATOM   396 C CA  . GLY A 1 52 ? 1.333   -16.114 -14.131 1.00 35.15 ? 52  GLY A CA  1 
ATOM   397 C C   . GLY A 1 52 ? 1.795   -15.116 -13.104 1.00 27.37 ? 52  GLY A C   1 
ATOM   398 O O   . GLY A 1 52 ? 1.135   -14.918 -12.066 1.00 34.18 ? 52  GLY A O   1 
ATOM   399 N N   . PHE A 1 53 ? 2.947   -14.525 -13.378 1.00 33.74 ? 53  PHE A N   1 
ATOM   400 C CA  . PHE A 1 53 ? 3.541   -13.538 -12.456 1.00 32.23 ? 53  PHE A CA  1 
ATOM   401 C C   . PHE A 1 53 ? 3.376   -12.139 -13.071 1.00 28.68 ? 53  PHE A C   1 
ATOM   402 O O   . PHE A 1 53 ? 3.359   -12.056 -14.285 1.00 32.41 ? 53  PHE A O   1 
ATOM   403 C CB  . PHE A 1 53 ? 5.003   -13.875 -12.194 1.00 34.71 ? 53  PHE A CB  1 
ATOM   404 C CG  . PHE A 1 53 ? 5.176   -15.186 -11.464 1.00 36.34 ? 53  PHE A CG  1 
ATOM   405 C CD1 . PHE A 1 53 ? 4.956   -15.262 -10.103 1.00 37.94 ? 53  PHE A CD1 1 
ATOM   406 C CD2 . PHE A 1 53 ? 5.459   -16.344 -12.167 1.00 43.82 ? 53  PHE A CD2 1 
ATOM   407 C CE1 . PHE A 1 53 ? 5.098   -16.465 -9.439  1.00 39.86 ? 53  PHE A CE1 1 
ATOM   408 C CE2 . PHE A 1 53 ? 5.546   -17.555 -11.499 1.00 44.88 ? 53  PHE A CE2 1 
ATOM   409 C CZ  . PHE A 1 53 ? 5.411   -17.592 -10.137 1.00 37.75 ? 53  PHE A CZ  1 
ATOM   410 N N   . ILE A 1 54 ? 3.372   -11.119 -12.218 1.00 33.99 ? 54  ILE A N   1 
ATOM   411 C CA  . ILE A 1 54 ? 3.419   -9.686  -12.584 1.00 28.91 ? 54  ILE A CA  1 
ATOM   412 C C   . ILE A 1 54 ? 4.770   -9.150  -12.090 1.00 30.56 ? 54  ILE A C   1 
ATOM   413 O O   . ILE A 1 54 ? 5.192   -9.520  -10.963 1.00 32.13 ? 54  ILE A O   1 
ATOM   414 C CB  . ILE A 1 54 ? 2.177   -8.983  -12.011 1.00 33.73 ? 54  ILE A CB  1 
ATOM   415 C CG1 . ILE A 1 54 ? 0.905   -9.536  -12.670 1.00 37.35 ? 54  ILE A CG1 1 
ATOM   416 C CG2 . ILE A 1 54 ? 2.276   -7.476  -12.215 1.00 36.46 ? 54  ILE A CG2 1 
ATOM   417 C CD1 . ILE A 1 54 ? -0.366  -8.978  -12.109 1.00 39.26 ? 54  ILE A CD1 1 
ATOM   418 N N   . LYS A 1 55 ? 5.528   -8.490  -12.955 1.00 28.83 ? 55  LYS A N   1 
ATOM   419 C CA  . LYS A 1 55 ? 6.777   -7.818  -12.525 1.00 30.05 ? 55  LYS A CA  1 
ATOM   420 C C   . LYS A 1 55 ? 6.443   -6.410  -12.003 1.00 31.83 ? 55  LYS A C   1 
ATOM   421 O O   . LYS A 1 55 ? 5.783   -5.632  -12.719 1.00 32.24 ? 55  LYS A O   1 
ATOM   422 C CB  . LYS A 1 55 ? 7.831   -7.789  -13.598 1.00 32.23 ? 55  LYS A CB  1 
ATOM   423 C CG  . LYS A 1 55 ? 9.169   -7.382  -13.007 1.00 37.35 ? 55  LYS A CG  1 
ATOM   424 C CD  . LYS A 1 55 ? 10.311  -7.353  -13.964 1.00 39.34 ? 55  LYS A CD  1 
ATOM   425 C CE  . LYS A 1 55 ? 10.316  -8.487  -14.954 1.00 41.03 ? 55  LYS A CE  1 
ATOM   426 N NZ  . LYS A 1 55 ? 11.519  -8.363  -15.808 1.00 46.48 ? 55  LYS A NZ  1 
ATOM   427 N N   . VAL A 1 56 ? 6.925   -6.047  -10.803 1.00 28.29 ? 56  VAL A N   1 
ATOM   428 C CA  . VAL A 1 56 ? 6.678   -4.716  -10.180 1.00 26.58 ? 56  VAL A CA  1 
ATOM   429 C C   . VAL A 1 56 ? 8.006   -4.176  -9.662  1.00 26.25 ? 56  VAL A C   1 
ATOM   430 O O   . VAL A 1 56 ? 8.986   -4.923  -9.614  1.00 30.44 ? 56  VAL A O   1 
ATOM   431 C CB  . VAL A 1 56 ? 5.652   -4.773  -9.039  1.00 30.66 ? 56  VAL A CB  1 
ATOM   432 C CG1 . VAL A 1 56 ? 4.300   -5.209  -9.547  1.00 38.32 ? 56  VAL A CG1 1 
ATOM   433 C CG2 . VAL A 1 56 ? 6.101   -5.673  -7.905  1.00 35.31 ? 56  VAL A CG2 1 
ATOM   434 N N   . ARG A 1 57 ? 8.040   -2.897  -9.373  1.00 31.13 ? 57  ARG A N   1 
ATOM   435 C CA  . ARG A 1 57 ? 9.247   -2.262  -8.826  1.00 27.68 ? 57  ARG A CA  1 
ATOM   436 C C   . ARG A 1 57 ? 9.056   -2.148  -7.313  1.00 29.04 ? 57  ARG A C   1 
ATOM   437 O O   . ARG A 1 57 ? 8.045   -1.609  -6.850  1.00 27.67 ? 57  ARG A O   1 
ATOM   438 C CB  . ARG A 1 57 ? 9.440   -0.906  -9.448  1.00 30.03 ? 57  ARG A CB  1 
ATOM   439 C CG  . ARG A 1 57 ? 9.573   -0.930  -10.951 1.00 30.87 ? 57  ARG A CG  1 
ATOM   440 C CD  . ARG A 1 57 ? 10.068  0.420   -11.417 1.00 33.89 ? 57  ARG A CD  1 
ATOM   441 N NE  . ARG A 1 57 ? 9.387   1.617   -10.983 1.00 38.16 ? 57  ARG A NE  1 
ATOM   442 C CZ  . ARG A 1 57 ? 8.218   2.070   -11.424 1.00 39.22 ? 57  ARG A CZ  1 
ATOM   443 N NH1 . ARG A 1 57 ? 7.512   1.385   -12.302 1.00 40.02 ? 57  ARG A NH1 1 
ATOM   444 N NH2 . ARG A 1 57 ? 7.735   3.200   -10.933 1.00 38.91 ? 57  ARG A NH2 1 
ATOM   445 N N   . GLN A 1 58 ? 10.046  -2.628  -6.597  1.00 26.67 ? 58  GLN A N   1 
ATOM   446 C CA  . GLN A 1 58 ? 10.059  -2.597  -5.121  1.00 27.30 ? 58  GLN A CA  1 
ATOM   447 C C   . GLN A 1 58 ? 10.946  -1.438  -4.672  1.00 25.53 ? 58  GLN A C   1 
ATOM   448 O O   . GLN A 1 58 ? 12.175  -1.469  -4.964  1.00 29.01 ? 58  GLN A O   1 
ATOM   449 C CB  . GLN A 1 58 ? 10.428  -3.959  -4.564  1.00 25.02 ? 58  GLN A CB  1 
ATOM   450 C CG  . GLN A 1 58 ? 10.635  -3.980  -3.065  1.00 26.06 ? 58  GLN A CG  1 
ATOM   451 C CD  . GLN A 1 58 ? 11.109  -5.318  -2.566  1.00 33.10 ? 58  GLN A CD  1 
ATOM   452 O OE1 . GLN A 1 58 ? 10.656  -6.353  -3.032  1.00 38.25 ? 58  GLN A OE1 1 
ATOM   453 N NE2 . GLN A 1 58 ? 12.019  -5.315  -1.592  1.00 33.40 ? 58  GLN A NE2 1 
ATOM   454 N N   . TYR A 1 59 ? 10.322  -0.477  -3.996  1.00 24.65 ? 59  TYR A N   1 
ATOM   455 C CA  . TYR A 1 59 ? 10.965  0.635   -3.258  1.00 27.62 ? 59  TYR A CA  1 
ATOM   456 C C   . TYR A 1 59 ? 10.920  0.313   -1.767  1.00 28.56 ? 59  TYR A C   1 
ATOM   457 O O   . TYR A 1 59 ? 9.837   0.128   -1.141  1.00 29.91 ? 59  TYR A O   1 
ATOM   458 C CB  . TYR A 1 59 ? 10.290  1.960   -3.600  1.00 28.20 ? 59  TYR A CB  1 
ATOM   459 C CG  . TYR A 1 59 ? 10.322  2.305   -5.068  1.00 27.12 ? 59  TYR A CG  1 
ATOM   460 C CD1 . TYR A 1 59 ? 9.395   1.776   -5.972  1.00 25.55 ? 59  TYR A CD1 1 
ATOM   461 C CD2 . TYR A 1 59 ? 11.227  3.255   -5.543  1.00 27.62 ? 59  TYR A CD2 1 
ATOM   462 C CE1 . TYR A 1 59 ? 9.389   2.197   -7.299  1.00 31.99 ? 59  TYR A CE1 1 
ATOM   463 C CE2 . TYR A 1 59 ? 11.201  3.699   -6.857  1.00 29.43 ? 59  TYR A CE2 1 
ATOM   464 C CZ  . TYR A 1 59 ? 10.304  3.125   -7.749  1.00 27.23 ? 59  TYR A CZ  1 
ATOM   465 O OH  . TYR A 1 59 ? 10.286  3.471   -9.074  1.00 32.71 ? 59  TYR A OH  1 
ATOM   466 N N   . ASP A 1 60 ? 12.080  0.369   -1.127  1.00 30.91 ? 60  ASP A N   1 
ATOM   467 C CA  . ASP A 1 60 ? 12.139  0.171   0.338   1.00 33.04 ? 60  ASP A CA  1 
ATOM   468 C C   . ASP A 1 60 ? 12.113  1.544   1.015   1.00 34.18 ? 60  ASP A C   1 
ATOM   469 O O   . ASP A 1 60 ? 12.458  2.554   0.356   1.00 38.65 ? 60  ASP A O   1 
ATOM   470 C CB  . ASP A 1 60 ? 13.315  -0.737  0.731   1.00 32.91 ? 60  ASP A CB  1 
ATOM   471 C CG  . ASP A 1 60 ? 13.334  -2.095  0.057   1.00 40.03 ? 60  ASP A CG  1 
ATOM   472 O OD1 . ASP A 1 60 ? 12.265  -2.704  -0.177  1.00 44.05 ? 60  ASP A OD1 1 
ATOM   473 O OD2 . ASP A 1 60 ? 14.408  -2.548  -0.213  1.00 47.37 ? 60  ASP A OD2 1 
ATOM   474 N N   . GLN A 1 61 ? 11.591  1.561   2.242   1.00 38.33 ? 61  GLN A N   1 
ATOM   475 C CA  . GLN A 1 61 ? 11.625  2.664   3.224   1.00 44.85 ? 61  GLN A CA  1 
ATOM   476 C C   . GLN A 1 61 ? 11.114  3.904   2.497   1.00 44.01 ? 61  GLN A C   1 
ATOM   477 O O   . GLN A 1 61 ? 11.838  4.882   2.353   1.00 44.02 ? 61  GLN A O   1 
ATOM   478 C CB  . GLN A 1 61 ? 13.006  2.659   3.893   1.00 50.84 ? 61  GLN A CB  1 
ATOM   479 C CG  . GLN A 1 61 ? 13.412  1.219   4.252   1.00 57.45 ? 61  GLN A CG  1 
ATOM   480 C CD  . GLN A 1 61 ? 14.517  0.972   5.255   1.00 69.32 ? 61  GLN A CD  1 
ATOM   481 O OE1 . GLN A 1 61 ? 15.545  1.645   5.262   1.00 65.19 ? 61  GLN A OE1 1 
ATOM   482 N NE2 . GLN A 1 61 ? 14.335  -0.074  6.061   1.00 69.47 ? 61  GLN A NE2 1 
ATOM   483 N N   . ILE A 1 62 ? 9.843   3.829   2.126   1.00 37.03 ? 62  ILE A N   1 
ATOM   484 C CA  . ILE A 1 62 ? 9.076   4.967   1.574   1.00 35.70 ? 62  ILE A CA  1 
ATOM   485 C C   . ILE A 1 62 ? 8.165   5.508   2.646   1.00 34.68 ? 62  ILE A C   1 
ATOM   486 O O   . ILE A 1 62 ? 7.391   4.749   3.214   1.00 38.53 ? 62  ILE A O   1 
ATOM   487 C CB  . ILE A 1 62 ? 8.299   4.498   0.333   1.00 35.39 ? 62  ILE A CB  1 
ATOM   488 C CG1 . ILE A 1 62 ? 9.294   4.088   -0.744  1.00 34.53 ? 62  ILE A CG1 1 
ATOM   489 C CG2 . ILE A 1 62 ? 7.291   5.558   -0.122  1.00 36.74 ? 62  ILE A CG2 1 
ATOM   490 C CD1 . ILE A 1 62 ? 10.001  5.253   -1.433  1.00 37.00 ? 62  ILE A CD1 1 
ATOM   491 N N   . PRO A 1 63 ? 8.237   6.829   2.926   1.00 39.29 ? 63  PRO A N   1 
ATOM   492 C CA  . PRO A 1 63 ? 7.203   7.514   3.704   1.00 47.27 ? 63  PRO A CA  1 
ATOM   493 C C   . PRO A 1 63 ? 5.805   7.574   3.076   1.00 49.18 ? 63  PRO A C   1 
ATOM   494 O O   . PRO A 1 63 ? 5.596   7.954   1.950   1.00 44.91 ? 63  PRO A O   1 
ATOM   495 C CB  . PRO A 1 63 ? 7.741   8.939   3.885   1.00 49.21 ? 63  PRO A CB  1 
ATOM   496 C CG  . PRO A 1 63 ? 9.180   8.897   3.433   1.00 43.58 ? 63  PRO A CG  1 
ATOM   497 C CD  . PRO A 1 63 ? 9.300   7.727   2.473   1.00 43.83 ? 63  PRO A CD  1 
ATOM   498 N N   . ILE A 1 64 ? 4.839   7.198   3.876   1.00 41.33 ? 64  ILE A N   1 
ATOM   499 C CA  . ILE A 1 64 ? 3.406   7.313   3.552   1.00 42.91 ? 64  ILE A CA  1 
ATOM   500 C C   . ILE A 1 64 ? 2.794   8.067   4.726   1.00 48.33 ? 64  ILE A C   1 
ATOM   501 O O   . ILE A 1 64 ? 3.525   8.201   5.754   1.00 51.88 ? 64  ILE A O   1 
ATOM   502 C CB  . ILE A 1 64 ? 2.890   5.887   3.267   1.00 53.42 ? 64  ILE A CB  1 
ATOM   503 C CG1 . ILE A 1 64 ? 2.749   5.693   1.765   1.00 46.34 ? 64  ILE A CG1 1 
ATOM   504 C CG2 . ILE A 1 64 ? 1.622   5.511   4.021   1.00 55.54 ? 64  ILE A CG2 1 
ATOM   505 C CD1 . ILE A 1 64 ? 2.261   4.315   1.344   1.00 57.90 ? 64  ILE A CD1 1 
ATOM   506 N N   . GLU A 1 65 ? 1.609   8.636   4.518   1.00 38.22 ? 65  GLU A N   1 
ATOM   507 C CA  . GLU A 1 65 ? 0.675   9.134   5.554   1.00 39.20 ? 65  GLU A CA  1 
ATOM   508 C C   . GLU A 1 65 ? -0.738  8.589   5.340   1.00 48.75 ? 65  GLU A C   1 
ATOM   509 O O   . GLU A 1 65 ? -1.401  8.928   4.347   1.00 50.68 ? 65  GLU A O   1 
ATOM   510 C CB  . GLU A 1 65 ? 0.676   10.662  5.571   1.00 39.67 ? 65  GLU A CB  1 
ATOM   511 C CG  . GLU A 1 65 ? 0.222   11.252  6.883   1.00 42.53 ? 65  GLU A CG  1 
ATOM   512 C CD  . GLU A 1 65 ? 0.212   12.778  6.904   1.00 47.42 ? 65  GLU A CD  1 
ATOM   513 O OE1 . GLU A 1 65 ? 1.310   13.376  7.021   1.00 45.07 ? 65  GLU A OE1 1 
ATOM   514 O OE2 . GLU A 1 65 ? -0.885  13.355  6.766   1.00 47.37 ? 65  GLU A OE2 1 
ATOM   515 N N   . ILE A 1 66 ? -1.223  7.799   6.288   1.00 46.37 ? 66  ILE A N   1 
ATOM   516 C CA  . ILE A 1 66 ? -2.593  7.211   6.268   1.00 49.07 ? 66  ILE A CA  1 
ATOM   517 C C   . ILE A 1 66 ? -3.393  7.873   7.386   1.00 47.36 ? 66  ILE A C   1 
ATOM   518 O O   . ILE A 1 66 ? -2.972  7.745   8.545   1.00 50.05 ? 66  ILE A O   1 
ATOM   519 C CB  . ILE A 1 66 ? -2.496  5.677   6.412   1.00 51.13 ? 66  ILE A CB  1 
ATOM   520 C CG1 . ILE A 1 66 ? -1.392  5.133   5.499   1.00 51.39 ? 66  ILE A CG1 1 
ATOM   521 C CG2 . ILE A 1 66 ? -3.840  5.009   6.171   1.00 52.08 ? 66  ILE A CG2 1 
ATOM   522 C CD1 . ILE A 1 66 ? -0.925  3.740   5.830   1.00 52.82 ? 66  ILE A CD1 1 
ATOM   523 N N   . CYS A 1 67 ? -4.478  8.587   7.065   1.00 49.10 ? 67  CYS A N   1 
ATOM   524 C CA  . CYS A 1 67 ? -5.330  9.327   8.043   1.00 51.02 ? 67  CYS A CA  1 
ATOM   525 C C   . CYS A 1 67 ? -4.432  9.969   9.104   1.00 49.71 ? 67  CYS A C   1 
ATOM   526 O O   . CYS A 1 67 ? -4.697  9.797   10.319  1.00 57.00 ? 67  CYS A O   1 
ATOM   527 C CB  . CYS A 1 67 ? -6.360  8.420   8.719   1.00 55.59 ? 67  CYS A CB  1 
ATOM   528 S SG  . CYS A 1 67 ? -7.609  7.736   7.602   1.00 60.38 ? 67  CYS A SG  1 
ATOM   529 N N   . GLY A 1 68 ? -3.367  10.631  8.665   1.00 46.23 ? 68  GLY A N   1 
ATOM   530 C CA  . GLY A 1 68 ? -2.527  11.499  9.510   1.00 45.75 ? 68  GLY A CA  1 
ATOM   531 C C   . GLY A 1 68 ? -1.446  10.754  10.251  1.00 44.55 ? 68  GLY A C   1 
ATOM   532 O O   . GLY A 1 68 ? -0.682  11.414  10.913  1.00 46.78 ? 68  GLY A O   1 
ATOM   533 N N   . HIS A 1 69 ? -1.390  9.415   10.169  1.00 45.83 ? 69  HIS A N   1 
ATOM   534 C CA  . HIS A 1 69 ? -0.310  8.584   10.765  1.00 44.66 ? 69  HIS A CA  1 
ATOM   535 C C   . HIS A 1 69 ? 0.791   8.344   9.730   1.00 40.50 ? 69  HIS A C   1 
ATOM   536 O O   . HIS A 1 69 ? 0.471   7.820   8.655   1.00 45.18 ? 69  HIS A O   1 
ATOM   537 C CB  . HIS A 1 69 ? -0.881  7.255   11.307  1.00 39.88 ? 69  HIS A CB  1 
ATOM   538 C CG  . HIS A 1 69 ? -1.836  7.371   12.447  1.00 40.98 ? 69  HIS A CG  1 
ATOM   539 N ND1 . HIS A 1 69 ? -3.080  7.968   12.342  1.00 45.13 ? 69  HIS A ND1 1 
ATOM   540 C CD2 . HIS A 1 69 ? -1.749  6.898   13.704  1.00 41.57 ? 69  HIS A CD2 1 
ATOM   541 C CE1 . HIS A 1 69 ? -3.698  7.910   13.498  1.00 48.51 ? 69  HIS A CE1 1 
ATOM   542 N NE2 . HIS A 1 69 ? -2.898  7.258   14.347  1.00 49.63 ? 69  HIS A NE2 1 
ATOM   543 N N   . GLN A 1 70 ? 2.034   8.707   10.037  1.00 40.20 ? 70  GLN A N   1 
ATOM   544 C CA  . GLN A 1 70 ? 3.226   8.437   9.196   1.00 45.30 ? 70  GLN A CA  1 
ATOM   545 C C   . GLN A 1 70 ? 3.574   6.960   9.423   1.00 53.81 ? 70  GLN A C   1 
ATOM   546 O O   . GLN A 1 70 ? 3.195   6.413   10.496  1.00 44.25 ? 70  GLN A O   1 
ATOM   547 C CB  . GLN A 1 70 ? 4.329   9.481   9.455   1.00 52.66 ? 70  GLN A CB  1 
ATOM   548 C CG  . GLN A 1 70 ? 5.780   8.988   9.310   1.00 57.93 ? 70  GLN A CG  1 
ATOM   549 C CD  . GLN A 1 70 ? 6.629   9.317   8.089   1.00 59.89 ? 70  GLN A CD  1 
ATOM   550 O OE1 . GLN A 1 70 ? 7.725   8.758   7.920   1.00 60.82 ? 70  GLN A OE1 1 
ATOM   551 N NE2 . GLN A 1 70 ? 6.217   10.268  7.251   1.00 41.47 ? 70  GLN A NE2 1 
ATOM   552 N N   . ALA A 1 71 ? 4.160   6.335   8.399   1.00 50.38 ? 71  ALA A N   1 
ATOM   553 C CA  . ALA A 1 71 ? 4.583   4.919   8.324   1.00 42.24 ? 71  ALA A CA  1 
ATOM   554 C C   . ALA A 1 71 ? 5.621   4.801   7.219   1.00 48.32 ? 71  ALA A C   1 
ATOM   555 O O   . ALA A 1 71 ? 5.242   5.166   6.102   1.00 50.45 ? 71  ALA A O   1 
ATOM   556 C CB  . ALA A 1 71 ? 3.402   4.049   8.041   1.00 48.71 ? 71  ALA A CB  1 
ATOM   557 N N   . ILE A 1 72 ? 6.866   4.395   7.531   1.00 47.87 ? 72  ILE A N   1 
ATOM   558 C CA  . ILE A 1 72 ? 7.924   4.011   6.556   1.00 41.09 ? 72  ILE A CA  1 
ATOM   559 C C   . ILE A 1 72 ? 7.737   2.529   6.194   1.00 35.69 ? 72  ILE A C   1 
ATOM   560 O O   . ILE A 1 72 ? 7.463   1.711   7.109   1.00 33.34 ? 72  ILE A O   1 
ATOM   561 C CB  . ILE A 1 72 ? 9.334   4.272   7.099   1.00 41.51 ? 72  ILE A CB  1 
ATOM   562 C CG1 . ILE A 1 72 ? 9.620   5.763   7.272   1.00 52.16 ? 72  ILE A CG1 1 
ATOM   563 C CG2 . ILE A 1 72 ? 10.373  3.619   6.220   1.00 44.80 ? 72  ILE A CG2 1 
ATOM   564 C CD1 . ILE A 1 72 ? 10.964  6.045   7.915   1.00 49.85 ? 72  ILE A CD1 1 
ATOM   565 N N   . GLY A 1 73 ? 7.873   2.164   4.917   1.00 32.26 ? 73  GLY A N   1 
ATOM   566 C CA  . GLY A 1 73 ? 7.824   0.735   4.533   1.00 31.02 ? 73  GLY A CA  1 
ATOM   567 C C   . GLY A 1 73 ? 8.017   0.541   3.057   1.00 28.24 ? 73  GLY A C   1 
ATOM   568 O O   . GLY A 1 73 ? 8.341   1.519   2.310   1.00 30.31 ? 73  GLY A O   1 
ATOM   569 N N   . THR A 1 74 ? 7.947   -0.702  2.658   1.00 29.22 ? 74  THR A N   1 
ATOM   570 C CA  . THR A 1 74 ? 8.154   -1.139  1.272   1.00 28.84 ? 74  THR A CA  1 
ATOM   571 C C   . THR A 1 74 ? 6.899   -0.746  0.511   1.00 25.00 ? 74  THR A C   1 
ATOM   572 O O   . THR A 1 74 ? 5.794   -0.985  1.007   1.00 31.01 ? 74  THR A O   1 
ATOM   573 C CB  . THR A 1 74 ? 8.547   -2.612  1.212   1.00 33.47 ? 74  THR A CB  1 
ATOM   574 O OG1 . THR A 1 74 ? 9.871   -2.702  1.758   1.00 36.80 ? 74  THR A OG1 1 
ATOM   575 C CG2 . THR A 1 74 ? 8.554   -3.172  -0.195  1.00 31.55 ? 74  THR A CG2 1 
ATOM   576 N N   . VAL A 1 75 ? 7.078   -0.180  -0.674  1.00 27.44 ? 75  VAL A N   1 
ATOM   577 C CA  . VAL A 1 75 ? 5.913   0.038   -1.571  1.00 30.31 ? 75  VAL A CA  1 
ATOM   578 C C   . VAL A 1 75 ? 6.285   -0.616  -2.893  1.00 30.62 ? 75  VAL A C   1 
ATOM   579 O O   . VAL A 1 75 ? 7.333   -0.298  -3.411  1.00 29.08 ? 75  VAL A O   1 
ATOM   580 C CB  . VAL A 1 75 ? 5.617   1.526   -1.708  1.00 31.18 ? 75  VAL A CB  1 
ATOM   581 C CG1 . VAL A 1 75 ? 4.571   1.811   -2.761  1.00 33.03 ? 75  VAL A CG1 1 
ATOM   582 C CG2 . VAL A 1 75 ? 5.230   2.123   -0.384  1.00 36.11 ? 75  VAL A CG2 1 
ATOM   583 N N   . LEU A 1 76 ? 5.357   -1.391  -3.453  1.00 28.78 ? 76  LEU A N   1 
ATOM   584 C CA  . LEU A 1 76 ? 5.454   -1.971  -4.805  1.00 27.70 ? 76  LEU A CA  1 
ATOM   585 C C   . LEU A 1 76 ? 4.736   -1.032  -5.752  1.00 28.60 ? 76  LEU A C   1 
ATOM   586 O O   . LEU A 1 76 ? 3.740   -0.410  -5.326  1.00 28.90 ? 76  LEU A O   1 
ATOM   587 C CB  . LEU A 1 76 ? 4.849   -3.380  -4.788  1.00 24.61 ? 76  LEU A CB  1 
ATOM   588 C CG  . LEU A 1 76 ? 5.345   -4.279  -3.671  1.00 27.55 ? 76  LEU A CG  1 
ATOM   589 C CD1 . LEU A 1 76 ? 4.805   -5.685  -3.808  1.00 30.92 ? 76  LEU A CD1 1 
ATOM   590 C CD2 . LEU A 1 76 ? 6.862   -4.283  -3.583  1.00 27.58 ? 76  LEU A CD2 1 
ATOM   591 N N   . VAL A 1 77 ? 5.292   -0.850  -6.962  1.00 27.82 ? 77  VAL A N   1 
ATOM   592 C CA  . VAL A 1 77 ? 4.675   0.032   -7.989  1.00 28.10 ? 77  VAL A CA  1 
ATOM   593 C C   . VAL A 1 77 ? 4.511   -0.796  -9.248  1.00 32.71 ? 77  VAL A C   1 
ATOM   594 O O   . VAL A 1 77 ? 5.485   -1.434  -9.699  1.00 31.59 ? 77  VAL A O   1 
ATOM   595 C CB  . VAL A 1 77 ? 5.473   1.333   -8.247  1.00 28.29 ? 77  VAL A CB  1 
ATOM   596 C CG1 . VAL A 1 77 ? 4.734   2.188   -9.251  1.00 29.09 ? 77  VAL A CG1 1 
ATOM   597 C CG2 . VAL A 1 77 ? 5.750   2.176   -7.002  1.00 30.07 ? 77  VAL A CG2 1 
ATOM   598 N N   . GLY A 1 78 ? 3.275   -0.877  -9.727  1.00 32.39 ? 78  GLY A N   1 
ATOM   599 C CA  . GLY A 1 78 ? 3.022   -1.436  -11.069 1.00 40.18 ? 78  GLY A CA  1 
ATOM   600 C C   . GLY A 1 78 ? 1.529   -1.647  -11.242 1.00 34.60 ? 78  GLY A C   1 
ATOM   601 O O   . GLY A 1 78 ? 0.749   -1.030  -10.509 1.00 36.74 ? 78  GLY A O   1 
ATOM   602 N N   . PRO A 1 79 ? 1.145   -2.590  -12.130 1.00 44.00 ? 79  PRO A N   1 
ATOM   603 C CA  . PRO A 1 79 ? -0.249  -2.806  -12.509 1.00 42.58 ? 79  PRO A CA  1 
ATOM   604 C C   . PRO A 1 79 ? -1.028  -3.368  -11.314 1.00 45.40 ? 79  PRO A C   1 
ATOM   605 O O   . PRO A 1 79 ? -0.642  -4.385  -10.761 1.00 57.10 ? 79  PRO A O   1 
ATOM   606 C CB  . PRO A 1 79 ? -0.201  -3.813  -13.675 1.00 42.78 ? 79  PRO A CB  1 
ATOM   607 C CG  . PRO A 1 79 ? 1.252   -4.003  -14.006 1.00 43.36 ? 79  PRO A CG  1 
ATOM   608 C CD  . PRO A 1 79 ? 2.047   -3.553  -12.792 1.00 43.71 ? 79  PRO A CD  1 
ATOM   609 N N   . THR A 1 80 ? -2.045  -2.647  -10.882 1.00 41.88 ? 80  THR A N   1 
ATOM   610 C CA  . THR A 1 80 ? -2.897  -3.064  -9.741  1.00 43.79 ? 80  THR A CA  1 
ATOM   611 C C   . THR A 1 80 ? -4.284  -2.476  -9.974  1.00 40.42 ? 80  THR A C   1 
ATOM   612 O O   . THR A 1 80 ? -4.421  -1.323  -10.380 1.00 51.35 ? 80  THR A O   1 
ATOM   613 C CB  . THR A 1 80 ? -2.365  -2.639  -8.357  1.00 37.01 ? 80  THR A CB  1 
ATOM   614 O OG1 . THR A 1 80 ? -3.387  -2.836  -7.367  1.00 38.99 ? 80  THR A OG1 1 
ATOM   615 C CG2 . THR A 1 80 ? -2.003  -1.188  -8.244  1.00 36.61 ? 80  THR A CG2 1 
ATOM   616 N N   . PRO A 1 81 ? -5.337  -3.272  -9.745  1.00 47.32 ? 81  PRO A N   1 
ATOM   617 C CA  . PRO A 1 81 ? -6.707  -2.761  -9.844  1.00 50.69 ? 81  PRO A CA  1 
ATOM   618 C C   . PRO A 1 81 ? -7.044  -1.584  -8.899  1.00 60.05 ? 81  PRO A C   1 
ATOM   619 O O   . PRO A 1 81 ? -8.121  -1.013  -9.039  1.00 58.84 ? 81  PRO A O   1 
ATOM   620 C CB  . PRO A 1 81 ? -7.596  -3.980  -9.523  1.00 47.18 ? 81  PRO A CB  1 
ATOM   621 C CG  . PRO A 1 81 ? -6.686  -5.192  -9.382  1.00 45.92 ? 81  PRO A CG  1 
ATOM   622 C CD  . PRO A 1 81 ? -5.250  -4.708  -9.426  1.00 44.30 ? 81  PRO A CD  1 
ATOM   623 N N   . ALA A 1 82 ? -6.155  -1.225  -7.956  1.00 60.09 ? 82  ALA A N   1 
ATOM   624 C CA  . ALA A 1 82 ? -6.382  -0.176  -6.934  1.00 55.00 ? 82  ALA A CA  1 
ATOM   625 C C   . ALA A 1 82 ? -5.094  0.085   -6.146  1.00 49.66 ? 82  ALA A C   1 
ATOM   626 O O   . ALA A 1 82 ? -4.206  -0.755  -6.117  1.00 44.14 ? 82  ALA A O   1 
ATOM   627 C CB  . ALA A 1 82 ? -7.495  -0.599  -5.996  1.00 62.66 ? 82  ALA A CB  1 
ATOM   628 N N   . ASN A 1 83 ? -4.991  1.229   -5.499  1.00 41.49 ? 83  ASN A N   1 
ATOM   629 C CA  . ASN A 1 83 ? -3.939  1.366   -4.472  1.00 39.89 ? 83  ASN A CA  1 
ATOM   630 C C   . ASN A 1 83 ? -4.385  0.456   -3.318  1.00 35.57 ? 83  ASN A C   1 
ATOM   631 O O   . ASN A 1 83 ? -5.580  0.517   -2.907  1.00 30.55 ? 83  ASN A O   1 
ATOM   632 C CB  . ASN A 1 83 ? -3.671  2.830   -4.180  1.00 41.10 ? 83  ASN A CB  1 
ATOM   633 C CG  . ASN A 1 83 ? -3.378  3.571   -5.471  1.00 47.83 ? 83  ASN A CG  1 
ATOM   634 O OD1 . ASN A 1 83 ? -2.670  3.038   -6.320  1.00 44.45 ? 83  ASN A OD1 1 
ATOM   635 N ND2 . ASN A 1 83 ? -3.990  4.739   -5.658  1.00 41.98 ? 83  ASN A ND2 1 
ATOM   636 N N   . VAL A 1 84 ? -3.471  -0.386  -2.849  1.00 31.05 ? 84  VAL A N   1 
ATOM   637 C CA  . VAL A 1 84 ? -3.730  -1.302  -1.718  1.00 26.81 ? 84  VAL A CA  1 
ATOM   638 C C   . VAL A 1 84 ? -2.718  -1.028  -0.608  1.00 27.03 ? 84  VAL A C   1 
ATOM   639 O O   . VAL A 1 84 ? -1.526  -1.037  -0.872  1.00 26.22 ? 84  VAL A O   1 
ATOM   640 C CB  . VAL A 1 84 ? -3.713  -2.744  -2.224  1.00 34.52 ? 84  VAL A CB  1 
ATOM   641 C CG1 . VAL A 1 84 ? -3.720  -3.749  -1.108  1.00 38.53 ? 84  VAL A CG1 1 
ATOM   642 C CG2 . VAL A 1 84 ? -4.886  -2.981  -3.174  1.00 33.80 ? 84  VAL A CG2 1 
ATOM   643 N N   . ILE A 1 85 ? -3.200  -0.801  0.604   1.00 24.18 ? 85  ILE A N   1 
ATOM   644 C CA  . ILE A 1 85 ? -2.361  -0.716  1.832   1.00 22.11 ? 85  ILE A CA  1 
ATOM   645 C C   . ILE A 1 85 ? -2.421  -2.083  2.469   1.00 24.18 ? 85  ILE A C   1 
ATOM   646 O O   . ILE A 1 85 ? -3.471  -2.401  2.969   1.00 23.83 ? 85  ILE A O   1 
ATOM   647 C CB  . ILE A 1 85 ? -2.860  0.351   2.818   1.00 27.16 ? 85  ILE A CB  1 
ATOM   648 C CG1 . ILE A 1 85 ? -3.091  1.714   2.151   1.00 25.82 ? 85  ILE A CG1 1 
ATOM   649 C CG2 . ILE A 1 85 ? -1.876  0.456   3.984   1.00 26.68 ? 85  ILE A CG2 1 
ATOM   650 C CD1 . ILE A 1 85 ? -1.850  2.341   1.542   1.00 30.66 ? 85  ILE A CD1 1 
ATOM   651 N N   . GLY A 1 86 ? -1.299  -2.790  2.478   1.00 25.52 ? 86  GLY A N   1 
ATOM   652 C CA  . GLY A 1 86 ? -1.226  -4.139  3.029   1.00 26.36 ? 86  GLY A CA  1 
ATOM   653 C C   . GLY A 1 86 ? -0.581  -4.113  4.397   1.00 28.04 ? 86  GLY A C   1 
ATOM   654 O O   . GLY A 1 86 ? -0.407  -3.035  5.021   1.00 22.98 ? 86  GLY A O   1 
ATOM   655 N N   . ARG A 1 87 ? -0.410  -5.307  4.920   1.00 27.70 ? 87  ARG A N   1 
ATOM   656 C CA  . ARG A 1 87 ? -0.071  -5.486  6.340   1.00 28.40 ? 87  ARG A CA  1 
ATOM   657 C C   . ARG A 1 87 ? 1.275   -4.811  6.671   1.00 25.54 ? 87  ARG A C   1 
ATOM   658 O O   . ARG A 1 87 ? 1.405   -4.332  7.824   1.00 29.06 ? 87  ARG A O   1 
ATOM   659 C CB  . ARG A 1 87 ? -0.103  -6.980  6.693   1.00 27.73 ? 87  ARG A CB  1 
ATOM   660 C CG  . ARG A 1 87 ? -1.497  -7.576  6.839   1.00 28.24 ? 87  ARG A CG  1 
ATOM   661 C CD  . ARG A 1 87 ? -1.495  -9.016  7.349   1.00 25.26 ? 87  ARG A CD  1 
ATOM   662 N NE  . ARG A 1 87 ? -0.614  -9.893  6.602   1.00 31.60 ? 87  ARG A NE  1 
ATOM   663 C CZ  . ARG A 1 87 ? 0.674   -10.247 6.859   1.00 30.03 ? 87  ARG A CZ  1 
ATOM   664 N NH1 . ARG A 1 87 ? 1.354   -9.869  7.922   1.00 30.60 ? 87  ARG A NH1 1 
ATOM   665 N NH2 . ARG A 1 87 ? 1.289   -11.001 5.990   1.00 29.70 ? 87  ARG A NH2 1 
ATOM   666 N N   . ASN A 1 88 ? 2.276   -4.903  5.796   1.00 26.13 ? 88  ASN A N   1 
ATOM   667 C CA  . ASN A 1 88 ? 3.606   -4.254  6.003   1.00 25.80 ? 88  ASN A CA  1 
ATOM   668 C C   . ASN A 1 88 ? 3.431   -2.773  6.423   1.00 29.59 ? 88  ASN A C   1 
ATOM   669 O O   . ASN A 1 88 ? 4.185   -2.293  7.269   1.00 27.15 ? 88  ASN A O   1 
ATOM   670 C CB  . ASN A 1 88 ? 4.529   -4.417  4.823   1.00 27.06 ? 88  ASN A CB  1 
ATOM   671 C CG  . ASN A 1 88 ? 4.157   -3.459  3.700   1.00 27.69 ? 88  ASN A CG  1 
ATOM   672 O OD1 . ASN A 1 88 ? 3.007   -3.456  3.220   1.00 29.19 ? 88  ASN A OD1 1 
ATOM   673 N ND2 . ASN A 1 88 ? 5.058   -2.544  3.396   1.00 26.05 ? 88  ASN A ND2 1 
ATOM   674 N N   . MET A 1 89 ? 2.440   -2.059  5.922   1.00 24.26 ? 89  MET A N   1 
ATOM   675 C CA  . MET A 1 89 ? 2.226   -0.649  6.276   1.00 26.95 ? 89  MET A CA  1 
ATOM   676 C C   . MET A 1 89 ? 1.259   -0.556  7.449   1.00 27.24 ? 89  MET A C   1 
ATOM   677 O O   . MET A 1 89 ? 1.434   0.347   8.302   1.00 32.54 ? 89  MET A O   1 
ATOM   678 C CB  . MET A 1 89 ? 1.729   0.147   5.062   1.00 28.01 ? 89  MET A CB  1 
ATOM   679 C CG  . MET A 1 89 ? 2.764   0.467   4.080   1.00 28.33 ? 89  MET A CG  1 
ATOM   680 S SD  . MET A 1 89 ? 4.179   1.416   4.740   1.00 32.57 ? 89  MET A SD  1 
ATOM   681 C CE  . MET A 1 89 ? 4.840   2.238   3.295   1.00 37.07 ? 89  MET A CE  1 
ATOM   682 N N   . LEU A 1 90 ? 0.247   -1.453  7.571   1.00 24.01 ? 90  LEU A N   1 
ATOM   683 C CA  . LEU A 1 90 ? -0.766  -1.319  8.625   1.00 26.37 ? 90  LEU A CA  1 
ATOM   684 C C   . LEU A 1 90 ? -0.116  -1.518  9.994   1.00 29.29 ? 90  LEU A C   1 
ATOM   685 O O   . LEU A 1 90 ? -0.620  -0.894  10.940  1.00 32.92 ? 90  LEU A O   1 
ATOM   686 C CB  . LEU A 1 90 ? -1.850  -2.345  8.364   1.00 30.18 ? 90  LEU A CB  1 
ATOM   687 C CG  . LEU A 1 90 ? -2.586  -2.109  7.051   1.00 24.87 ? 90  LEU A CG  1 
ATOM   688 C CD1 . LEU A 1 90 ? -3.594  -3.209  6.836   1.00 27.01 ? 90  LEU A CD1 1 
ATOM   689 C CD2 . LEU A 1 90 ? -3.303  -0.766  7.085   1.00 27.22 ? 90  LEU A CD2 1 
ATOM   690 N N   . THR A 1 91 ? 0.878   -2.399  10.113  1.00 30.61 ? 91  THR A N   1 
ATOM   691 C CA  . THR A 1 91 ? 1.573   -2.603  11.415  1.00 32.84 ? 91  THR A CA  1 
ATOM   692 C C   . THR A 1 91 ? 2.229   -1.301  11.884  1.00 36.67 ? 91  THR A C   1 
ATOM   693 O O   . THR A 1 91 ? 2.235   -1.021  13.111  1.00 34.02 ? 91  THR A O   1 
ATOM   694 C CB  . THR A 1 91 ? 2.661   -3.675  11.360  1.00 33.42 ? 91  THR A CB  1 
ATOM   695 O OG1 . THR A 1 91 ? 3.596   -3.513  10.296  1.00 35.96 ? 91  THR A OG1 1 
ATOM   696 C CG2 . THR A 1 91 ? 2.004   -5.033  11.246  1.00 30.18 ? 91  THR A CG2 1 
ATOM   697 N N   . GLN A 1 92 ? 2.781   -0.567  10.931  1.00 38.01 ? 92  GLN A N   1 
ATOM   698 C CA  . GLN A 1 92 ? 3.543   0.678   11.202  1.00 38.01 ? 92  GLN A CA  1 
ATOM   699 C C   . GLN A 1 92 ? 2.604   1.720   11.827  1.00 44.83 ? 92  GLN A C   1 
ATOM   700 O O   . GLN A 1 92 ? 3.068   2.471   12.702  1.00 49.21 ? 92  GLN A O   1 
ATOM   701 C CB  . GLN A 1 92 ? 4.239   1.126   9.919   1.00 34.13 ? 92  GLN A CB  1 
ATOM   702 C CG  . GLN A 1 92 ? 5.247   0.171   9.342   1.00 35.64 ? 92  GLN A CG  1 
ATOM   703 C CD  . GLN A 1 92 ? 6.348   -0.211  10.304  1.00 38.40 ? 92  GLN A CD  1 
ATOM   704 O OE1 . GLN A 1 92 ? 7.177   0.612   10.708  1.00 35.24 ? 92  GLN A OE1 1 
ATOM   705 N NE2 . GLN A 1 92 ? 6.361   -1.474  10.690  1.00 40.92 ? 92  GLN A NE2 1 
ATOM   706 N N   . ILE A 1 93 ? 1.317   1.778   11.476  1.00 41.79 ? 93  ILE A N   1 
ATOM   707 C CA  . ILE A 1 93 ? 0.381   2.819   12.006  1.00 43.53 ? 93  ILE A CA  1 
ATOM   708 C C   . ILE A 1 93 ? -0.398  2.290   13.229  1.00 38.09 ? 93  ILE A C   1 
ATOM   709 O O   . ILE A 1 93 ? -1.270  2.994   13.778  1.00 40.54 ? 93  ILE A O   1 
ATOM   710 C CB  . ILE A 1 93 ? -0.493  3.336   10.838  1.00 44.23 ? 93  ILE A CB  1 
ATOM   711 C CG1 . ILE A 1 93 ? -1.441  2.270   10.279  1.00 38.83 ? 93  ILE A CG1 1 
ATOM   712 C CG2 . ILE A 1 93 ? 0.419   3.859   9.745   1.00 45.92 ? 93  ILE A CG2 1 
ATOM   713 C CD1 . ILE A 1 93 ? -2.504  2.813   9.358   1.00 41.12 ? 93  ILE A CD1 1 
ATOM   714 N N   . GLY A 1 94 ? -0.120  1.049   13.650  1.00 41.41 ? 94  GLY A N   1 
ATOM   715 C CA  . GLY A 1 94 ? -0.790  0.394   14.792  1.00 43.76 ? 94  GLY A CA  1 
ATOM   716 C C   . GLY A 1 94 ? -2.196  -0.049  14.471  1.00 39.41 ? 94  GLY A C   1 
ATOM   717 O O   . GLY A 1 94 ? -3.057  -0.035  15.366  1.00 44.78 ? 94  GLY A O   1 
ATOM   718 N N   . CYS A 1 95 ? -2.457  -0.423  13.213  1.00 40.42 ? 95  CYS A N   1 
ATOM   719 C CA  . CYS A 1 95 ? -3.791  -0.884  12.765  1.00 39.52 ? 95  CYS A CA  1 
ATOM   720 C C   . CYS A 1 95 ? -4.048  -2.311  13.269  1.00 31.68 ? 95  CYS A C   1 
ATOM   721 O O   . CYS A 1 95 ? -3.232  -3.185  12.969  1.00 37.33 ? 95  CYS A O   1 
ATOM   722 C CB  . CYS A 1 95 ? -3.959  -0.851  11.247  1.00 36.71 ? 95  CYS A CB  1 
ATOM   723 S SG  . CYS A 1 95 ? -5.686  -1.058  10.789  1.00 37.32 ? 95  CYS A SG  1 
ATOM   724 N N   . THR A 1 96 ? -5.123  -2.470  14.013  1.00 39.35 ? 96  THR A N   1 
ATOM   725 C CA  . THR A 1 96 ? -5.594  -3.794  14.451  1.00 39.81 ? 96  THR A CA  1 
ATOM   726 C C   . THR A 1 96 ? -7.000  -4.028  13.930  1.00 35.66 ? 96  THR A C   1 
ATOM   727 O O   . THR A 1 96 ? -7.769  -3.095  13.614  1.00 37.10 ? 96  THR A O   1 
ATOM   728 C CB  . THR A 1 96 ? -5.355  -3.926  15.965  1.00 37.21 ? 96  THR A CB  1 
ATOM   729 O OG1 . THR A 1 96 ? -6.153  -2.934  16.597  1.00 39.76 ? 96  THR A OG1 1 
ATOM   730 C CG2 . THR A 1 96 ? -3.898  -3.783  16.303  1.00 37.90 ? 96  THR A CG2 1 
ATOM   731 N N   . LEU A 1 97 ? -7.373  -5.309  13.872  1.00 33.34 ? 97  LEU A N   1 
ATOM   732 C CA  . LEU A 1 97 ? -8.775  -5.732  13.780  1.00 31.08 ? 97  LEU A CA  1 
ATOM   733 C C   . LEU A 1 97 ? -9.344  -5.918  15.190  1.00 33.84 ? 97  LEU A C   1 
ATOM   734 O O   . LEU A 1 97 ? -8.619  -6.482  16.020  1.00 40.11 ? 97  LEU A O   1 
ATOM   735 C CB  . LEU A 1 97 ? -8.834  -7.043  13.007  1.00 34.31 ? 97  LEU A CB  1 
ATOM   736 C CG  . LEU A 1 97 ? -8.454  -6.950  11.540  1.00 35.53 ? 97  LEU A CG  1 
ATOM   737 C CD1 . LEU A 1 97 ? -7.878  -8.271  11.033  1.00 34.79 ? 97  LEU A CD1 1 
ATOM   738 C CD2 . LEU A 1 97 ? -9.674  -6.532  10.757  1.00 28.39 ? 97  LEU A CD2 1 
ATOM   739 N N   . ASN A 1 98 ? -10.590 -5.554  15.397  1.00 32.59 ? 98  ASN A N   1 
ATOM   740 C CA  . ASN A 1 98 ? -11.192 -5.509  16.773  1.00 40.34 ? 98  ASN A CA  1 
ATOM   741 C C   . ASN A 1 98 ? -12.628 -5.998  16.719  1.00 37.52 ? 98  ASN A C   1 
ATOM   742 O O   . ASN A 1 98 ? -13.380 -5.575  15.848  1.00 37.50 ? 98  ASN A O   1 
ATOM   743 C CB  . ASN A 1 98 ? -11.009 -4.125  17.420  1.00 38.49 ? 98  ASN A CB  1 
ATOM   744 C CG  . ASN A 1 98 ? -9.564  -3.880  17.781  1.00 41.67 ? 98  ASN A CG  1 
ATOM   745 O OD1 . ASN A 1 98 ? -9.132  -4.275  18.859  1.00 48.31 ? 98  ASN A OD1 1 
ATOM   746 N ND2 . ASN A 1 98 ? -8.765  -3.328  16.870  1.00 38.46 ? 98  ASN A ND2 1 
ATOM   747 N N   . PHE A 1 99 ? -13.026 -6.939  17.597  1.00 41.78 ? 99  PHE A N   1 
ATOM   748 C CA  . PHE A 1 99 ? -14.456 -7.309  17.762  1.00 46.86 ? 99  PHE A CA  1 
ATOM   749 C C   . PHE A 1 99 ? -14.680 -8.006  19.116  1.00 48.91 ? 99  PHE A C   1 
ATOM   750 O O   . PHE A 1 99 ? -15.793 -8.385  19.416  1.00 50.23 ? 99  PHE A O   1 
ATOM   751 C CB  . PHE A 1 99 ? -14.979 -8.170  16.611  1.00 42.63 ? 99  PHE A CB  1 
ATOM   752 C CG  . PHE A 1 99 ? -14.237 -9.442  16.304  1.00 44.95 ? 99  PHE A CG  1 
ATOM   753 C CD1 . PHE A 1 99 ? -13.133 -9.443  15.461  1.00 43.54 ? 99  PHE A CD1 1 
ATOM   754 C CD2 . PHE A 1 99 ? -14.721 -10.660 16.768  1.00 44.36 ? 99  PHE A CD2 1 
ATOM   755 C CE1 . PHE A 1 99 ? -12.492 -10.622 15.123  1.00 48.44 ? 99  PHE A CE1 1 
ATOM   756 C CE2 . PHE A 1 99 ? -14.067 -11.842 16.443  1.00 46.41 ? 99  PHE A CE2 1 
ATOM   757 C CZ  . PHE A 1 99 ? -12.951 -11.821 15.628  1.00 50.39 ? 99  PHE A CZ  1 
ATOM   758 O OXT . PHE A 1 99 ? -13.769 -8.161  19.891  1.00 47.47 ? 99  PHE A OXT 1 
HETATM 759 O O   . HOH B 2 .  ? -17.834 0.395   -0.452  1.00 42.40 ? 101 HOH A O   1 
HETATM 760 O O   . HOH B 2 .  ? -0.635  -5.899  -2.183  1.00 39.95 ? 102 HOH A O   1 
HETATM 761 O O   . HOH B 2 .  ? -15.012 0.933   5.394   1.00 34.58 ? 103 HOH A O   1 
HETATM 762 O O   . HOH B 2 .  ? 15.627  9.343   -5.780  1.00 49.03 ? 104 HOH A O   1 
HETATM 763 O O   . HOH B 2 .  ? 11.223  -1.100  3.517   1.00 34.84 ? 105 HOH A O   1 
HETATM 764 O O   . HOH B 2 .  ? -6.026  7.647   -6.018  1.00 40.63 ? 106 HOH A O   1 
HETATM 765 O O   . HOH B 2 .  ? -2.640  -11.101 4.976   1.00 30.30 ? 107 HOH A O   1 
HETATM 766 O O   . HOH B 2 .  ? -2.211  -12.528 2.716   1.00 32.92 ? 108 HOH A O   1 
HETATM 767 O O   . HOH B 2 .  ? 6.712   3.344   10.127  1.00 34.32 ? 109 HOH A O   1 
HETATM 768 O O   . HOH B 2 .  ? 3.731   -14.753 -16.086 1.00 47.14 ? 110 HOH A O   1 
HETATM 769 O O   . HOH B 2 .  ? -17.951 -3.175  10.529  1.00 39.34 ? 111 HOH A O   1 
HETATM 770 O O   . HOH B 2 .  ? -7.474  -9.048  -0.484  0.50 34.31 ? 112 HOH A O   1 
HETATM 771 O O   . HOH B 2 .  ? 13.548  -2.102  4.201   1.00 37.07 ? 113 HOH A O   1 
HETATM 772 O O   . HOH B 2 .  ? 7.671   -2.659  4.801   1.00 26.77 ? 114 HOH A O   1 
HETATM 773 O O   . HOH B 2 .  ? -0.697  -10.979 -0.185  1.00 36.49 ? 115 HOH A O   1 
HETATM 774 O O   . HOH B 2 .  ? 5.040   -3.699  0.115   1.00 30.63 ? 116 HOH A O   1 
HETATM 775 O O   . HOH B 2 .  ? 4.124   12.902  0.290   1.00 41.47 ? 117 HOH A O   1 
HETATM 776 O O   . HOH B 2 .  ? -3.025  11.310  5.291   1.00 49.51 ? 118 HOH A O   1 
HETATM 777 O O   . HOH B 2 .  ? 1.914   14.054  -0.256  1.00 38.22 ? 119 HOH A O   1 
HETATM 778 O O   . HOH B 2 .  ? 0.223   -8.236  -1.218  1.00 36.52 ? 120 HOH A O   1 
HETATM 779 O O   . HOH B 2 .  ? -18.313 1.288   6.581   1.00 37.46 ? 121 HOH A O   1 
HETATM 780 O O   . HOH B 2 .  ? -15.834 3.897   9.203   1.00 51.30 ? 122 HOH A O   1 
HETATM 781 O O   . HOH B 2 .  ? 17.346  2.074   -8.901  1.00 48.53 ? 123 HOH A O   1 
HETATM 782 O O   . HOH B 2 .  ? 1.799   16.408  -0.754  0.50 42.41 ? 124 HOH A O   1 
HETATM 783 O O   . HOH B 2 .  ? 5.227   12.296  4.023   1.00 47.43 ? 125 HOH A O   1 
HETATM 784 O O   . HOH B 2 .  ? 8.058   12.256  1.855   0.50 50.29 ? 126 HOH A O   1 
# 
loop_
_pdbx_poly_seq_scheme.asym_id 
_pdbx_poly_seq_scheme.entity_id 
_pdbx_poly_seq_scheme.seq_id 
_pdbx_poly_seq_scheme.mon_id 
_pdbx_poly_seq_scheme.ndb_seq_num 
_pdbx_poly_seq_scheme.pdb_seq_num 
_pdbx_poly_seq_scheme.auth_seq_num 
_pdbx_poly_seq_scheme.pdb_mon_id 
_pdbx_poly_seq_scheme.auth_mon_id 
_pdbx_poly_seq_scheme.pdb_strand_id 
_pdbx_poly_seq_scheme.pdb_ins_code 
_pdbx_poly_seq_scheme.hetero 
A 1 1  PRO 1  1  1  PRO PRO A . n 
A 1 2  GLN 2  2  2  GLN GLN A . n 
A 1 3  ILE 3  3  3  ILE ILE A . n 
A 1 4  THR 4  4  4  THR THR A . n 
A 1 5  LEU 5  5  5  LEU LEU A . n 
A 1 6  TRP 6  6  6  TRP TRP A . n 
A 1 7  GLN 7  7  7  GLN GLN A . n 
A 1 8  ARG 8  8  8  ARG ARG A . n 
A 1 9  PRO 9  9  9  PRO PRO A . n 
A 1 10 ILE 10 10 10 ILE ILE A . n 
A 1 11 VAL 11 11 11 VAL VAL A . n 
A 1 12 THR 12 12 12 THR THR A . n 
A 1 13 ILE 13 13 13 ILE ILE A . n 
A 1 14 LYS 14 14 14 LYS LYS A . n 
A 1 15 VAL 15 15 15 VAL VAL A . n 
A 1 16 GLY 16 16 16 GLY GLY A . n 
A 1 17 GLY 17 17 17 GLY GLY A . n 
A 1 18 GLN 18 18 18 GLN GLN A . n 
A 1 19 LEU 19 19 19 LEU LEU A . n 
A 1 20 ARG 20 20 20 ARG ARG A . n 
A 1 21 GLU 21 21 21 GLU GLU A . n 
A 1 22 ALA 22 22 22 ALA ALA A . n 
A 1 23 LEU 23 23 23 LEU LEU A . n 
A 1 24 ILE 24 24 24 ILE ILE A . n 
A 1 25 ASP 25 25 25 ASP ASP A . n 
A 1 26 THR 26 26 26 THR THR A . n 
A 1 27 GLY 27 27 27 GLY GLY A . n 
A 1 28 ALA 28 28 28 ALA ALA A . n 
A 1 29 ASP 29 29 29 ASP ASP A . n 
A 1 30 ASP 30 30 30 ASP ASP A . n 
A 1 31 THR 31 31 31 THR THR A . n 
A 1 32 ILE 32 32 32 ILE ILE A . n 
A 1 33 LEU 33 33 33 LEU LEU A . n 
A 1 34 GLU 34 34 34 GLU GLU A . n 
A 1 35 GLU 35 35 35 GLU GLU A . n 
A 1 36 ILE 36 36 36 ILE ILE A . n 
A 1 37 ASN 37 37 37 ASN ASN A . n 
A 1 38 LEU 38 38 38 LEU LEU A . n 
A 1 39 PRO 39 39 39 PRO PRO A . n 
A 1 40 GLY 40 40 40 GLY GLY A . n 
A 1 41 ARG 41 41 41 ARG ARG A . n 
A 1 42 TRP 42 42 42 TRP TRP A . n 
A 1 43 LYS 43 43 43 LYS LYS A . n 
A 1 44 PRO 44 44 44 PRO PRO A . n 
A 1 45 LYS 45 45 45 LYS LYS A . n 
A 1 46 LEU 46 46 46 LEU LEU A . n 
A 1 47 ILE 47 47 47 ILE ILE A . n 
A 1 48 GLY 48 48 48 GLY GLY A . n 
A 1 49 GLY 49 49 49 GLY GLY A . n 
A 1 50 ILE 50 50 50 ILE ILE A . n 
A 1 51 GLY 51 51 51 GLY GLY A . n 
A 1 52 GLY 52 52 52 GLY GLY A . n 
A 1 53 PHE 53 53 53 PHE PHE A . n 
A 1 54 ILE 54 54 54 ILE ILE A . n 
A 1 55 LYS 55 55 55 LYS LYS A . n 
A 1 56 VAL 56 56 56 VAL VAL A . n 
A 1 57 ARG 57 57 57 ARG ARG A . n 
A 1 58 GLN 58 58 58 GLN GLN A . n 
A 1 59 TYR 59 59 59 TYR TYR A . n 
A 1 60 ASP 60 60 60 ASP ASP A . n 
A 1 61 GLN 61 61 61 GLN GLN A . n 
A 1 62 ILE 62 62 62 ILE ILE A . n 
A 1 63 PRO 63 63 63 PRO PRO A . n 
A 1 64 ILE 64 64 64 ILE ILE A . n 
A 1 65 GLU 65 65 65 GLU GLU A . n 
A 1 66 ILE 66 66 66 ILE ILE A . n 
A 1 67 CYS 67 67 67 CYS CYS A . n 
A 1 68 GLY 68 68 68 GLY GLY A . n 
A 1 69 HIS 69 69 69 HIS HIS A . n 
A 1 70 GLN 70 70 70 GLN GLN A . n 
A 1 71 ALA 71 71 71 ALA ALA A . n 
A 1 72 ILE 72 72 72 ILE ILE A . n 
A 1 73 GLY 73 73 73 GLY GLY A . n 
A 1 74 THR 74 74 74 THR THR A . n 
A 1 75 VAL 75 75 75 VAL VAL A . n 
A 1 76 LEU 76 76 76 LEU LEU A . n 
A 1 77 VAL 77 77 77 VAL VAL A . n 
A 1 78 GLY 78 78 78 GLY GLY A . n 
A 1 79 PRO 79 79 79 PRO PRO A . n 
A 1 80 THR 80 80 80 THR THR A . n 
A 1 81 PRO 81 81 81 PRO PRO A . n 
A 1 82 ALA 82 82 82 ALA ALA A . n 
A 1 83 ASN 83 83 83 ASN ASN A . n 
A 1 84 VAL 84 84 84 VAL VAL A . n 
A 1 85 ILE 85 85 85 ILE ILE A . n 
A 1 86 GLY 86 86 86 GLY GLY A . n 
A 1 87 ARG 87 87 87 ARG ARG A . n 
A 1 88 ASN 88 88 88 ASN ASN A . n 
A 1 89 MET 89 89 89 MET MET A . n 
A 1 90 LEU 90 90 90 LEU LEU A . n 
A 1 91 THR 91 91 91 THR THR A . n 
A 1 92 GLN 92 92 92 GLN GLN A . n 
A 1 93 ILE 93 93 93 ILE ILE A . n 
A 1 94 GLY 94 94 94 GLY GLY A . n 
A 1 95 CYS 95 95 95 CYS CYS A . n 
A 1 96 THR 96 96 96 THR THR A . n 
A 1 97 LEU 97 97 97 LEU LEU A . n 
A 1 98 ASN 98 98 98 ASN ASN A . n 
A 1 99 PHE 99 99 99 PHE PHE A . n 
# 
loop_
_pdbx_nonpoly_scheme.asym_id 
_pdbx_nonpoly_scheme.entity_id 
_pdbx_nonpoly_scheme.mon_id 
_pdbx_nonpoly_scheme.ndb_seq_num 
_pdbx_nonpoly_scheme.pdb_seq_num 
_pdbx_nonpoly_scheme.auth_seq_num 
_pdbx_nonpoly_scheme.pdb_mon_id 
_pdbx_nonpoly_scheme.auth_mon_id 
_pdbx_nonpoly_scheme.pdb_strand_id 
_pdbx_nonpoly_scheme.pdb_ins_code 
B 2 HOH 1  101 17 HOH HOH A . 
B 2 HOH 2  102 10 HOH HOH A . 
B 2 HOH 3  103 9  HOH HOH A . 
B 2 HOH 4  104 13 HOH HOH A . 
B 2 HOH 5  105 7  HOH HOH A . 
B 2 HOH 6  106 16 HOH HOH A . 
B 2 HOH 7  107 3  HOH HOH A . 
B 2 HOH 8  108 20 HOH HOH A . 
B 2 HOH 9  109 4  HOH HOH A . 
B 2 HOH 10 110 22 HOH HOH A . 
B 2 HOH 11 111 28 HOH HOH A . 
B 2 HOH 12 112 2  HOH HOH A . 
B 2 HOH 13 113 24 HOH HOH A . 
B 2 HOH 14 114 5  HOH HOH A . 
B 2 HOH 15 115 8  HOH HOH A . 
B 2 HOH 16 116 1  HOH HOH A . 
B 2 HOH 17 117 11 HOH HOH A . 
B 2 HOH 18 118 30 HOH HOH A . 
B 2 HOH 19 119 15 HOH HOH A . 
B 2 HOH 20 120 19 HOH HOH A . 
B 2 HOH 21 121 14 HOH HOH A . 
B 2 HOH 22 122 29 HOH HOH A . 
B 2 HOH 23 123 27 HOH HOH A . 
B 2 HOH 24 124 26 HOH HOH A . 
B 2 HOH 25 125 25 HOH HOH A . 
B 2 HOH 26 126 23 HOH HOH A . 
# 
_pdbx_struct_assembly.id                   1 
_pdbx_struct_assembly.details              author_and_software_defined_assembly 
_pdbx_struct_assembly.method_details       PISA 
_pdbx_struct_assembly.oligomeric_details   dimeric 
_pdbx_struct_assembly.oligomeric_count     2 
# 
_pdbx_struct_assembly_gen.assembly_id       1 
_pdbx_struct_assembly_gen.oper_expression   1,2 
_pdbx_struct_assembly_gen.asym_id_list      A,B 
# 
loop_
_pdbx_struct_assembly_prop.biol_id 
_pdbx_struct_assembly_prop.type 
_pdbx_struct_assembly_prop.value 
_pdbx_struct_assembly_prop.details 
1 'ABSA (A^2)' 3060  ? 
1 MORE         -16   ? 
1 'SSA (A^2)'  10360 ? 
# 
loop_
_pdbx_struct_oper_list.id 
_pdbx_struct_oper_list.type 
_pdbx_struct_oper_list.name 
_pdbx_struct_oper_list.symmetry_operation 
_pdbx_struct_oper_list.matrix[1][1] 
_pdbx_struct_oper_list.matrix[1][2] 
_pdbx_struct_oper_list.matrix[1][3] 
_pdbx_struct_oper_list.vector[1] 
_pdbx_struct_oper_list.matrix[2][1] 
_pdbx_struct_oper_list.matrix[2][2] 
_pdbx_struct_oper_list.matrix[2][3] 
_pdbx_struct_oper_list.vector[2] 
_pdbx_struct_oper_list.matrix[3][1] 
_pdbx_struct_oper_list.matrix[3][2] 
_pdbx_struct_oper_list.matrix[3][3] 
_pdbx_struct_oper_list.vector[3] 
1 'identity operation'         1_555 x,y,z  1.0000000000  0.0000000000  0.0000000000  0.0000000000   0.0000000000  1.0000000000  0.0000000000 0.0000000000   0.0000000000  0.0000000000 1.0000000000 0.0000000000 
2 'crystal symmetry operation' 7_555 y,x,-z -0.9632679097 -0.1009956596 -0.2488268693 -15.7071675769 -0.1009956596 -0.7223102968 0.6841547426 -16.0064486340 -0.2488268693 0.6841547426 0.6855782065 4.1781048094 
# 
loop_
_pdbx_struct_special_symmetry.id 
_pdbx_struct_special_symmetry.PDB_model_num 
_pdbx_struct_special_symmetry.auth_asym_id 
_pdbx_struct_special_symmetry.auth_comp_id 
_pdbx_struct_special_symmetry.auth_seq_id 
_pdbx_struct_special_symmetry.PDB_ins_code 
_pdbx_struct_special_symmetry.label_asym_id 
_pdbx_struct_special_symmetry.label_comp_id 
_pdbx_struct_special_symmetry.label_seq_id 
1 1 A ILE 50  ? A ILE 50 
2 1 A HOH 112 ? B HOH .  
3 1 A HOH 124 ? B HOH .  
4 1 A HOH 126 ? B HOH .  
# 
loop_
_pdbx_audit_revision_history.ordinal 
_pdbx_audit_revision_history.data_content_type 
_pdbx_audit_revision_history.major_revision 
_pdbx_audit_revision_history.minor_revision 
_pdbx_audit_revision_history.revision_date 
1 'Structure model' 1 0 2020-04-08 
2 'Structure model' 1 1 2023-10-11 
# 
_pdbx_audit_revision_details.ordinal             1 
_pdbx_audit_revision_details.revision_ordinal    1 
_pdbx_audit_revision_details.data_content_type   'Structure model' 
_pdbx_audit_revision_details.provider            repository 
_pdbx_audit_revision_details.type                'Initial release' 
_pdbx_audit_revision_details.description         ? 
_pdbx_audit_revision_details.details             ? 
# 
loop_
_pdbx_audit_revision_group.ordinal 
_pdbx_audit_revision_group.revision_ordinal 
_pdbx_audit_revision_group.data_content_type 
_pdbx_audit_revision_group.group 
1 2 'Structure model' 'Data collection'        
2 2 'Structure model' 'Database references'    
3 2 'Structure model' 'Refinement description' 
# 
loop_
_pdbx_audit_revision_category.ordinal 
_pdbx_audit_revision_category.revision_ordinal 
_pdbx_audit_revision_category.data_content_type 
_pdbx_audit_revision_category.category 
1 2 'Structure model' chem_comp_atom                
2 2 'Structure model' chem_comp_bond                
3 2 'Structure model' database_2                    
4 2 'Structure model' pdbx_initial_refinement_model 
# 
loop_
_pdbx_audit_revision_item.ordinal 
_pdbx_audit_revision_item.revision_ordinal 
_pdbx_audit_revision_item.data_content_type 
_pdbx_audit_revision_item.item 
1 2 'Structure model' '_database_2.pdbx_DOI'                
2 2 'Structure model' '_database_2.pdbx_database_accession' 
# 
loop_
_software.citation_id 
_software.classification 
_software.compiler_name 
_software.compiler_version 
_software.contact_author 
_software.contact_author_email 
_software.date 
_software.description 
_software.dependencies 
_software.hardware 
_software.language 
_software.location 
_software.mods 
_software.name 
_software.os 
_software.os_version 
_software.type 
_software.version 
_software.pdbx_ordinal 
? refinement       ? ? ? ? ? ? ? ? ? ? ? REFMAC ? ? ? 5.8.0238 1 
? 'data reduction' ? ? ? ? ? ? ? ? ? ? ? xia2   ? ? ? .        2 
? 'data scaling'   ? ? ? ? ? ? ? ? ? ? ? xia2   ? ? ? .        3 
? phasing          ? ? ? ? ? ? ? ? ? ? ? MOLREP ? ? ? .        4 
# 
_pdbx_validate_rmsd_angle.id                         1 
_pdbx_validate_rmsd_angle.PDB_model_num              1 
_pdbx_validate_rmsd_angle.auth_atom_id_1             NE 
_pdbx_validate_rmsd_angle.auth_asym_id_1             A 
_pdbx_validate_rmsd_angle.auth_comp_id_1             ARG 
_pdbx_validate_rmsd_angle.auth_seq_id_1              87 
_pdbx_validate_rmsd_angle.PDB_ins_code_1             ? 
_pdbx_validate_rmsd_angle.label_alt_id_1             ? 
_pdbx_validate_rmsd_angle.auth_atom_id_2             CZ 
_pdbx_validate_rmsd_angle.auth_asym_id_2             A 
_pdbx_validate_rmsd_angle.auth_comp_id_2             ARG 
_pdbx_validate_rmsd_angle.auth_seq_id_2              87 
_pdbx_validate_rmsd_angle.PDB_ins_code_2             ? 
_pdbx_validate_rmsd_angle.label_alt_id_2             ? 
_pdbx_validate_rmsd_angle.auth_atom_id_3             NH1 
_pdbx_validate_rmsd_angle.auth_asym_id_3             A 
_pdbx_validate_rmsd_angle.auth_comp_id_3             ARG 
_pdbx_validate_rmsd_angle.auth_seq_id_3              87 
_pdbx_validate_rmsd_angle.PDB_ins_code_3             ? 
_pdbx_validate_rmsd_angle.label_alt_id_3             ? 
_pdbx_validate_rmsd_angle.angle_value                124.52 
_pdbx_validate_rmsd_angle.angle_target_value         120.30 
_pdbx_validate_rmsd_angle.angle_deviation            4.22 
_pdbx_validate_rmsd_angle.angle_standard_deviation   0.50 
_pdbx_validate_rmsd_angle.linker_flag                N 
# 
loop_
_pdbx_validate_torsion.id 
_pdbx_validate_torsion.PDB_model_num 
_pdbx_validate_torsion.auth_comp_id 
_pdbx_validate_torsion.auth_asym_id 
_pdbx_validate_torsion.auth_seq_id 
_pdbx_validate_torsion.PDB_ins_code 
_pdbx_validate_torsion.label_alt_id 
_pdbx_validate_torsion.phi 
_pdbx_validate_torsion.psi 
1 1 ILE A 50 ? ? -61.85 94.34 
2 1 CYS A 67 ? ? 38.81  47.18 
3 1 PRO A 81 ? ? -59.16 -8.34 
# 
loop_
_chem_comp_atom.comp_id 
_chem_comp_atom.atom_id 
_chem_comp_atom.type_symbol 
_chem_comp_atom.pdbx_aromatic_flag 
_chem_comp_atom.pdbx_stereo_config 
_chem_comp_atom.pdbx_ordinal 
ALA N    N N N 1   
ALA CA   C N S 2   
ALA C    C N N 3   
ALA O    O N N 4   
ALA CB   C N N 5   
ALA OXT  O N N 6   
ALA H    H N N 7   
ALA H2   H N N 8   
ALA HA   H N N 9   
ALA HB1  H N N 10  
ALA HB2  H N N 11  
ALA HB3  H N N 12  
ALA HXT  H N N 13  
ARG N    N N N 14  
ARG CA   C N S 15  
ARG C    C N N 16  
ARG O    O N N 17  
ARG CB   C N N 18  
ARG CG   C N N 19  
ARG CD   C N N 20  
ARG NE   N N N 21  
ARG CZ   C N N 22  
ARG NH1  N N N 23  
ARG NH2  N N N 24  
ARG OXT  O N N 25  
ARG H    H N N 26  
ARG H2   H N N 27  
ARG HA   H N N 28  
ARG HB2  H N N 29  
ARG HB3  H N N 30  
ARG HG2  H N N 31  
ARG HG3  H N N 32  
ARG HD2  H N N 33  
ARG HD3  H N N 34  
ARG HE   H N N 35  
ARG HH11 H N N 36  
ARG HH12 H N N 37  
ARG HH21 H N N 38  
ARG HH22 H N N 39  
ARG HXT  H N N 40  
ASN N    N N N 41  
ASN CA   C N S 42  
ASN C    C N N 43  
ASN O    O N N 44  
ASN CB   C N N 45  
ASN CG   C N N 46  
ASN OD1  O N N 47  
ASN ND2  N N N 48  
ASN OXT  O N N 49  
ASN H    H N N 50  
ASN H2   H N N 51  
ASN HA   H N N 52  
ASN HB2  H N N 53  
ASN HB3  H N N 54  
ASN HD21 H N N 55  
ASN HD22 H N N 56  
ASN HXT  H N N 57  
ASP N    N N N 58  
ASP CA   C N S 59  
ASP C    C N N 60  
ASP O    O N N 61  
ASP CB   C N N 62  
ASP CG   C N N 63  
ASP OD1  O N N 64  
ASP OD2  O N N 65  
ASP OXT  O N N 66  
ASP H    H N N 67  
ASP H2   H N N 68  
ASP HA   H N N 69  
ASP HB2  H N N 70  
ASP HB3  H N N 71  
ASP HD2  H N N 72  
ASP HXT  H N N 73  
CYS N    N N N 74  
CYS CA   C N R 75  
CYS C    C N N 76  
CYS O    O N N 77  
CYS CB   C N N 78  
CYS SG   S N N 79  
CYS OXT  O N N 80  
CYS H    H N N 81  
CYS H2   H N N 82  
CYS HA   H N N 83  
CYS HB2  H N N 84  
CYS HB3  H N N 85  
CYS HG   H N N 86  
CYS HXT  H N N 87  
GLN N    N N N 88  
GLN CA   C N S 89  
GLN C    C N N 90  
GLN O    O N N 91  
GLN CB   C N N 92  
GLN CG   C N N 93  
GLN CD   C N N 94  
GLN OE1  O N N 95  
GLN NE2  N N N 96  
GLN OXT  O N N 97  
GLN H    H N N 98  
GLN H2   H N N 99  
GLN HA   H N N 100 
GLN HB2  H N N 101 
GLN HB3  H N N 102 
GLN HG2  H N N 103 
GLN HG3  H N N 104 
GLN HE21 H N N 105 
GLN HE22 H N N 106 
GLN HXT  H N N 107 
GLU N    N N N 108 
GLU CA   C N S 109 
GLU C    C N N 110 
GLU O    O N N 111 
GLU CB   C N N 112 
GLU CG   C N N 113 
GLU CD   C N N 114 
GLU OE1  O N N 115 
GLU OE2  O N N 116 
GLU OXT  O N N 117 
GLU H    H N N 118 
GLU H2   H N N 119 
GLU HA   H N N 120 
GLU HB2  H N N 121 
GLU HB3  H N N 122 
GLU HG2  H N N 123 
GLU HG3  H N N 124 
GLU HE2  H N N 125 
GLU HXT  H N N 126 
GLY N    N N N 127 
GLY CA   C N N 128 
GLY C    C N N 129 
GLY O    O N N 130 
GLY OXT  O N N 131 
GLY H    H N N 132 
GLY H2   H N N 133 
GLY HA2  H N N 134 
GLY HA3  H N N 135 
GLY HXT  H N N 136 
HIS N    N N N 137 
HIS CA   C N S 138 
HIS C    C N N 139 
HIS O    O N N 140 
HIS CB   C N N 141 
HIS CG   C Y N 142 
HIS ND1  N Y N 143 
HIS CD2  C Y N 144 
HIS CE1  C Y N 145 
HIS NE2  N Y N 146 
HIS OXT  O N N 147 
HIS H    H N N 148 
HIS H2   H N N 149 
HIS HA   H N N 150 
HIS HB2  H N N 151 
HIS HB3  H N N 152 
HIS HD1  H N N 153 
HIS HD2  H N N 154 
HIS HE1  H N N 155 
HIS HE2  H N N 156 
HIS HXT  H N N 157 
HOH O    O N N 158 
HOH H1   H N N 159 
HOH H2   H N N 160 
ILE N    N N N 161 
ILE CA   C N S 162 
ILE C    C N N 163 
ILE O    O N N 164 
ILE CB   C N S 165 
ILE CG1  C N N 166 
ILE CG2  C N N 167 
ILE CD1  C N N 168 
ILE OXT  O N N 169 
ILE H    H N N 170 
ILE H2   H N N 171 
ILE HA   H N N 172 
ILE HB   H N N 173 
ILE HG12 H N N 174 
ILE HG13 H N N 175 
ILE HG21 H N N 176 
ILE HG22 H N N 177 
ILE HG23 H N N 178 
ILE HD11 H N N 179 
ILE HD12 H N N 180 
ILE HD13 H N N 181 
ILE HXT  H N N 182 
LEU N    N N N 183 
LEU CA   C N S 184 
LEU C    C N N 185 
LEU O    O N N 186 
LEU CB   C N N 187 
LEU CG   C N N 188 
LEU CD1  C N N 189 
LEU CD2  C N N 190 
LEU OXT  O N N 191 
LEU H    H N N 192 
LEU H2   H N N 193 
LEU HA   H N N 194 
LEU HB2  H N N 195 
LEU HB3  H N N 196 
LEU HG   H N N 197 
LEU HD11 H N N 198 
LEU HD12 H N N 199 
LEU HD13 H N N 200 
LEU HD21 H N N 201 
LEU HD22 H N N 202 
LEU HD23 H N N 203 
LEU HXT  H N N 204 
LYS N    N N N 205 
LYS CA   C N S 206 
LYS C    C N N 207 
LYS O    O N N 208 
LYS CB   C N N 209 
LYS CG   C N N 210 
LYS CD   C N N 211 
LYS CE   C N N 212 
LYS NZ   N N N 213 
LYS OXT  O N N 214 
LYS H    H N N 215 
LYS H2   H N N 216 
LYS HA   H N N 217 
LYS HB2  H N N 218 
LYS HB3  H N N 219 
LYS HG2  H N N 220 
LYS HG3  H N N 221 
LYS HD2  H N N 222 
LYS HD3  H N N 223 
LYS HE2  H N N 224 
LYS HE3  H N N 225 
LYS HZ1  H N N 226 
LYS HZ2  H N N 227 
LYS HZ3  H N N 228 
LYS HXT  H N N 229 
MET N    N N N 230 
MET CA   C N S 231 
MET C    C N N 232 
MET O    O N N 233 
MET CB   C N N 234 
MET CG   C N N 235 
MET SD   S N N 236 
MET CE   C N N 237 
MET OXT  O N N 238 
MET H    H N N 239 
MET H2   H N N 240 
MET HA   H N N 241 
MET HB2  H N N 242 
MET HB3  H N N 243 
MET HG2  H N N 244 
MET HG3  H N N 245 
MET HE1  H N N 246 
MET HE2  H N N 247 
MET HE3  H N N 248 
MET HXT  H N N 249 
PHE N    N N N 250 
PHE CA   C N S 251 
PHE C    C N N 252 
PHE O    O N N 253 
PHE CB   C N N 254 
PHE CG   C Y N 255 
PHE CD1  C Y N 256 
PHE CD2  C Y N 257 
PHE CE1  C Y N 258 
PHE CE2  C Y N 259 
PHE CZ   C Y N 260 
PHE OXT  O N N 261 
PHE H    H N N 262 
PHE H2   H N N 263 
PHE HA   H N N 264 
PHE HB2  H N N 265 
PHE HB3  H N N 266 
PHE HD1  H N N 267 
PHE HD2  H N N 268 
PHE HE1  H N N 269 
PHE HE2  H N N 270 
PHE HZ   H N N 271 
PHE HXT  H N N 272 
PRO N    N N N 273 
PRO CA   C N S 274 
PRO C    C N N 275 
PRO O    O N N 276 
PRO CB   C N N 277 
PRO CG   C N N 278 
PRO CD   C N N 279 
PRO OXT  O N N 280 
PRO H    H N N 281 
PRO HA   H N N 282 
PRO HB2  H N N 283 
PRO HB3  H N N 284 
PRO HG2  H N N 285 
PRO HG3  H N N 286 
PRO HD2  H N N 287 
PRO HD3  H N N 288 
PRO HXT  H N N 289 
THR N    N N N 290 
THR CA   C N S 291 
THR C    C N N 292 
THR O    O N N 293 
THR CB   C N R 294 
THR OG1  O N N 295 
THR CG2  C N N 296 
THR OXT  O N N 297 
THR H    H N N 298 
THR H2   H N N 299 
THR HA   H N N 300 
THR HB   H N N 301 
THR HG1  H N N 302 
THR HG21 H N N 303 
THR HG22 H N N 304 
THR HG23 H N N 305 
THR HXT  H N N 306 
TRP N    N N N 307 
TRP CA   C N S 308 
TRP C    C N N 309 
TRP O    O N N 310 
TRP CB   C N N 311 
TRP CG   C Y N 312 
TRP CD1  C Y N 313 
TRP CD2  C Y N 314 
TRP NE1  N Y N 315 
TRP CE2  C Y N 316 
TRP CE3  C Y N 317 
TRP CZ2  C Y N 318 
TRP CZ3  C Y N 319 
TRP CH2  C Y N 320 
TRP OXT  O N N 321 
TRP H    H N N 322 
TRP H2   H N N 323 
TRP HA   H N N 324 
TRP HB2  H N N 325 
TRP HB3  H N N 326 
TRP HD1  H N N 327 
TRP HE1  H N N 328 
TRP HE3  H N N 329 
TRP HZ2  H N N 330 
TRP HZ3  H N N 331 
TRP HH2  H N N 332 
TRP HXT  H N N 333 
TYR N    N N N 334 
TYR CA   C N S 335 
TYR C    C N N 336 
TYR O    O N N 337 
TYR CB   C N N 338 
TYR CG   C Y N 339 
TYR CD1  C Y N 340 
TYR CD2  C Y N 341 
TYR CE1  C Y N 342 
TYR CE2  C Y N 343 
TYR CZ   C Y N 344 
TYR OH   O N N 345 
TYR OXT  O N N 346 
TYR H    H N N 347 
TYR H2   H N N 348 
TYR HA   H N N 349 
TYR HB2  H N N 350 
TYR HB3  H N N 351 
TYR HD1  H N N 352 
TYR HD2  H N N 353 
TYR HE1  H N N 354 
TYR HE2  H N N 355 
TYR HH   H N N 356 
TYR HXT  H N N 357 
VAL N    N N N 358 
VAL CA   C N S 359 
VAL C    C N N 360 
VAL O    O N N 361 
VAL CB   C N N 362 
VAL CG1  C N N 363 
VAL CG2  C N N 364 
VAL OXT  O N N 365 
VAL H    H N N 366 
VAL H2   H N N 367 
VAL HA   H N N 368 
VAL HB   H N N 369 
VAL HG11 H N N 370 
VAL HG12 H N N 371 
VAL HG13 H N N 372 
VAL HG21 H N N 373 
VAL HG22 H N N 374 
VAL HG23 H N N 375 
VAL HXT  H N N 376 
# 
loop_
_chem_comp_bond.comp_id 
_chem_comp_bond.atom_id_1 
_chem_comp_bond.atom_id_2 
_chem_comp_bond.value_order 
_chem_comp_bond.pdbx_aromatic_flag 
_chem_comp_bond.pdbx_stereo_config 
_chem_comp_bond.pdbx_ordinal 
ALA N   CA   sing N N 1   
ALA N   H    sing N N 2   
ALA N   H2   sing N N 3   
ALA CA  C    sing N N 4   
ALA CA  CB   sing N N 5   
ALA CA  HA   sing N N 6   
ALA C   O    doub N N 7   
ALA C   OXT  sing N N 8   
ALA CB  HB1  sing N N 9   
ALA CB  HB2  sing N N 10  
ALA CB  HB3  sing N N 11  
ALA OXT HXT  sing N N 12  
ARG N   CA   sing N N 13  
ARG N   H    sing N N 14  
ARG N   H2   sing N N 15  
ARG CA  C    sing N N 16  
ARG CA  CB   sing N N 17  
ARG CA  HA   sing N N 18  
ARG C   O    doub N N 19  
ARG C   OXT  sing N N 20  
ARG CB  CG   sing N N 21  
ARG CB  HB2  sing N N 22  
ARG CB  HB3  sing N N 23  
ARG CG  CD   sing N N 24  
ARG CG  HG2  sing N N 25  
ARG CG  HG3  sing N N 26  
ARG CD  NE   sing N N 27  
ARG CD  HD2  sing N N 28  
ARG CD  HD3  sing N N 29  
ARG NE  CZ   sing N N 30  
ARG NE  HE   sing N N 31  
ARG CZ  NH1  sing N N 32  
ARG CZ  NH2  doub N N 33  
ARG NH1 HH11 sing N N 34  
ARG NH1 HH12 sing N N 35  
ARG NH2 HH21 sing N N 36  
ARG NH2 HH22 sing N N 37  
ARG OXT HXT  sing N N 38  
ASN N   CA   sing N N 39  
ASN N   H    sing N N 40  
ASN N   H2   sing N N 41  
ASN CA  C    sing N N 42  
ASN CA  CB   sing N N 43  
ASN CA  HA   sing N N 44  
ASN C   O    doub N N 45  
ASN C   OXT  sing N N 46  
ASN CB  CG   sing N N 47  
ASN CB  HB2  sing N N 48  
ASN CB  HB3  sing N N 49  
ASN CG  OD1  doub N N 50  
ASN CG  ND2  sing N N 51  
ASN ND2 HD21 sing N N 52  
ASN ND2 HD22 sing N N 53  
ASN OXT HXT  sing N N 54  
ASP N   CA   sing N N 55  
ASP N   H    sing N N 56  
ASP N   H2   sing N N 57  
ASP CA  C    sing N N 58  
ASP CA  CB   sing N N 59  
ASP CA  HA   sing N N 60  
ASP C   O    doub N N 61  
ASP C   OXT  sing N N 62  
ASP CB  CG   sing N N 63  
ASP CB  HB2  sing N N 64  
ASP CB  HB3  sing N N 65  
ASP CG  OD1  doub N N 66  
ASP CG  OD2  sing N N 67  
ASP OD2 HD2  sing N N 68  
ASP OXT HXT  sing N N 69  
CYS N   CA   sing N N 70  
CYS N   H    sing N N 71  
CYS N   H2   sing N N 72  
CYS CA  C    sing N N 73  
CYS CA  CB   sing N N 74  
CYS CA  HA   sing N N 75  
CYS C   O    doub N N 76  
CYS C   OXT  sing N N 77  
CYS CB  SG   sing N N 78  
CYS CB  HB2  sing N N 79  
CYS CB  HB3  sing N N 80  
CYS SG  HG   sing N N 81  
CYS OXT HXT  sing N N 82  
GLN N   CA   sing N N 83  
GLN N   H    sing N N 84  
GLN N   H2   sing N N 85  
GLN CA  C    sing N N 86  
GLN CA  CB   sing N N 87  
GLN CA  HA   sing N N 88  
GLN C   O    doub N N 89  
GLN C   OXT  sing N N 90  
GLN CB  CG   sing N N 91  
GLN CB  HB2  sing N N 92  
GLN CB  HB3  sing N N 93  
GLN CG  CD   sing N N 94  
GLN CG  HG2  sing N N 95  
GLN CG  HG3  sing N N 96  
GLN CD  OE1  doub N N 97  
GLN CD  NE2  sing N N 98  
GLN NE2 HE21 sing N N 99  
GLN NE2 HE22 sing N N 100 
GLN OXT HXT  sing N N 101 
GLU N   CA   sing N N 102 
GLU N   H    sing N N 103 
GLU N   H2   sing N N 104 
GLU CA  C    sing N N 105 
GLU CA  CB   sing N N 106 
GLU CA  HA   sing N N 107 
GLU C   O    doub N N 108 
GLU C   OXT  sing N N 109 
GLU CB  CG   sing N N 110 
GLU CB  HB2  sing N N 111 
GLU CB  HB3  sing N N 112 
GLU CG  CD   sing N N 113 
GLU CG  HG2  sing N N 114 
GLU CG  HG3  sing N N 115 
GLU CD  OE1  doub N N 116 
GLU CD  OE2  sing N N 117 
GLU OE2 HE2  sing N N 118 
GLU OXT HXT  sing N N 119 
GLY N   CA   sing N N 120 
GLY N   H    sing N N 121 
GLY N   H2   sing N N 122 
GLY CA  C    sing N N 123 
GLY CA  HA2  sing N N 124 
GLY CA  HA3  sing N N 125 
GLY C   O    doub N N 126 
GLY C   OXT  sing N N 127 
GLY OXT HXT  sing N N 128 
HIS N   CA   sing N N 129 
HIS N   H    sing N N 130 
HIS N   H2   sing N N 131 
HIS CA  C    sing N N 132 
HIS CA  CB   sing N N 133 
HIS CA  HA   sing N N 134 
HIS C   O    doub N N 135 
HIS C   OXT  sing N N 136 
HIS CB  CG   sing N N 137 
HIS CB  HB2  sing N N 138 
HIS CB  HB3  sing N N 139 
HIS CG  ND1  sing Y N 140 
HIS CG  CD2  doub Y N 141 
HIS ND1 CE1  doub Y N 142 
HIS ND1 HD1  sing N N 143 
HIS CD2 NE2  sing Y N 144 
HIS CD2 HD2  sing N N 145 
HIS CE1 NE2  sing Y N 146 
HIS CE1 HE1  sing N N 147 
HIS NE2 HE2  sing N N 148 
HIS OXT HXT  sing N N 149 
HOH O   H1   sing N N 150 
HOH O   H2   sing N N 151 
ILE N   CA   sing N N 152 
ILE N   H    sing N N 153 
ILE N   H2   sing N N 154 
ILE CA  C    sing N N 155 
ILE CA  CB   sing N N 156 
ILE CA  HA   sing N N 157 
ILE C   O    doub N N 158 
ILE C   OXT  sing N N 159 
ILE CB  CG1  sing N N 160 
ILE CB  CG2  sing N N 161 
ILE CB  HB   sing N N 162 
ILE CG1 CD1  sing N N 163 
ILE CG1 HG12 sing N N 164 
ILE CG1 HG13 sing N N 165 
ILE CG2 HG21 sing N N 166 
ILE CG2 HG22 sing N N 167 
ILE CG2 HG23 sing N N 168 
ILE CD1 HD11 sing N N 169 
ILE CD1 HD12 sing N N 170 
ILE CD1 HD13 sing N N 171 
ILE OXT HXT  sing N N 172 
LEU N   CA   sing N N 173 
LEU N   H    sing N N 174 
LEU N   H2   sing N N 175 
LEU CA  C    sing N N 176 
LEU CA  CB   sing N N 177 
LEU CA  HA   sing N N 178 
LEU C   O    doub N N 179 
LEU C   OXT  sing N N 180 
LEU CB  CG   sing N N 181 
LEU CB  HB2  sing N N 182 
LEU CB  HB3  sing N N 183 
LEU CG  CD1  sing N N 184 
LEU CG  CD2  sing N N 185 
LEU CG  HG   sing N N 186 
LEU CD1 HD11 sing N N 187 
LEU CD1 HD12 sing N N 188 
LEU CD1 HD13 sing N N 189 
LEU CD2 HD21 sing N N 190 
LEU CD2 HD22 sing N N 191 
LEU CD2 HD23 sing N N 192 
LEU OXT HXT  sing N N 193 
LYS N   CA   sing N N 194 
LYS N   H    sing N N 195 
LYS N   H2   sing N N 196 
LYS CA  C    sing N N 197 
LYS CA  CB   sing N N 198 
LYS CA  HA   sing N N 199 
LYS C   O    doub N N 200 
LYS C   OXT  sing N N 201 
LYS CB  CG   sing N N 202 
LYS CB  HB2  sing N N 203 
LYS CB  HB3  sing N N 204 
LYS CG  CD   sing N N 205 
LYS CG  HG2  sing N N 206 
LYS CG  HG3  sing N N 207 
LYS CD  CE   sing N N 208 
LYS CD  HD2  sing N N 209 
LYS CD  HD3  sing N N 210 
LYS CE  NZ   sing N N 211 
LYS CE  HE2  sing N N 212 
LYS CE  HE3  sing N N 213 
LYS NZ  HZ1  sing N N 214 
LYS NZ  HZ2  sing N N 215 
LYS NZ  HZ3  sing N N 216 
LYS OXT HXT  sing N N 217 
MET N   CA   sing N N 218 
MET N   H    sing N N 219 
MET N   H2   sing N N 220 
MET CA  C    sing N N 221 
MET CA  CB   sing N N 222 
MET CA  HA   sing N N 223 
MET C   O    doub N N 224 
MET C   OXT  sing N N 225 
MET CB  CG   sing N N 226 
MET CB  HB2  sing N N 227 
MET CB  HB3  sing N N 228 
MET CG  SD   sing N N 229 
MET CG  HG2  sing N N 230 
MET CG  HG3  sing N N 231 
MET SD  CE   sing N N 232 
MET CE  HE1  sing N N 233 
MET CE  HE2  sing N N 234 
MET CE  HE3  sing N N 235 
MET OXT HXT  sing N N 236 
PHE N   CA   sing N N 237 
PHE N   H    sing N N 238 
PHE N   H2   sing N N 239 
PHE CA  C    sing N N 240 
PHE CA  CB   sing N N 241 
PHE CA  HA   sing N N 242 
PHE C   O    doub N N 243 
PHE C   OXT  sing N N 244 
PHE CB  CG   sing N N 245 
PHE CB  HB2  sing N N 246 
PHE CB  HB3  sing N N 247 
PHE CG  CD1  doub Y N 248 
PHE CG  CD2  sing Y N 249 
PHE CD1 CE1  sing Y N 250 
PHE CD1 HD1  sing N N 251 
PHE CD2 CE2  doub Y N 252 
PHE CD2 HD2  sing N N 253 
PHE CE1 CZ   doub Y N 254 
PHE CE1 HE1  sing N N 255 
PHE CE2 CZ   sing Y N 256 
PHE CE2 HE2  sing N N 257 
PHE CZ  HZ   sing N N 258 
PHE OXT HXT  sing N N 259 
PRO N   CA   sing N N 260 
PRO N   CD   sing N N 261 
PRO N   H    sing N N 262 
PRO CA  C    sing N N 263 
PRO CA  CB   sing N N 264 
PRO CA  HA   sing N N 265 
PRO C   O    doub N N 266 
PRO C   OXT  sing N N 267 
PRO CB  CG   sing N N 268 
PRO CB  HB2  sing N N 269 
PRO CB  HB3  sing N N 270 
PRO CG  CD   sing N N 271 
PRO CG  HG2  sing N N 272 
PRO CG  HG3  sing N N 273 
PRO CD  HD2  sing N N 274 
PRO CD  HD3  sing N N 275 
PRO OXT HXT  sing N N 276 
THR N   CA   sing N N 277 
THR N   H    sing N N 278 
THR N   H2   sing N N 279 
THR CA  C    sing N N 280 
THR CA  CB   sing N N 281 
THR CA  HA   sing N N 282 
THR C   O    doub N N 283 
THR C   OXT  sing N N 284 
THR CB  OG1  sing N N 285 
THR CB  CG2  sing N N 286 
THR CB  HB   sing N N 287 
THR OG1 HG1  sing N N 288 
THR CG2 HG21 sing N N 289 
THR CG2 HG22 sing N N 290 
THR CG2 HG23 sing N N 291 
THR OXT HXT  sing N N 292 
TRP N   CA   sing N N 293 
TRP N   H    sing N N 294 
TRP N   H2   sing N N 295 
TRP CA  C    sing N N 296 
TRP CA  CB   sing N N 297 
TRP CA  HA   sing N N 298 
TRP C   O    doub N N 299 
TRP C   OXT  sing N N 300 
TRP CB  CG   sing N N 301 
TRP CB  HB2  sing N N 302 
TRP CB  HB3  sing N N 303 
TRP CG  CD1  doub Y N 304 
TRP CG  CD2  sing Y N 305 
TRP CD1 NE1  sing Y N 306 
TRP CD1 HD1  sing N N 307 
TRP CD2 CE2  doub Y N 308 
TRP CD2 CE3  sing Y N 309 
TRP NE1 CE2  sing Y N 310 
TRP NE1 HE1  sing N N 311 
TRP CE2 CZ2  sing Y N 312 
TRP CE3 CZ3  doub Y N 313 
TRP CE3 HE3  sing N N 314 
TRP CZ2 CH2  doub Y N 315 
TRP CZ2 HZ2  sing N N 316 
TRP CZ3 CH2  sing Y N 317 
TRP CZ3 HZ3  sing N N 318 
TRP CH2 HH2  sing N N 319 
TRP OXT HXT  sing N N 320 
TYR N   CA   sing N N 321 
TYR N   H    sing N N 322 
TYR N   H2   sing N N 323 
TYR CA  C    sing N N 324 
TYR CA  CB   sing N N 325 
TYR CA  HA   sing N N 326 
TYR C   O    doub N N 327 
TYR C   OXT  sing N N 328 
TYR CB  CG   sing N N 329 
TYR CB  HB2  sing N N 330 
TYR CB  HB3  sing N N 331 
TYR CG  CD1  doub Y N 332 
TYR CG  CD2  sing Y N 333 
TYR CD1 CE1  sing Y N 334 
TYR CD1 HD1  sing N N 335 
TYR CD2 CE2  doub Y N 336 
TYR CD2 HD2  sing N N 337 
TYR CE1 CZ   doub Y N 338 
TYR CE1 HE1  sing N N 339 
TYR CE2 CZ   sing Y N 340 
TYR CE2 HE2  sing N N 341 
TYR CZ  OH   sing N N 342 
TYR OH  HH   sing N N 343 
TYR OXT HXT  sing N N 344 
VAL N   CA   sing N N 345 
VAL N   H    sing N N 346 
VAL N   H2   sing N N 347 
VAL CA  C    sing N N 348 
VAL CA  CB   sing N N 349 
VAL CA  HA   sing N N 350 
VAL C   O    doub N N 351 
VAL C   OXT  sing N N 352 
VAL CB  CG1  sing N N 353 
VAL CB  CG2  sing N N 354 
VAL CB  HB   sing N N 355 
VAL CG1 HG11 sing N N 356 
VAL CG1 HG12 sing N N 357 
VAL CG1 HG13 sing N N 358 
VAL CG2 HG21 sing N N 359 
VAL CG2 HG22 sing N N 360 
VAL CG2 HG23 sing N N 361 
VAL OXT HXT  sing N N 362 
# 
_pdbx_audit_support.funding_organization   'National Institutes of Health/National Cancer Institute (NIH/NCI)' 
_pdbx_audit_support.country                'United States' 
_pdbx_audit_support.grant_number           ? 
_pdbx_audit_support.ordinal                1 
# 
_pdbx_entity_nonpoly.entity_id   2 
_pdbx_entity_nonpoly.name        water 
_pdbx_entity_nonpoly.comp_id     HOH 
# 
_pdbx_initial_refinement_model.id               1 
_pdbx_initial_refinement_model.entity_id_list   ? 
_pdbx_initial_refinement_model.type             'experimental model' 
_pdbx_initial_refinement_model.source_name      PDB 
_pdbx_initial_refinement_model.accession_code   5TYR 
_pdbx_initial_refinement_model.details          ? 
# 
_pdbx_struct_assembly_auth_evidence.id                     1 
_pdbx_struct_assembly_auth_evidence.assembly_id            1 
_pdbx_struct_assembly_auth_evidence.experimental_support   'gel filtration' 
_pdbx_struct_assembly_auth_evidence.details                ? 
# 
